data_6K3M
# 
_entry.id   6K3M 
# 
_audit_conform.dict_name       mmcif_pdbx.dic 
_audit_conform.dict_version    5.380 
_audit_conform.dict_location   http://mmcif.pdb.org/dictionaries/ascii/mmcif_pdbx.dic 
# 
loop_
_database_2.database_id 
_database_2.database_code 
_database_2.pdbx_database_accession 
_database_2.pdbx_DOI 
PDB   6K3M         pdb_00006k3m 10.2210/pdb6k3m/pdb 
WWPDB D_1300012237 ?            ?                   
# 
_pdbx_database_status.status_code                     REL 
_pdbx_database_status.status_code_sf                  REL 
_pdbx_database_status.status_code_mr                  ? 
_pdbx_database_status.entry_id                        6K3M 
_pdbx_database_status.recvd_initial_deposition_date   2019-05-20 
_pdbx_database_status.SG_entry                        N 
_pdbx_database_status.deposit_site                    PDBJ 
_pdbx_database_status.process_site                    PDBJ 
_pdbx_database_status.status_code_cs                  ? 
_pdbx_database_status.methods_development_category    ? 
_pdbx_database_status.pdb_format_compatible           Y 
_pdbx_database_status.status_code_nmr_data            ? 
# 
loop_
_audit_author.name 
_audit_author.pdbx_ordinal 
_audit_author.identifier_ORCID 
'Lee, J.O.' 1 0000-0001-6519-6049 
'Jin, M.S.' 2 0000-0003-0516-0284 
'Kim, J.W.' 3 0000-0002-4098-2198 
'Kim, S.'   4 0000-0002-1131-6807 
'Lee, H.'   5 0000-0003-3455-7627 
'Cho, G.Y.' 6 0000-0002-1342-2267 
# 
_citation.abstract                  ? 
_citation.abstract_id_CAS           ? 
_citation.book_id_ISBN              ? 
_citation.book_publisher            ? 
_citation.book_publisher_city       ? 
_citation.book_title                ? 
_citation.coordinate_linkage        ? 
_citation.country                   US 
_citation.database_id_Medline       ? 
_citation.details                   ? 
_citation.id                        primary 
_citation.journal_abbrev            Proc.Natl.Acad.Sci.USA 
_citation.journal_id_ASTM           PNASA6 
_citation.journal_id_CSD            0040 
_citation.journal_id_ISSN           1091-6490 
_citation.journal_full              ? 
_citation.journal_issue             ? 
_citation.journal_volume            116 
_citation.language                  ? 
_citation.page_first                17786 
_citation.page_last                 17791 
_citation.title                     'Application of antihelix antibodies in protein structure determination.' 
_citation.year                      2019 
_citation.database_id_CSD           ? 
_citation.pdbx_database_id_DOI      10.1073/pnas.1910080116 
_citation.pdbx_database_id_PubMed   31371498 
_citation.unpublished_flag          ? 
# 
loop_
_citation_author.citation_id 
_citation_author.name 
_citation_author.ordinal 
_citation_author.identifier_ORCID 
primary 'Kim, J.W.' 1 ? 
primary 'Kim, S.'   2 ? 
primary 'Lee, H.'   3 ? 
primary 'Cho, G.'   4 ? 
primary 'Kim, S.C.' 5 ? 
primary 'Lee, H.'   6 ? 
primary 'Jin, M.S.' 7 ? 
primary 'Lee, J.O.' 8 ? 
# 
_cell.angle_alpha                  90.00 
_cell.angle_alpha_esd              ? 
_cell.angle_beta                   90.00 
_cell.angle_beta_esd               ? 
_cell.angle_gamma                  90.00 
_cell.angle_gamma_esd              ? 
_cell.entry_id                     6K3M 
_cell.details                      ? 
_cell.formula_units_Z              ? 
_cell.length_a                     27.345 
_cell.length_a_esd                 ? 
_cell.length_b                     56.102 
_cell.length_b_esd                 ? 
_cell.length_c                     96.096 
_cell.length_c_esd                 ? 
_cell.volume                       ? 
_cell.volume_esd                   ? 
_cell.Z_PDB                        4 
_cell.reciprocal_angle_alpha       ? 
_cell.reciprocal_angle_beta        ? 
_cell.reciprocal_angle_gamma       ? 
_cell.reciprocal_angle_alpha_esd   ? 
_cell.reciprocal_angle_beta_esd    ? 
_cell.reciprocal_angle_gamma_esd   ? 
_cell.reciprocal_length_a          ? 
_cell.reciprocal_length_b          ? 
_cell.reciprocal_length_c          ? 
_cell.reciprocal_length_a_esd      ? 
_cell.reciprocal_length_b_esd      ? 
_cell.reciprocal_length_c_esd      ? 
_cell.pdbx_unique_axis             ? 
# 
_symmetry.entry_id                         6K3M 
_symmetry.cell_setting                     ? 
_symmetry.Int_Tables_number                19 
_symmetry.space_group_name_Hall            ? 
_symmetry.space_group_name_H-M             'P 21 21 21' 
_symmetry.pdbx_full_space_group_name_H-M   ? 
# 
loop_
_entity.id 
_entity.type 
_entity.src_method 
_entity.pdbx_description 
_entity.formula_weight 
_entity.pdbx_number_of_molecules 
_entity.pdbx_ec 
_entity.pdbx_mutation 
_entity.pdbx_fragment 
_entity.details 
1 polymer man 'SpA IgG-binding domain protein,Protein A' 9303.371  1   ? ? ? 
;protein A(1DEE) and n-terminal of huntingtin peptide (3LRH) fusion,protein A(1DEE) and n-terminal of huntingtin peptide (3LRH) fusion
;
2 polymer man '3LRH intrabody'                           14203.453 1   ? ? ? ? 
3 water   nat water                                      18.015    149 ? ? ? ? 
# 
loop_
_entity_poly.entity_id 
_entity_poly.type 
_entity_poly.nstd_linkage 
_entity_poly.nstd_monomer 
_entity_poly.pdbx_seq_one_letter_code 
_entity_poly.pdbx_seq_one_letter_code_can 
_entity_poly.pdbx_strand_id 
_entity_poly.pdbx_target_identifier 
1 'polypeptide(L)' no no 
;MGSSHHHHHHSSGLVPRGSHMFNKDQQSAFYEILNMPNLNEAQRNGFIQSLKDDPSQSTNVLGEAKKLNKLQKAFESLKS
FQ
;
;MGSSHHHHHHSSGLVPRGSHMFNKDQQSAFYEILNMPNLNEAQRNGFIQSLKDDPSQSTNVLGEAKKLNKLQKAFESLKS
FQ
;
H ? 
2 'polypeptide(L)' no no 
;MGSSHHHHHHSSGLVPRGSHMGSQPVLTQSPSVSAAPRQRVTISVSGSNSNIGSNTVNWIQQLPGRAPELLMYDDDLLAP
GVSDRFSGSRSGTSASLTISGLQSEDEADYYAATWDDSLNGWVFGGGTKVTVLSA
;
;MGSSHHHHHHSSGLVPRGSHMGSQPVLTQSPSVSAAPRQRVTISVSGSNSNIGSNTVNWIQQLPGRAPELLMYDDDLLAP
GVSDRFSGSRSGTSASLTISGLQSEDEADYYAATWDDSLNGWVFGGGTKVTVLSA
;
A ? 
# 
loop_
_entity_poly_seq.entity_id 
_entity_poly_seq.num 
_entity_poly_seq.mon_id 
_entity_poly_seq.hetero 
1 1   MET n 
1 2   GLY n 
1 3   SER n 
1 4   SER n 
1 5   HIS n 
1 6   HIS n 
1 7   HIS n 
1 8   HIS n 
1 9   HIS n 
1 10  HIS n 
1 11  SER n 
1 12  SER n 
1 13  GLY n 
1 14  LEU n 
1 15  VAL n 
1 16  PRO n 
1 17  ARG n 
1 18  GLY n 
1 19  SER n 
1 20  HIS n 
1 21  MET n 
1 22  PHE n 
1 23  ASN n 
1 24  LYS n 
1 25  ASP n 
1 26  GLN n 
1 27  GLN n 
1 28  SER n 
1 29  ALA n 
1 30  PHE n 
1 31  TYR n 
1 32  GLU n 
1 33  ILE n 
1 34  LEU n 
1 35  ASN n 
1 36  MET n 
1 37  PRO n 
1 38  ASN n 
1 39  LEU n 
1 40  ASN n 
1 41  GLU n 
1 42  ALA n 
1 43  GLN n 
1 44  ARG n 
1 45  ASN n 
1 46  GLY n 
1 47  PHE n 
1 48  ILE n 
1 49  GLN n 
1 50  SER n 
1 51  LEU n 
1 52  LYS n 
1 53  ASP n 
1 54  ASP n 
1 55  PRO n 
1 56  SER n 
1 57  GLN n 
1 58  SER n 
1 59  THR n 
1 60  ASN n 
1 61  VAL n 
1 62  LEU n 
1 63  GLY n 
1 64  GLU n 
1 65  ALA n 
1 66  LYS n 
1 67  LYS n 
1 68  LEU n 
1 69  ASN n 
1 70  LYS n 
1 71  LEU n 
1 72  GLN n 
1 73  LYS n 
1 74  ALA n 
1 75  PHE n 
1 76  GLU n 
1 77  SER n 
1 78  LEU n 
1 79  LYS n 
1 80  SER n 
1 81  PHE n 
1 82  GLN n 
2 1   MET n 
2 2   GLY n 
2 3   SER n 
2 4   SER n 
2 5   HIS n 
2 6   HIS n 
2 7   HIS n 
2 8   HIS n 
2 9   HIS n 
2 10  HIS n 
2 11  SER n 
2 12  SER n 
2 13  GLY n 
2 14  LEU n 
2 15  VAL n 
2 16  PRO n 
2 17  ARG n 
2 18  GLY n 
2 19  SER n 
2 20  HIS n 
2 21  MET n 
2 22  GLY n 
2 23  SER n 
2 24  GLN n 
2 25  PRO n 
2 26  VAL n 
2 27  LEU n 
2 28  THR n 
2 29  GLN n 
2 30  SER n 
2 31  PRO n 
2 32  SER n 
2 33  VAL n 
2 34  SER n 
2 35  ALA n 
2 36  ALA n 
2 37  PRO n 
2 38  ARG n 
2 39  GLN n 
2 40  ARG n 
2 41  VAL n 
2 42  THR n 
2 43  ILE n 
2 44  SER n 
2 45  VAL n 
2 46  SER n 
2 47  GLY n 
2 48  SER n 
2 49  ASN n 
2 50  SER n 
2 51  ASN n 
2 52  ILE n 
2 53  GLY n 
2 54  SER n 
2 55  ASN n 
2 56  THR n 
2 57  VAL n 
2 58  ASN n 
2 59  TRP n 
2 60  ILE n 
2 61  GLN n 
2 62  GLN n 
2 63  LEU n 
2 64  PRO n 
2 65  GLY n 
2 66  ARG n 
2 67  ALA n 
2 68  PRO n 
2 69  GLU n 
2 70  LEU n 
2 71  LEU n 
2 72  MET n 
2 73  TYR n 
2 74  ASP n 
2 75  ASP n 
2 76  ASP n 
2 77  LEU n 
2 78  LEU n 
2 79  ALA n 
2 80  PRO n 
2 81  GLY n 
2 82  VAL n 
2 83  SER n 
2 84  ASP n 
2 85  ARG n 
2 86  PHE n 
2 87  SER n 
2 88  GLY n 
2 89  SER n 
2 90  ARG n 
2 91  SER n 
2 92  GLY n 
2 93  THR n 
2 94  SER n 
2 95  ALA n 
2 96  SER n 
2 97  LEU n 
2 98  THR n 
2 99  ILE n 
2 100 SER n 
2 101 GLY n 
2 102 LEU n 
2 103 GLN n 
2 104 SER n 
2 105 GLU n 
2 106 ASP n 
2 107 GLU n 
2 108 ALA n 
2 109 ASP n 
2 110 TYR n 
2 111 TYR n 
2 112 ALA n 
2 113 ALA n 
2 114 THR n 
2 115 TRP n 
2 116 ASP n 
2 117 ASP n 
2 118 SER n 
2 119 LEU n 
2 120 ASN n 
2 121 GLY n 
2 122 TRP n 
2 123 VAL n 
2 124 PHE n 
2 125 GLY n 
2 126 GLY n 
2 127 GLY n 
2 128 THR n 
2 129 LYS n 
2 130 VAL n 
2 131 THR n 
2 132 VAL n 
2 133 LEU n 
2 134 SER n 
2 135 ALA n 
# 
loop_
_entity_src_gen.entity_id 
_entity_src_gen.pdbx_src_id 
_entity_src_gen.pdbx_alt_source_flag 
_entity_src_gen.pdbx_seq_type 
_entity_src_gen.pdbx_beg_seq_num 
_entity_src_gen.pdbx_end_seq_num 
_entity_src_gen.gene_src_common_name 
_entity_src_gen.gene_src_genus 
_entity_src_gen.pdbx_gene_src_gene 
_entity_src_gen.gene_src_species 
_entity_src_gen.gene_src_strain 
_entity_src_gen.gene_src_tissue 
_entity_src_gen.gene_src_tissue_fraction 
_entity_src_gen.gene_src_details 
_entity_src_gen.pdbx_gene_src_fragment 
_entity_src_gen.pdbx_gene_src_scientific_name 
_entity_src_gen.pdbx_gene_src_ncbi_taxonomy_id 
_entity_src_gen.pdbx_gene_src_variant 
_entity_src_gen.pdbx_gene_src_cell_line 
_entity_src_gen.pdbx_gene_src_atcc 
_entity_src_gen.pdbx_gene_src_organ 
_entity_src_gen.pdbx_gene_src_organelle 
_entity_src_gen.pdbx_gene_src_cell 
_entity_src_gen.pdbx_gene_src_cellular_location 
_entity_src_gen.host_org_common_name 
_entity_src_gen.pdbx_host_org_scientific_name 
_entity_src_gen.pdbx_host_org_ncbi_taxonomy_id 
_entity_src_gen.host_org_genus 
_entity_src_gen.pdbx_host_org_gene 
_entity_src_gen.pdbx_host_org_organ 
_entity_src_gen.host_org_species 
_entity_src_gen.pdbx_host_org_tissue 
_entity_src_gen.pdbx_host_org_tissue_fraction 
_entity_src_gen.pdbx_host_org_strain 
_entity_src_gen.pdbx_host_org_variant 
_entity_src_gen.pdbx_host_org_cell_line 
_entity_src_gen.pdbx_host_org_atcc 
_entity_src_gen.pdbx_host_org_culture_collection 
_entity_src_gen.pdbx_host_org_cell 
_entity_src_gen.pdbx_host_org_organelle 
_entity_src_gen.pdbx_host_org_cellular_location 
_entity_src_gen.pdbx_host_org_vector_type 
_entity_src_gen.pdbx_host_org_vector 
_entity_src_gen.host_org_details 
_entity_src_gen.expression_system_id 
_entity_src_gen.plasmid_name 
_entity_src_gen.plasmid_details 
_entity_src_gen.pdbx_description 
1 1 sample 'Biological sequence' 1  69  ? ? ?   ? ? ? ? ? ? 'Staphylococcus aureus' 1280 ? ? ? ? ? ? ? ? 'Escherichia coli' 562 ? 
? ? ? ? ? ? ? ? ? ? ? ? ? ? ? ? ? ? ? ? 
1 2 sample 'Biological sequence' 70 82  ? ? spa ? ? ? ? ? ? 'Staphylococcus aureus' 1280 ? ? ? ? ? ? ? ? 'Escherichia coli' 562 ? 
? ? ? ? ? ? ? ? ? ? ? ? ? ? ? ? ? ? ? ? 
2 1 sample 'Biological sequence' 1  135 ? ? ?   ? ? ? ? ? ? 'Homo sapiens'          9606 ? ? ? ? ? ? ? ? 'Escherichia coli' 562 ? 
? ? ? ? ? ? ? ? ? ? ? ? ? ? ? ? ? ? ? ? 
# 
loop_
_struct_ref.id 
_struct_ref.db_name 
_struct_ref.db_code 
_struct_ref.pdbx_db_accession 
_struct_ref.pdbx_db_isoform 
_struct_ref.entity_id 
_struct_ref.pdbx_seq_one_letter_code 
_struct_ref.pdbx_align_begin 
1 UNP D7RHB0_STAAU D7RHB0 ? 1 FNKDQQSAFYEILNMPNLNEAQRNGFIQSLKDDPSQSTNVLGEAKKLN 64 
2 PDB 6K3M         6K3M   ? 1 ?                                                70 
3 PDB 6K3M         6K3M   ? 2 ?                                                1  
# 
loop_
_struct_ref_seq.align_id 
_struct_ref_seq.ref_id 
_struct_ref_seq.pdbx_PDB_id_code 
_struct_ref_seq.pdbx_strand_id 
_struct_ref_seq.seq_align_beg 
_struct_ref_seq.pdbx_seq_align_beg_ins_code 
_struct_ref_seq.seq_align_end 
_struct_ref_seq.pdbx_seq_align_end_ins_code 
_struct_ref_seq.pdbx_db_accession 
_struct_ref_seq.db_align_beg 
_struct_ref_seq.pdbx_db_align_beg_ins_code 
_struct_ref_seq.db_align_end 
_struct_ref_seq.pdbx_db_align_end_ins_code 
_struct_ref_seq.pdbx_auth_seq_align_beg 
_struct_ref_seq.pdbx_auth_seq_align_end 
1 1 6K3M H 22 ? 69  ? D7RHB0 64  ? 111 ? 3   50  
2 2 6K3M H 70 ? 82  ? 6K3M   51  ? 63  ? 51  63  
3 3 6K3M A 1  ? 135 ? 6K3M   -22 ? 112 ? -22 112 
# 
loop_
_struct_ref_seq_dif.align_id 
_struct_ref_seq_dif.pdbx_pdb_id_code 
_struct_ref_seq_dif.mon_id 
_struct_ref_seq_dif.pdbx_pdb_strand_id 
_struct_ref_seq_dif.seq_num 
_struct_ref_seq_dif.pdbx_pdb_ins_code 
_struct_ref_seq_dif.pdbx_seq_db_name 
_struct_ref_seq_dif.pdbx_seq_db_accession_code 
_struct_ref_seq_dif.db_mon_id 
_struct_ref_seq_dif.pdbx_seq_db_seq_num 
_struct_ref_seq_dif.details 
_struct_ref_seq_dif.pdbx_auth_seq_num 
_struct_ref_seq_dif.pdbx_ordinal 
1 6K3M MET H 1  ? UNP D7RHB0 ? ? 'initiating methionine' -18 1  
1 6K3M GLY H 2  ? UNP D7RHB0 ? ? 'expression tag'        -17 2  
1 6K3M SER H 3  ? UNP D7RHB0 ? ? 'expression tag'        -16 3  
1 6K3M SER H 4  ? UNP D7RHB0 ? ? 'expression tag'        -15 4  
1 6K3M HIS H 5  ? UNP D7RHB0 ? ? 'expression tag'        -14 5  
1 6K3M HIS H 6  ? UNP D7RHB0 ? ? 'expression tag'        -13 6  
1 6K3M HIS H 7  ? UNP D7RHB0 ? ? 'expression tag'        -12 7  
1 6K3M HIS H 8  ? UNP D7RHB0 ? ? 'expression tag'        -11 8  
1 6K3M HIS H 9  ? UNP D7RHB0 ? ? 'expression tag'        -10 9  
1 6K3M HIS H 10 ? UNP D7RHB0 ? ? 'expression tag'        -9  10 
1 6K3M SER H 11 ? UNP D7RHB0 ? ? 'expression tag'        -8  11 
1 6K3M SER H 12 ? UNP D7RHB0 ? ? 'expression tag'        -7  12 
1 6K3M GLY H 13 ? UNP D7RHB0 ? ? 'expression tag'        -6  13 
1 6K3M LEU H 14 ? UNP D7RHB0 ? ? 'expression tag'        -5  14 
1 6K3M VAL H 15 ? UNP D7RHB0 ? ? 'expression tag'        -4  15 
1 6K3M PRO H 16 ? UNP D7RHB0 ? ? 'expression tag'        -3  16 
1 6K3M ARG H 17 ? UNP D7RHB0 ? ? 'expression tag'        -2  17 
1 6K3M GLY H 18 ? UNP D7RHB0 ? ? 'expression tag'        -1  18 
1 6K3M SER H 19 ? UNP D7RHB0 ? ? 'expression tag'        0   19 
1 6K3M HIS H 20 ? UNP D7RHB0 ? ? 'expression tag'        1   20 
1 6K3M MET H 21 ? UNP D7RHB0 ? ? 'expression tag'        2   21 
# 
loop_
_chem_comp.id 
_chem_comp.type 
_chem_comp.mon_nstd_flag 
_chem_comp.name 
_chem_comp.pdbx_synonyms 
_chem_comp.formula 
_chem_comp.formula_weight 
ALA 'L-peptide linking' y ALANINE         ? 'C3 H7 N O2'     89.093  
ARG 'L-peptide linking' y ARGININE        ? 'C6 H15 N4 O2 1' 175.209 
ASN 'L-peptide linking' y ASPARAGINE      ? 'C4 H8 N2 O3'    132.118 
ASP 'L-peptide linking' y 'ASPARTIC ACID' ? 'C4 H7 N O4'     133.103 
GLN 'L-peptide linking' y GLUTAMINE       ? 'C5 H10 N2 O3'   146.144 
GLU 'L-peptide linking' y 'GLUTAMIC ACID' ? 'C5 H9 N O4'     147.129 
GLY 'peptide linking'   y GLYCINE         ? 'C2 H5 N O2'     75.067  
HIS 'L-peptide linking' y HISTIDINE       ? 'C6 H10 N3 O2 1' 156.162 
HOH non-polymer         . WATER           ? 'H2 O'           18.015  
ILE 'L-peptide linking' y ISOLEUCINE      ? 'C6 H13 N O2'    131.173 
LEU 'L-peptide linking' y LEUCINE         ? 'C6 H13 N O2'    131.173 
LYS 'L-peptide linking' y LYSINE          ? 'C6 H15 N2 O2 1' 147.195 
MET 'L-peptide linking' y METHIONINE      ? 'C5 H11 N O2 S'  149.211 
PHE 'L-peptide linking' y PHENYLALANINE   ? 'C9 H11 N O2'    165.189 
PRO 'L-peptide linking' y PROLINE         ? 'C5 H9 N O2'     115.130 
SER 'L-peptide linking' y SERINE          ? 'C3 H7 N O3'     105.093 
THR 'L-peptide linking' y THREONINE       ? 'C4 H9 N O3'     119.119 
TRP 'L-peptide linking' y TRYPTOPHAN      ? 'C11 H12 N2 O2'  204.225 
TYR 'L-peptide linking' y TYROSINE        ? 'C9 H11 N O3'    181.189 
VAL 'L-peptide linking' y VALINE          ? 'C5 H11 N O2'    117.146 
# 
_exptl.absorpt_coefficient_mu     ? 
_exptl.absorpt_correction_T_max   ? 
_exptl.absorpt_correction_T_min   ? 
_exptl.absorpt_correction_type    ? 
_exptl.absorpt_process_details    ? 
_exptl.entry_id                   6K3M 
_exptl.crystals_number            1 
_exptl.details                    ? 
_exptl.method                     'X-RAY DIFFRACTION' 
_exptl.method_details             ? 
# 
_exptl_crystal.colour                      ? 
_exptl_crystal.density_diffrn              ? 
_exptl_crystal.density_Matthews            1.57 
_exptl_crystal.density_method              ? 
_exptl_crystal.density_percent_sol         21.55 
_exptl_crystal.description                 ? 
_exptl_crystal.F_000                       ? 
_exptl_crystal.id                          1 
_exptl_crystal.preparation                 ? 
_exptl_crystal.size_max                    ? 
_exptl_crystal.size_mid                    ? 
_exptl_crystal.size_min                    ? 
_exptl_crystal.size_rad                    ? 
_exptl_crystal.colour_lustre               ? 
_exptl_crystal.colour_modifier             ? 
_exptl_crystal.colour_primary              ? 
_exptl_crystal.density_meas                ? 
_exptl_crystal.density_meas_esd            ? 
_exptl_crystal.density_meas_gt             ? 
_exptl_crystal.density_meas_lt             ? 
_exptl_crystal.density_meas_temp           ? 
_exptl_crystal.density_meas_temp_esd       ? 
_exptl_crystal.density_meas_temp_gt        ? 
_exptl_crystal.density_meas_temp_lt        ? 
_exptl_crystal.pdbx_crystal_image_url      ? 
_exptl_crystal.pdbx_crystal_image_format   ? 
_exptl_crystal.pdbx_mosaicity              ? 
_exptl_crystal.pdbx_mosaicity_esd          ? 
# 
_exptl_crystal_grow.apparatus       ? 
_exptl_crystal_grow.atmosphere      ? 
_exptl_crystal_grow.crystal_id      1 
_exptl_crystal_grow.details         ? 
_exptl_crystal_grow.method          'VAPOR DIFFUSION, SITTING DROP' 
_exptl_crystal_grow.method_ref      ? 
_exptl_crystal_grow.pH              ? 
_exptl_crystal_grow.pressure        ? 
_exptl_crystal_grow.pressure_esd    ? 
_exptl_crystal_grow.seeding         ? 
_exptl_crystal_grow.seeding_ref     ? 
_exptl_crystal_grow.temp            296 
_exptl_crystal_grow.temp_details    ? 
_exptl_crystal_grow.temp_esd        ? 
_exptl_crystal_grow.time            ? 
_exptl_crystal_grow.pdbx_details    
;30% PEG 4000,
0.2M MgCl2,
0.1M MOPS pH 6.5
;
_exptl_crystal_grow.pdbx_pH_range   ? 
# 
_diffrn.ambient_environment              ? 
_diffrn.ambient_temp                     100 
_diffrn.ambient_temp_details             ? 
_diffrn.ambient_temp_esd                 ? 
_diffrn.crystal_id                       1 
_diffrn.crystal_support                  ? 
_diffrn.crystal_treatment                ? 
_diffrn.details                          ? 
_diffrn.id                               1 
_diffrn.ambient_pressure                 ? 
_diffrn.ambient_pressure_esd             ? 
_diffrn.ambient_pressure_gt              ? 
_diffrn.ambient_pressure_lt              ? 
_diffrn.ambient_temp_gt                  ? 
_diffrn.ambient_temp_lt                  ? 
_diffrn.pdbx_serial_crystal_experiment   N 
# 
_diffrn_detector.details                      ? 
_diffrn_detector.detector                     CCD 
_diffrn_detector.diffrn_id                    1 
_diffrn_detector.type                         'MAR CCD 130 mm' 
_diffrn_detector.area_resol_mean              ? 
_diffrn_detector.dtime                        ? 
_diffrn_detector.pdbx_frames_total            ? 
_diffrn_detector.pdbx_collection_time_total   ? 
_diffrn_detector.pdbx_collection_date         2016-05-12 
_diffrn_detector.pdbx_frequency               ? 
# 
_diffrn_radiation.collimation                      ? 
_diffrn_radiation.diffrn_id                        1 
_diffrn_radiation.filter_edge                      ? 
_diffrn_radiation.inhomogeneity                    ? 
_diffrn_radiation.monochromator                    ? 
_diffrn_radiation.polarisn_norm                    ? 
_diffrn_radiation.polarisn_ratio                   ? 
_diffrn_radiation.probe                            ? 
_diffrn_radiation.type                             ? 
_diffrn_radiation.xray_symbol                      ? 
_diffrn_radiation.wavelength_id                    1 
_diffrn_radiation.pdbx_monochromatic_or_laue_m_l   M 
_diffrn_radiation.pdbx_wavelength_list             ? 
_diffrn_radiation.pdbx_wavelength                  ? 
_diffrn_radiation.pdbx_diffrn_protocol             'SINGLE WAVELENGTH' 
_diffrn_radiation.pdbx_analyzer                    ? 
_diffrn_radiation.pdbx_scattering_type             x-ray 
# 
_diffrn_radiation_wavelength.id           1 
_diffrn_radiation_wavelength.wavelength   0.979 
_diffrn_radiation_wavelength.wt           1.0 
# 
_diffrn_source.current                     ? 
_diffrn_source.details                     ? 
_diffrn_source.diffrn_id                   1 
_diffrn_source.power                       ? 
_diffrn_source.size                        ? 
_diffrn_source.source                      SYNCHROTRON 
_diffrn_source.target                      ? 
_diffrn_source.type                        'PAL/PLS BEAMLINE 7A (6B, 6C1)' 
_diffrn_source.voltage                     ? 
_diffrn_source.take-off_angle              ? 
_diffrn_source.pdbx_wavelength_list        0.979 
_diffrn_source.pdbx_wavelength             ? 
_diffrn_source.pdbx_synchrotron_beamline   '7A (6B, 6C1)' 
_diffrn_source.pdbx_synchrotron_site       PAL/PLS 
# 
_reflns.B_iso_Wilson_estimate            ? 
_reflns.entry_id                         6K3M 
_reflns.data_reduction_details           ? 
_reflns.data_reduction_method            ? 
_reflns.d_resolution_high                1.8 
_reflns.d_resolution_low                 50 
_reflns.details                          ? 
_reflns.limit_h_max                      ? 
_reflns.limit_h_min                      ? 
_reflns.limit_k_max                      ? 
_reflns.limit_k_min                      ? 
_reflns.limit_l_max                      ? 
_reflns.limit_l_min                      ? 
_reflns.number_all                       ? 
_reflns.number_obs                       14114 
_reflns.observed_criterion               ? 
_reflns.observed_criterion_F_max         ? 
_reflns.observed_criterion_F_min         ? 
_reflns.observed_criterion_I_max         ? 
_reflns.observed_criterion_I_min         ? 
_reflns.observed_criterion_sigma_F       ? 
_reflns.observed_criterion_sigma_I       ? 
_reflns.percent_possible_obs             98.4 
_reflns.R_free_details                   ? 
_reflns.Rmerge_F_all                     ? 
_reflns.Rmerge_F_obs                     ? 
_reflns.Friedel_coverage                 ? 
_reflns.number_gt                        ? 
_reflns.threshold_expression             ? 
_reflns.pdbx_redundancy                  6.0 
_reflns.pdbx_Rmerge_I_obs                ? 
_reflns.pdbx_Rmerge_I_all                ? 
_reflns.pdbx_Rsym_value                  ? 
_reflns.pdbx_netI_over_av_sigmaI         ? 
_reflns.pdbx_netI_over_sigmaI            39.1 
_reflns.pdbx_res_netI_over_av_sigmaI_2   ? 
_reflns.pdbx_res_netI_over_sigmaI_2      ? 
_reflns.pdbx_chi_squared                 ? 
_reflns.pdbx_scaling_rejects             ? 
_reflns.pdbx_d_res_high_opt              ? 
_reflns.pdbx_d_res_low_opt               ? 
_reflns.pdbx_d_res_opt_method            ? 
_reflns.phase_calculation_details        ? 
_reflns.pdbx_Rrim_I_all                  ? 
_reflns.pdbx_Rpim_I_all                  0.022 
_reflns.pdbx_d_opt                       ? 
_reflns.pdbx_number_measured_all         ? 
_reflns.pdbx_diffrn_id                   1 
_reflns.pdbx_ordinal                     1 
_reflns.pdbx_CC_half                     ? 
_reflns.pdbx_R_split                     ? 
# 
_reflns_shell.d_res_high                  1.8 
_reflns_shell.d_res_low                   1.86 
_reflns_shell.meanI_over_sigI_all         ? 
_reflns_shell.meanI_over_sigI_obs         ? 
_reflns_shell.number_measured_all         ? 
_reflns_shell.number_measured_obs         ? 
_reflns_shell.number_possible             ? 
_reflns_shell.number_unique_all           ? 
_reflns_shell.number_unique_obs           14114 
_reflns_shell.percent_possible_all        ? 
_reflns_shell.percent_possible_obs        ? 
_reflns_shell.Rmerge_F_all                ? 
_reflns_shell.Rmerge_F_obs                ? 
_reflns_shell.Rmerge_I_all                ? 
_reflns_shell.Rmerge_I_obs                ? 
_reflns_shell.meanI_over_sigI_gt          ? 
_reflns_shell.meanI_over_uI_all           ? 
_reflns_shell.meanI_over_uI_gt            ? 
_reflns_shell.number_measured_gt          ? 
_reflns_shell.number_unique_gt            ? 
_reflns_shell.percent_possible_gt         ? 
_reflns_shell.Rmerge_F_gt                 ? 
_reflns_shell.Rmerge_I_gt                 ? 
_reflns_shell.pdbx_redundancy             ? 
_reflns_shell.pdbx_Rsym_value             ? 
_reflns_shell.pdbx_chi_squared            ? 
_reflns_shell.pdbx_netI_over_sigmaI_all   ? 
_reflns_shell.pdbx_netI_over_sigmaI_obs   ? 
_reflns_shell.pdbx_Rrim_I_all             ? 
_reflns_shell.pdbx_Rpim_I_all             0.037 
_reflns_shell.pdbx_rejects                ? 
_reflns_shell.pdbx_ordinal                1 
_reflns_shell.pdbx_diffrn_id              1 
_reflns_shell.pdbx_CC_half                ? 
_reflns_shell.pdbx_R_split                ? 
# 
_refine.aniso_B[1][1]                            0.20 
_refine.aniso_B[1][2]                            -0.00 
_refine.aniso_B[1][3]                            0.00 
_refine.aniso_B[2][2]                            -0.19 
_refine.aniso_B[2][3]                            -0.00 
_refine.aniso_B[3][3]                            -0.01 
_refine.B_iso_max                                ? 
_refine.B_iso_mean                               10.881 
_refine.B_iso_min                                ? 
_refine.correlation_coeff_Fo_to_Fc               0.918 
_refine.correlation_coeff_Fo_to_Fc_free          0.896 
_refine.details                                  'HYDROGENS HAVE BEEN ADDED IN THE RIDING POSITIONS' 
_refine.diff_density_max                         ? 
_refine.diff_density_max_esd                     ? 
_refine.diff_density_min                         ? 
_refine.diff_density_min_esd                     ? 
_refine.diff_density_rms                         ? 
_refine.diff_density_rms_esd                     ? 
_refine.entry_id                                 6K3M 
_refine.pdbx_refine_id                           'X-RAY DIFFRACTION' 
_refine.ls_abs_structure_details                 ? 
_refine.ls_abs_structure_Flack                   ? 
_refine.ls_abs_structure_Flack_esd               ? 
_refine.ls_abs_structure_Rogers                  ? 
_refine.ls_abs_structure_Rogers_esd              ? 
_refine.ls_d_res_high                            1.80 
_refine.ls_d_res_low                             28 
_refine.ls_extinction_coef                       ? 
_refine.ls_extinction_coef_esd                   ? 
_refine.ls_extinction_expression                 ? 
_refine.ls_extinction_method                     ? 
_refine.ls_goodness_of_fit_all                   ? 
_refine.ls_goodness_of_fit_all_esd               ? 
_refine.ls_goodness_of_fit_obs                   ? 
_refine.ls_goodness_of_fit_obs_esd               ? 
_refine.ls_hydrogen_treatment                    ? 
_refine.ls_matrix_type                           ? 
_refine.ls_number_constraints                    ? 
_refine.ls_number_parameters                     ? 
_refine.ls_number_reflns_all                     ? 
_refine.ls_number_reflns_obs                     13319 
_refine.ls_number_reflns_R_free                  717 
_refine.ls_number_reflns_R_work                  ? 
_refine.ls_number_restraints                     ? 
_refine.ls_percent_reflns_obs                    97.78 
_refine.ls_percent_reflns_R_free                 5.1 
_refine.ls_R_factor_all                          ? 
_refine.ls_R_factor_obs                          0.19179 
_refine.ls_R_factor_R_free                       0.23123 
_refine.ls_R_factor_R_free_error                 ? 
_refine.ls_R_factor_R_free_error_details         ? 
_refine.ls_R_factor_R_work                       0.18964 
_refine.ls_R_Fsqd_factor_obs                     ? 
_refine.ls_R_I_factor_obs                        ? 
_refine.ls_redundancy_reflns_all                 ? 
_refine.ls_redundancy_reflns_obs                 ? 
_refine.ls_restrained_S_all                      ? 
_refine.ls_restrained_S_obs                      ? 
_refine.ls_shift_over_esd_max                    ? 
_refine.ls_shift_over_esd_mean                   ? 
_refine.ls_structure_factor_coef                 ? 
_refine.ls_weighting_details                     ? 
_refine.ls_weighting_scheme                      ? 
_refine.ls_wR_factor_all                         ? 
_refine.ls_wR_factor_obs                         ? 
_refine.ls_wR_factor_R_free                      ? 
_refine.ls_wR_factor_R_work                      ? 
_refine.occupancy_max                            ? 
_refine.occupancy_min                            ? 
_refine.solvent_model_details                    ? 
_refine.solvent_model_param_bsol                 ? 
_refine.solvent_model_param_ksol                 ? 
_refine.ls_R_factor_gt                           ? 
_refine.ls_goodness_of_fit_gt                    ? 
_refine.ls_goodness_of_fit_ref                   ? 
_refine.ls_shift_over_su_max                     ? 
_refine.ls_shift_over_su_max_lt                  ? 
_refine.ls_shift_over_su_mean                    ? 
_refine.ls_shift_over_su_mean_lt                 ? 
_refine.pdbx_ls_sigma_I                          ? 
_refine.pdbx_ls_sigma_F                          ? 
_refine.pdbx_ls_sigma_Fsqd                       ? 
_refine.pdbx_data_cutoff_high_absF               ? 
_refine.pdbx_data_cutoff_high_rms_absF           ? 
_refine.pdbx_data_cutoff_low_absF                ? 
_refine.pdbx_isotropic_thermal_model             ? 
_refine.pdbx_ls_cross_valid_method               THROUGHOUT 
_refine.pdbx_method_to_determine_struct          'MOLECULAR REPLACEMENT' 
_refine.pdbx_starting_model                      '3LRH, 1DEE' 
_refine.pdbx_stereochemistry_target_values       ? 
_refine.pdbx_R_Free_selection_details            RANDOM 
_refine.pdbx_stereochem_target_val_spec_case     ? 
_refine.pdbx_overall_ESU_R                       0.154 
_refine.pdbx_overall_ESU_R_Free                  0.141 
_refine.pdbx_solvent_vdw_probe_radii             1.20 
_refine.pdbx_solvent_ion_probe_radii             0.80 
_refine.pdbx_solvent_shrinkage_radii             0.80 
_refine.pdbx_real_space_R                        ? 
_refine.pdbx_density_correlation                 ? 
_refine.pdbx_pd_number_of_powder_patterns        ? 
_refine.pdbx_pd_number_of_points                 ? 
_refine.pdbx_pd_meas_number_of_points            ? 
_refine.pdbx_pd_proc_ls_prof_R_factor            ? 
_refine.pdbx_pd_proc_ls_prof_wR_factor           ? 
_refine.pdbx_pd_Marquardt_correlation_coeff      ? 
_refine.pdbx_pd_Fsqrd_R_factor                   ? 
_refine.pdbx_pd_ls_matrix_band_width             ? 
_refine.pdbx_overall_phase_error                 ? 
_refine.pdbx_overall_SU_R_free_Cruickshank_DPI   ? 
_refine.pdbx_overall_SU_R_free_Blow_DPI          ? 
_refine.pdbx_overall_SU_R_Blow_DPI               ? 
_refine.pdbx_TLS_residual_ADP_flag               ? 
_refine.pdbx_diffrn_id                           1 
_refine.overall_SU_B                             2.450 
_refine.overall_SU_ML                            0.079 
_refine.overall_SU_R_Cruickshank_DPI             ? 
_refine.overall_SU_R_free                        ? 
_refine.overall_FOM_free_R_set                   ? 
_refine.overall_FOM_work_R_set                   ? 
_refine.pdbx_average_fsc_overall                 ? 
_refine.pdbx_average_fsc_work                    ? 
_refine.pdbx_average_fsc_free                    ? 
# 
_refine_hist.pdbx_refine_id                   'X-RAY DIFFRACTION' 
_refine_hist.cycle_id                         1 
_refine_hist.details                          ? 
_refine_hist.d_res_high                       1.80 
_refine_hist.d_res_low                        28 
_refine_hist.number_atoms_solvent             149 
_refine_hist.number_atoms_total               1449 
_refine_hist.number_reflns_all                ? 
_refine_hist.number_reflns_obs                ? 
_refine_hist.number_reflns_R_free             ? 
_refine_hist.number_reflns_R_work             ? 
_refine_hist.R_factor_all                     ? 
_refine_hist.R_factor_obs                     ? 
_refine_hist.R_factor_R_free                  ? 
_refine_hist.R_factor_R_work                  ? 
_refine_hist.pdbx_number_residues_total       ? 
_refine_hist.pdbx_B_iso_mean_ligand           ? 
_refine_hist.pdbx_B_iso_mean_solvent          ? 
_refine_hist.pdbx_number_atoms_protein        1300 
_refine_hist.pdbx_number_atoms_nucleic_acid   0 
_refine_hist.pdbx_number_atoms_ligand         0 
_refine_hist.pdbx_number_atoms_lipid          ? 
_refine_hist.pdbx_number_atoms_carb           ? 
_refine_hist.pdbx_pseudo_atom_details         ? 
# 
loop_
_refine_ls_restr.pdbx_refine_id 
_refine_ls_restr.criterion 
_refine_ls_restr.dev_ideal 
_refine_ls_restr.dev_ideal_target 
_refine_ls_restr.number 
_refine_ls_restr.rejects 
_refine_ls_restr.type 
_refine_ls_restr.weight 
_refine_ls_restr.pdbx_restraint_function 
'X-RAY DIFFRACTION' ? 0.011  0.013  1323 ? r_bond_refined_d             ? ? 
'X-RAY DIFFRACTION' ? 0.001  0.017  1180 ? r_bond_other_d               ? ? 
'X-RAY DIFFRACTION' ? 1.710  1.637  1793 ? r_angle_refined_deg          ? ? 
'X-RAY DIFFRACTION' ? 1.516  1.578  2758 ? r_angle_other_deg            ? ? 
'X-RAY DIFFRACTION' ? 6.480  5.000  168  ? r_dihedral_angle_1_deg       ? ? 
'X-RAY DIFFRACTION' ? 38.970 24.412 68   ? r_dihedral_angle_2_deg       ? ? 
'X-RAY DIFFRACTION' ? 12.875 15.000 219  ? r_dihedral_angle_3_deg       ? ? 
'X-RAY DIFFRACTION' ? 19.630 15.000 6    ? r_dihedral_angle_4_deg       ? ? 
'X-RAY DIFFRACTION' ? 0.088  0.200  172  ? r_chiral_restr               ? ? 
'X-RAY DIFFRACTION' ? 0.009  0.020  1506 ? r_gen_planes_refined         ? ? 
'X-RAY DIFFRACTION' ? 0.001  0.020  260  ? r_gen_planes_other           ? ? 
'X-RAY DIFFRACTION' ? ?      ?      ?    ? r_nbd_refined                ? ? 
'X-RAY DIFFRACTION' ? ?      ?      ?    ? r_nbd_other                  ? ? 
'X-RAY DIFFRACTION' ? ?      ?      ?    ? r_nbtor_refined              ? ? 
'X-RAY DIFFRACTION' ? ?      ?      ?    ? r_nbtor_other                ? ? 
'X-RAY DIFFRACTION' ? ?      ?      ?    ? r_xyhbond_nbd_refined        ? ? 
'X-RAY DIFFRACTION' ? ?      ?      ?    ? r_xyhbond_nbd_other          ? ? 
'X-RAY DIFFRACTION' ? ?      ?      ?    ? r_metal_ion_refined          ? ? 
'X-RAY DIFFRACTION' ? ?      ?      ?    ? r_metal_ion_other            ? ? 
'X-RAY DIFFRACTION' ? ?      ?      ?    ? r_symmetry_vdw_refined       ? ? 
'X-RAY DIFFRACTION' ? ?      ?      ?    ? r_symmetry_vdw_other         ? ? 
'X-RAY DIFFRACTION' ? ?      ?      ?    ? r_symmetry_hbond_refined     ? ? 
'X-RAY DIFFRACTION' ? ?      ?      ?    ? r_symmetry_hbond_other       ? ? 
'X-RAY DIFFRACTION' ? ?      ?      ?    ? r_symmetry_metal_ion_refined ? ? 
'X-RAY DIFFRACTION' ? ?      ?      ?    ? r_symmetry_metal_ion_other   ? ? 
'X-RAY DIFFRACTION' ? 1.174  0.956  678  ? r_mcbond_it                  ? ? 
'X-RAY DIFFRACTION' ? 1.172  0.952  677  ? r_mcbond_other               ? ? 
'X-RAY DIFFRACTION' ? 1.915  1.424  844  ? r_mcangle_it                 ? ? 
'X-RAY DIFFRACTION' ? 1.916  1.428  845  ? r_mcangle_other              ? ? 
'X-RAY DIFFRACTION' ? 2.225  1.201  645  ? r_scbond_it                  ? ? 
'X-RAY DIFFRACTION' ? 2.223  1.205  646  ? r_scbond_other               ? ? 
'X-RAY DIFFRACTION' ? ?      ?      ?    ? r_scangle_it                 ? ? 
'X-RAY DIFFRACTION' ? 3.365  1.709  950  ? r_scangle_other              ? ? 
'X-RAY DIFFRACTION' ? 5.054  12.291 1492 ? r_long_range_B_refined       ? ? 
'X-RAY DIFFRACTION' ? 4.849  11.915 1461 ? r_long_range_B_other         ? ? 
'X-RAY DIFFRACTION' ? ?      ?      ?    ? r_rigid_bond_restr           ? ? 
'X-RAY DIFFRACTION' ? ?      ?      ?    ? r_sphericity_free            ? ? 
'X-RAY DIFFRACTION' ? ?      ?      ?    ? r_sphericity_bonded          ? ? 
# 
_refine_ls_shell.pdbx_refine_id                   'X-RAY DIFFRACTION' 
_refine_ls_shell.d_res_high                       1.801 
_refine_ls_shell.d_res_low                        1.847 
_refine_ls_shell.number_reflns_all                ? 
_refine_ls_shell.number_reflns_obs                ? 
_refine_ls_shell.number_reflns_R_free             49 
_refine_ls_shell.number_reflns_R_work             971 
_refine_ls_shell.percent_reflns_obs               98.08 
_refine_ls_shell.percent_reflns_R_free            ? 
_refine_ls_shell.R_factor_all                     ? 
_refine_ls_shell.R_factor_obs                     ? 
_refine_ls_shell.R_factor_R_free                  0.229 
_refine_ls_shell.R_factor_R_free_error            ? 
_refine_ls_shell.R_factor_R_work                  0.180 
_refine_ls_shell.redundancy_reflns_all            ? 
_refine_ls_shell.redundancy_reflns_obs            ? 
_refine_ls_shell.wR_factor_all                    ? 
_refine_ls_shell.wR_factor_obs                    ? 
_refine_ls_shell.wR_factor_R_free                 ? 
_refine_ls_shell.wR_factor_R_work                 ? 
_refine_ls_shell.pdbx_total_number_of_bins_used   20 
_refine_ls_shell.pdbx_phase_error                 ? 
_refine_ls_shell.pdbx_fsc_work                    ? 
_refine_ls_shell.pdbx_fsc_free                    ? 
# 
_struct.entry_id                     6K3M 
_struct.title                        'Application of anti-helix antibodies in protein structure determination (8189-3LRH)' 
_struct.pdbx_model_details           ? 
_struct.pdbx_formula_weight          ? 
_struct.pdbx_formula_weight_method   ? 
_struct.pdbx_model_type_details      ? 
_struct.pdbx_CASP_flag               N 
# 
_struct_keywords.entry_id        6K3M 
_struct_keywords.text            'antibody, protein design, STRUCTURAL PROTEIN' 
_struct_keywords.pdbx_keywords   'STRUCTURAL PROTEIN' 
# 
loop_
_struct_asym.id 
_struct_asym.pdbx_blank_PDB_chainid_flag 
_struct_asym.pdbx_modified 
_struct_asym.entity_id 
_struct_asym.details 
A N N 1 ? 
B N N 2 ? 
C N N 3 ? 
D N N 3 ? 
# 
loop_
_struct_conf.conf_type_id 
_struct_conf.id 
_struct_conf.pdbx_PDB_helix_id 
_struct_conf.beg_label_comp_id 
_struct_conf.beg_label_asym_id 
_struct_conf.beg_label_seq_id 
_struct_conf.pdbx_beg_PDB_ins_code 
_struct_conf.end_label_comp_id 
_struct_conf.end_label_asym_id 
_struct_conf.end_label_seq_id 
_struct_conf.pdbx_end_PDB_ins_code 
_struct_conf.beg_auth_comp_id 
_struct_conf.beg_auth_asym_id 
_struct_conf.beg_auth_seq_id 
_struct_conf.end_auth_comp_id 
_struct_conf.end_auth_asym_id 
_struct_conf.end_auth_seq_id 
_struct_conf.pdbx_PDB_helix_class 
_struct_conf.details 
_struct_conf.pdbx_PDB_helix_length 
HELX_P HELX_P1 AA1 ASN A 23  ? MET A 36  ? ASN H 4  MET H 17 1 ? 14 
HELX_P HELX_P2 AA2 ASN A 40  ? ASP A 54  ? ASN H 21 ASP H 35 1 ? 15 
HELX_P HELX_P3 AA3 GLN A 57  ? GLN A 82  ? GLN H 38 GLN H 63 1 ? 26 
HELX_P HELX_P4 AA4 GLN B 103 ? GLU B 107 ? GLN A 80 GLU A 84 5 ? 5  
# 
_struct_conf_type.id          HELX_P 
_struct_conf_type.criteria    ? 
_struct_conf_type.reference   ? 
# 
loop_
_struct_sheet.id 
_struct_sheet.type 
_struct_sheet.number_strands 
_struct_sheet.details 
AA1 ? 4 ? 
AA2 ? 6 ? 
AA3 ? 4 ? 
# 
loop_
_struct_sheet_order.sheet_id 
_struct_sheet_order.range_id_1 
_struct_sheet_order.range_id_2 
_struct_sheet_order.offset 
_struct_sheet_order.sense 
AA1 1 2 ? anti-parallel 
AA1 2 3 ? anti-parallel 
AA1 3 4 ? anti-parallel 
AA2 1 2 ? parallel      
AA2 2 3 ? anti-parallel 
AA2 3 4 ? anti-parallel 
AA2 4 5 ? anti-parallel 
AA2 5 6 ? anti-parallel 
AA3 1 2 ? parallel      
AA3 2 3 ? anti-parallel 
AA3 3 4 ? anti-parallel 
# 
loop_
_struct_sheet_range.sheet_id 
_struct_sheet_range.id 
_struct_sheet_range.beg_label_comp_id 
_struct_sheet_range.beg_label_asym_id 
_struct_sheet_range.beg_label_seq_id 
_struct_sheet_range.pdbx_beg_PDB_ins_code 
_struct_sheet_range.end_label_comp_id 
_struct_sheet_range.end_label_asym_id 
_struct_sheet_range.end_label_seq_id 
_struct_sheet_range.pdbx_end_PDB_ins_code 
_struct_sheet_range.beg_auth_comp_id 
_struct_sheet_range.beg_auth_asym_id 
_struct_sheet_range.beg_auth_seq_id 
_struct_sheet_range.end_auth_comp_id 
_struct_sheet_range.end_auth_asym_id 
_struct_sheet_range.end_auth_seq_id 
AA1 1 THR B 28  ? GLN B 29  ? THR A 5   GLN A 6   
AA1 2 VAL B 41  ? SER B 46  ? VAL A 18  SER A 23  
AA1 3 SER B 94  ? ILE B 99  ? SER A 71  ILE A 76  
AA1 4 PHE B 86  ? SER B 91  ? PHE A 63  SER A 68  
AA2 1 SER B 32  ? ALA B 35  ? SER A 9   ALA A 12  
AA2 2 THR B 128 ? VAL B 132 ? THR A 105 VAL A 109 
AA2 3 ALA B 108 ? ASP B 116 ? ALA A 85  ASP A 93  
AA2 4 ASN B 58  ? GLN B 62  ? ASN A 35  GLN A 39  
AA2 5 GLU B 69  ? TYR B 73  ? GLU A 46  TYR A 50  
AA2 6 LEU B 77  ? LEU B 78  ? LEU A 54  LEU A 55  
AA3 1 SER B 32  ? ALA B 35  ? SER A 9   ALA A 12  
AA3 2 THR B 128 ? VAL B 132 ? THR A 105 VAL A 109 
AA3 3 ALA B 108 ? ASP B 116 ? ALA A 85  ASP A 93  
AA3 4 GLY B 121 ? PHE B 124 ? GLY A 98  PHE A 101 
# 
loop_
_pdbx_struct_sheet_hbond.sheet_id 
_pdbx_struct_sheet_hbond.range_id_1 
_pdbx_struct_sheet_hbond.range_id_2 
_pdbx_struct_sheet_hbond.range_1_label_atom_id 
_pdbx_struct_sheet_hbond.range_1_label_comp_id 
_pdbx_struct_sheet_hbond.range_1_label_asym_id 
_pdbx_struct_sheet_hbond.range_1_label_seq_id 
_pdbx_struct_sheet_hbond.range_1_PDB_ins_code 
_pdbx_struct_sheet_hbond.range_1_auth_atom_id 
_pdbx_struct_sheet_hbond.range_1_auth_comp_id 
_pdbx_struct_sheet_hbond.range_1_auth_asym_id 
_pdbx_struct_sheet_hbond.range_1_auth_seq_id 
_pdbx_struct_sheet_hbond.range_2_label_atom_id 
_pdbx_struct_sheet_hbond.range_2_label_comp_id 
_pdbx_struct_sheet_hbond.range_2_label_asym_id 
_pdbx_struct_sheet_hbond.range_2_label_seq_id 
_pdbx_struct_sheet_hbond.range_2_PDB_ins_code 
_pdbx_struct_sheet_hbond.range_2_auth_atom_id 
_pdbx_struct_sheet_hbond.range_2_auth_comp_id 
_pdbx_struct_sheet_hbond.range_2_auth_asym_id 
_pdbx_struct_sheet_hbond.range_2_auth_seq_id 
AA1 1 2 N THR B 28  ? N THR A 5   O SER B 46  ? O SER A 23  
AA1 2 3 N ILE B 43  ? N ILE A 20  O LEU B 97  ? O LEU A 74  
AA1 3 4 O THR B 98  ? O THR A 75  N SER B 87  ? N SER A 64  
AA2 1 2 N VAL B 33  ? N VAL A 10  O THR B 131 ? O THR A 108 
AA2 2 3 O VAL B 130 ? O VAL A 107 N ALA B 108 ? N ALA A 85  
AA2 3 4 O TYR B 111 ? O TYR A 88  N ILE B 60  ? N ILE A 37  
AA2 4 5 N TRP B 59  ? N TRP A 36  O LEU B 71  ? O LEU A 48  
AA2 5 6 N TYR B 73  ? N TYR A 50  O LEU B 77  ? O LEU A 54  
AA3 1 2 N VAL B 33  ? N VAL A 10  O THR B 131 ? O THR A 108 
AA3 2 3 O VAL B 130 ? O VAL A 107 N ALA B 108 ? N ALA A 85  
AA3 3 4 N THR B 114 ? N THR A 91  O VAL B 123 ? O VAL A 100 
# 
_atom_sites.entry_id                    6K3M 
_atom_sites.fract_transf_matrix[1][1]   0.00266042 
_atom_sites.fract_transf_matrix[1][2]   0.02674966 
_atom_sites.fract_transf_matrix[1][3]   0.02479401 
_atom_sites.fract_transf_matrix[2][1]   0.01721985 
_atom_sites.fract_transf_matrix[2][2]   0.00209063 
_atom_sites.fract_transf_matrix[2][3]   -0.00410324 
_atom_sites.fract_transf_matrix[3][1]   -0.00257963 
_atom_sites.fract_transf_matrix[3][2]   0.00698989 
_atom_sites.fract_transf_matrix[3][3]   -0.00726442 
_atom_sites.fract_transf_vector[1]      -0.535772 
_atom_sites.fract_transf_vector[2]      -0.498328 
_atom_sites.fract_transf_vector[3]      0.356154 
# 
loop_
_atom_type.symbol 
C 
N 
O 
S 
# 
loop_
_atom_site.group_PDB 
_atom_site.id 
_atom_site.type_symbol 
_atom_site.label_atom_id 
_atom_site.label_alt_id 
_atom_site.label_comp_id 
_atom_site.label_asym_id 
_atom_site.label_entity_id 
_atom_site.label_seq_id 
_atom_site.pdbx_PDB_ins_code 
_atom_site.Cartn_x 
_atom_site.Cartn_y 
_atom_site.Cartn_z 
_atom_site.occupancy 
_atom_site.B_iso_or_equiv 
_atom_site.pdbx_formal_charge 
_atom_site.auth_seq_id 
_atom_site.auth_comp_id 
_atom_site.auth_asym_id 
_atom_site.auth_atom_id 
_atom_site.pdbx_PDB_model_num 
ATOM   1    N N   . PHE A 1 22  ? 27.143  19.335  -2.332  1.00 11.77 ?  3   PHE H N   1 
ATOM   2    C CA  . PHE A 1 22  ? 25.730  19.287  -1.788  1.00 10.88 ?  3   PHE H CA  1 
ATOM   3    C C   . PHE A 1 22  ? 25.700  19.915  -0.400  1.00 11.39 ?  3   PHE H C   1 
ATOM   4    O O   . PHE A 1 22  ? 26.689  19.830  0.345   1.00 12.53 ?  3   PHE H O   1 
ATOM   5    C CB  . PHE A 1 22  ? 25.191  17.855  -1.676  1.00 11.43 ?  3   PHE H CB  1 
ATOM   6    C CG  . PHE A 1 22  ? 24.758  17.227  -2.968  1.00 11.88 ?  3   PHE H CG  1 
ATOM   7    C CD1 . PHE A 1 22  ? 24.325  18.007  -4.025  1.00 12.90 ?  3   PHE H CD1 1 
ATOM   8    C CD2 . PHE A 1 22  ? 24.746  15.855  -3.118  1.00 12.15 ?  3   PHE H CD2 1 
ATOM   9    C CE1 . PHE A 1 22  ? 23.912  17.420  -5.215  1.00 14.46 ?  3   PHE H CE1 1 
ATOM   10   C CE2 . PHE A 1 22  ? 24.332  15.272  -4.307  1.00 13.70 ?  3   PHE H CE2 1 
ATOM   11   C CZ  . PHE A 1 22  ? 23.917  16.054  -5.350  1.00 14.97 ?  3   PHE H CZ  1 
ATOM   12   N N   . ASN A 1 23  ? 24.607  20.561  -0.042  1.00 10.74 ?  4   ASN H N   1 
ATOM   13   C CA  . ASN A 1 23  ? 24.394  20.928  1.387   1.00 10.85 ?  4   ASN H CA  1 
ATOM   14   C C   . ASN A 1 23  ? 23.912  19.680  2.157   1.00 10.18 ?  4   ASN H C   1 
ATOM   15   O O   . ASN A 1 23  ? 23.768  18.591  1.550   1.00 10.02 ?  4   ASN H O   1 
ATOM   16   C CB  . ASN A 1 23  ? 23.474  22.139  1.516   1.00 11.01 ?  4   ASN H CB  1 
ATOM   17   C CG  . ASN A 1 23  ? 22.049  21.861  1.102   1.00 11.42 ?  4   ASN H CG  1 
ATOM   18   O OD1 . ASN A 1 23  ? 21.593  20.737  1.211   1.00 9.94  ?  4   ASN H OD1 1 
ATOM   19   N ND2 . ASN A 1 23  ? 21.321  22.892  0.691   1.00 12.69 ?  4   ASN H ND2 1 
ATOM   20   N N   . LYS A 1 24  ? 23.674  19.804  3.464   1.00 10.40 ?  5   LYS H N   1 
ATOM   21   C CA  . LYS A 1 24  ? 23.360  18.637  4.302   1.00 11.40 ?  5   LYS H CA  1 
ATOM   22   C C   . LYS A 1 24  ? 22.058  17.975  3.848   1.00 10.35 ?  5   LYS H C   1 
ATOM   23   O O   . LYS A 1 24  ? 22.014  16.739  3.835   1.00 11.93 ?  5   LYS H O   1 
ATOM   24   C CB  . LYS A 1 24  ? 23.211  18.923  5.795   1.00 13.20 ?  5   LYS H CB  1 
ATOM   25   C CG  . LYS A 1 24  ? 23.045  17.627  6.587   1.00 16.51 ?  5   LYS H CG  1 
ATOM   26   C CD  . LYS A 1 24  ? 23.963  16.456  6.129   1.00 20.25 ?  5   LYS H CD  1 
ATOM   27   C CE  . LYS A 1 24  ? 23.505  15.025  6.420   1.00 21.34 ?  5   LYS H CE  1 
ATOM   28   N NZ  . LYS A 1 24  ? 24.177  14.038  5.525   1.00 23.31 ?  5   LYS H NZ  1 
ATOM   29   N N   . ASP A 1 25  ? 21.081  18.773  3.439   1.00 9.90  ?  6   ASP H N   1 
ATOM   30   C CA  . ASP A 1 25  ? 19.740  18.262  3.064   1.00 9.52  ?  6   ASP H CA  1 
ATOM   31   C C   . ASP A 1 25  ? 19.875  17.470  1.756   1.00 8.27  ?  6   ASP H C   1 
ATOM   32   O O   . ASP A 1 25  ? 19.294  16.371  1.651   1.00 7.89  ?  6   ASP H O   1 
ATOM   33   C CB  . ASP A 1 25  ? 18.726  19.396  2.959   1.00 11.55 ?  6   ASP H CB  1 
ATOM   34   C CG  . ASP A 1 25  ? 18.647  20.265  4.204   1.00 13.03 ?  6   ASP H CG  1 
ATOM   35   O OD1 . ASP A 1 25  ? 18.531  19.726  5.287   1.00 15.17 ?  6   ASP H OD1 1 
ATOM   36   O OD2 . ASP A 1 25  ? 18.693  21.482  4.036   1.00 18.36 -1 6   ASP H OD2 1 
ATOM   37   N N   . GLN A 1 26  ? 20.574  18.052  0.781   1.00 7.37  ?  7   GLN H N   1 
ATOM   38   C CA  . GLN A 1 26  ? 20.790  17.423  -0.544  1.00 6.94  ?  7   GLN H CA  1 
ATOM   39   C C   . GLN A 1 26  ? 21.558  16.124  -0.322  1.00 7.01  ?  7   GLN H C   1 
ATOM   40   O O   . GLN A 1 26  ? 21.191  15.109  -0.886  1.00 6.49  ?  7   GLN H O   1 
ATOM   41   C CB  . GLN A 1 26  ? 21.595  18.343  -1.453  1.00 7.24  ?  7   GLN H CB  1 
ATOM   42   C CG  . GLN A 1 26  ? 20.864  19.574  -1.967  1.00 7.22  ?  7   GLN H CG  1 
ATOM   43   C CD  . GLN A 1 26  ? 21.810  20.465  -2.736  1.00 7.15  ?  7   GLN H CD  1 
ATOM   44   O OE1 . GLN A 1 26  ? 22.854  20.888  -2.218  1.00 7.26  ?  7   GLN H OE1 1 
ATOM   45   N NE2 . GLN A 1 26  ? 21.473  20.783  -3.976  1.00 7.11  ?  7   GLN H NE2 1 
ATOM   46   N N   . GLN A 1 27  ? 22.587  16.164  0.515   1.00 7.01  ?  8   GLN H N   1 
ATOM   47   C CA  . GLN A 1 27  ? 23.438  14.979  0.736   1.00 7.92  ?  8   GLN H CA  1 
ATOM   48   C C   . GLN A 1 27  ? 22.662  13.861  1.445   1.00 8.23  ?  8   GLN H C   1 
ATOM   49   O O   . GLN A 1 27  ? 22.739  12.718  0.978   1.00 7.92  ?  8   GLN H O   1 
ATOM   50   C CB  . GLN A 1 27  ? 24.691  15.378  1.481   1.00 8.79  ?  8   GLN H CB  1 
ATOM   51   C CG  . GLN A 1 27  ? 25.765  14.332  1.360   1.00 10.28 ?  8   GLN H CG  1 
ATOM   52   C CD  . GLN A 1 27  ? 26.901  14.763  2.239   1.00 11.38 ?  8   GLN H CD  1 
ATOM   53   O OE1 . GLN A 1 27  ? 26.812  14.680  3.469   1.00 12.66 ?  8   GLN H OE1 1 
ATOM   54   N NE2 . GLN A 1 27  ? 27.937  15.288  1.604   1.00 12.63 ?  8   GLN H NE2 1 
ATOM   55   N N   . SER A 1 28  ? 21.869  14.148  2.460   1.00 9.44  ?  9   SER H N   1 
ATOM   56   C CA  . SER A 1 28  ? 21.111  13.064  3.122   1.00 10.30 ?  9   SER H CA  1 
ATOM   57   C C   . SER A 1 28  ? 20.054  12.494  2.162   1.00 8.52  ?  9   SER H C   1 
ATOM   58   O O   . SER A 1 28  ? 19.982  11.256  2.098   1.00 7.75  ?  9   SER H O   1 
ATOM   59   C CB  . SER A 1 28  ? 20.591  13.420  4.511   1.00 15.32 ?  9   SER H CB  1 
ATOM   60   O OG  . SER A 1 28  ? 19.814  14.573  4.510   1.00 19.37 ?  9   SER H OG  1 
ATOM   61   N N   . ALA A 1 29  ? 19.313  13.318  1.400   1.00 6.38  ?  10  ALA H N   1 
ATOM   62   C CA  . ALA A 1 29  ? 18.329  12.854  0.401   1.00 5.99  ?  10  ALA H CA  1 
ATOM   63   C C   . ALA A 1 29  ? 19.057  12.034  -0.649  1.00 5.56  ?  10  ALA H C   1 
ATOM   64   O O   . ALA A 1 29  ? 18.527  10.975  -1.013  1.00 6.02  ?  10  ALA H O   1 
ATOM   65   C CB  . ALA A 1 29  ? 17.602  13.999  -0.259  1.00 5.80  ?  10  ALA H CB  1 
ATOM   66   N N   . PHE A 1 30  ? 20.228  12.491  -1.092  1.00 5.83  ?  11  PHE H N   1 
ATOM   67   C CA  . PHE A 1 30  ? 21.018  11.816  -2.165  1.00 6.42  ?  11  PHE H CA  1 
ATOM   68   C C   . PHE A 1 30  ? 21.380  10.392  -1.688  1.00 6.33  ?  11  PHE H C   1 
ATOM   69   O O   . PHE A 1 30  ? 21.162  9.402   -2.402  1.00 6.08  ?  11  PHE H O   1 
ATOM   70   C CB  . PHE A 1 30  ? 22.257  12.636  -2.498  1.00 6.80  ?  11  PHE H CB  1 
ATOM   71   C CG  . PHE A 1 30  ? 23.258  12.000  -3.424  1.00 7.48  ?  11  PHE H CG  1 
ATOM   72   C CD1 . PHE A 1 30  ? 22.989  11.794  -4.768  1.00 8.05  ?  11  PHE H CD1 1 
ATOM   73   C CD2 . PHE A 1 30  ? 24.497  11.625  -2.924  1.00 8.24  ?  11  PHE H CD2 1 
ATOM   74   C CE1 . PHE A 1 30  ? 23.949  11.251  -5.606  1.00 9.27  ?  11  PHE H CE1 1 
ATOM   75   C CE2 . PHE A 1 30  ? 25.454  11.081  -3.765  1.00 9.25  ?  11  PHE H CE2 1 
ATOM   76   C CZ  . PHE A 1 30  ? 25.176  10.875  -5.103  1.00 8.73  ?  11  PHE H CZ  1 
ATOM   77   N N   . TYR A 1 31  ? 21.949  10.270  -0.499  1.00 6.93  ?  12  TYR H N   1 
ATOM   78   C CA  . TYR A 1 31  ? 22.376  8.940   0.000   1.00 7.46  ?  12  TYR H CA  1 
ATOM   79   C C   . TYR A 1 31  ? 21.203  7.962   0.073   1.00 6.89  ?  12  TYR H C   1 
ATOM   80   O O   . TYR A 1 31  ? 21.302  6.798   -0.392  1.00 6.24  ?  12  TYR H O   1 
ATOM   81   C CB  . TYR A 1 31  ? 22.995  9.019   1.392   1.00 9.05  ?  12  TYR H CB  1 
ATOM   82   C CG  . TYR A 1 31  ? 24.319  9.727   1.471   1.00 9.27  ?  12  TYR H CG  1 
ATOM   83   C CD1 . TYR A 1 31  ? 25.174  9.754   0.399   1.00 10.17 ?  12  TYR H CD1 1 
ATOM   84   C CD2 . TYR A 1 31  ? 24.730  10.310  2.664   1.00 11.11 ?  12  TYR H CD2 1 
ATOM   85   C CE1 . TYR A 1 31  ? 26.402  10.395  0.466   1.00 11.75 ?  12  TYR H CE1 1 
ATOM   86   C CE2 . TYR A 1 31  ? 25.987  10.889  2.783   1.00 11.11 ?  12  TYR H CE2 1 
ATOM   87   C CZ  . TYR A 1 31  ? 26.796  10.975  1.658   1.00 12.10 ?  12  TYR H CZ  1 
ATOM   88   O OH  . TYR A 1 31  ? 28.022  11.581  1.666   1.00 15.57 ?  12  TYR H OH  1 
ATOM   89   N N   . GLU A 1 32  ? 20.072  8.401   0.614   1.00 7.09  ?  13  GLU H N   1 
ATOM   90   C CA  . GLU A 1 32  ? 18.880  7.527   0.722   1.00 7.85  ?  13  GLU H CA  1 
ATOM   91   C C   . GLU A 1 32  ? 18.372  7.120   -0.662  1.00 7.06  ?  13  GLU H C   1 
ATOM   92   O O   . GLU A 1 32  ? 18.013  5.972   -0.834  1.00 6.14  ?  13  GLU H O   1 
ATOM   93   C CB  . GLU A 1 32  ? 17.760  8.224   1.470   1.00 9.27  ?  13  GLU H CB  1 
ATOM   94   C CG  . GLU A 1 32  ? 18.108  8.440   2.924   1.00 12.15 ?  13  GLU H CG  1 
ATOM   95   C CD  . GLU A 1 32  ? 16.952  8.892   3.813   1.00 13.71 ?  13  GLU H CD  1 
ATOM   96   O OE1 . GLU A 1 32  ? 15.781  8.449   3.592   1.00 13.38 ?  13  GLU H OE1 1 
ATOM   97   O OE2 . GLU A 1 32  ? 17.243  9.695   4.740   1.00 19.10 -1 13  GLU H OE2 1 
ATOM   98   N N   . ILE A 1 33  ? 18.301  8.078   -1.587  1.00 6.22  ?  14  ILE H N   1 
ATOM   99   C CA  . ILE A 1 33  ? 17.783  7.836   -2.952  1.00 6.42  ?  14  ILE H CA  1 
ATOM   100  C C   . ILE A 1 33  ? 18.723  6.883   -3.701  1.00 5.97  ?  14  ILE H C   1 
ATOM   101  O O   . ILE A 1 33  ? 18.197  5.994   -4.419  1.00 5.23  ?  14  ILE H O   1 
ATOM   102  C CB  . ILE A 1 33  ? 17.532  9.167   -3.704  1.00 6.46  ?  14  ILE H CB  1 
ATOM   103  C CG1 . ILE A 1 33  ? 16.364  9.918   -3.068  1.00 6.57  ?  14  ILE H CG1 1 
ATOM   104  C CG2 . ILE A 1 33  ? 17.330  8.892   -5.195  1.00 6.70  ?  14  ILE H CG2 1 
ATOM   105  C CD1 . ILE A 1 33  ? 16.233  11.377  -3.467  1.00 6.79  ?  14  ILE H CD1 1 
ATOM   106  N N   . LEU A 1 34  ? 20.024  6.978   -3.496  1.00 6.18  ?  15  LEU H N   1 
ATOM   107  C CA  . LEU A 1 34  ? 20.977  6.058   -4.178  1.00 6.94  ?  15  LEU H CA  1 
ATOM   108  C C   . LEU A 1 34  ? 20.648  4.604   -3.816  1.00 6.86  ?  15  LEU H C   1 
ATOM   109  O O   . LEU A 1 34  ? 20.896  3.731   -4.660  1.00 7.45  ?  15  LEU H O   1 
ATOM   110  C CB  . LEU A 1 34  ? 22.428  6.355   -3.791  1.00 8.04  ?  15  LEU H CB  1 
ATOM   111  C CG  . LEU A 1 34  ? 23.107  7.553   -4.442  1.00 9.46  ?  15  LEU H CG  1 
ATOM   112  C CD1 . LEU A 1 34  ? 24.536  7.634   -3.876  1.00 10.13 ?  15  LEU H CD1 1 
ATOM   113  C CD2 . LEU A 1 34  ? 23.107  7.384   -5.957  1.00 10.67 ?  15  LEU H CD2 1 
ATOM   114  N N   . ASN A 1 35  ? 20.146  4.350   -2.612  1.00 6.45  ?  16  ASN H N   1 
ATOM   115  C CA  . ASN A 1 35  ? 19.998  3.001   -2.021  1.00 6.58  ?  16  ASN H CA  1 
ATOM   116  C C   . ASN A 1 35  ? 18.638  2.392   -2.352  1.00 6.80  ?  16  ASN H C   1 
ATOM   117  O O   . ASN A 1 35  ? 18.499  1.175   -2.205  1.00 7.56  ?  16  ASN H O   1 
ATOM   118  C CB  . ASN A 1 35  ? 20.168  3.003   -0.505  1.00 6.20  ?  16  ASN H CB  1 
ATOM   119  C CG  . ASN A 1 35  ? 21.567  3.387   -0.098  1.00 6.03  ?  16  ASN H CG  1 
ATOM   120  O OD1 . ASN A 1 35  ? 22.507  3.313   -0.904  1.00 6.52  ?  16  ASN H OD1 1 
ATOM   121  N ND2 . ASN A 1 35  ? 21.673  3.890   1.113   1.00 6.02  ?  16  ASN H ND2 1 
ATOM   122  N N   . MET A 1 36  ? 17.670  3.169   -2.816  1.00 6.82  ?  17  MET H N   1 
ATOM   123  C CA  . MET A 1 36  ? 16.266  2.689   -2.846  1.00 7.06  ?  17  MET H CA  1 
ATOM   124  C C   . MET A 1 36  ? 16.133  1.545   -3.850  1.00 6.97  ?  17  MET H C   1 
ATOM   125  O O   . MET A 1 36  ? 16.392  1.707   -5.031  1.00 6.14  ?  17  MET H O   1 
ATOM   126  C CB  . MET A 1 36  ? 15.328  3.815   -3.264  1.00 7.30  ?  17  MET H CB  1 
ATOM   127  C CG  . MET A 1 36  ? 15.291  4.887   -2.209  1.00 8.00  ?  17  MET H CG  1 
ATOM   128  S SD  . MET A 1 36  ? 14.269  6.268   -2.701  1.00 8.62  ?  17  MET H SD  1 
ATOM   129  C CE  . MET A 1 36  ? 14.469  7.362   -1.320  1.00 12.61 ?  17  MET H CE  1 
ATOM   130  N N   . PRO A 1 37  ? 15.803  0.333   -3.417  1.00 7.31  ?  18  PRO H N   1 
ATOM   131  C CA  . PRO A 1 37  ? 15.787  -0.792  -4.354  1.00 7.89  ?  18  PRO H CA  1 
ATOM   132  C C   . PRO A 1 37  ? 14.587  -0.877  -5.314  1.00 7.90  ?  18  PRO H C   1 
ATOM   133  O O   . PRO A 1 37  ? 14.653  -1.678  -6.238  1.00 8.23  ?  18  PRO H O   1 
ATOM   134  C CB  . PRO A 1 37  ? 15.836  -2.000  -3.414  1.00 7.84  ?  18  PRO H CB  1 
ATOM   135  C CG  . PRO A 1 37  ? 15.360  -1.526  -2.073  1.00 8.35  ?  18  PRO H CG  1 
ATOM   136  C CD  . PRO A 1 37  ? 15.537  -0.035  -2.016  1.00 7.88  ?  18  PRO H CD  1 
ATOM   137  N N   . ASN A 1 38  ? 13.498  -0.155  -5.067  1.00 7.82  ?  19  ASN H N   1 
ATOM   138  C CA  . ASN A 1 38  ? 12.278  -0.214  -5.933  1.00 8.56  ?  19  ASN H CA  1 
ATOM   139  C C   . ASN A 1 38  ? 12.104  1.112   -6.678  1.00 8.26  ?  19  ASN H C   1 
ATOM   140  O O   . ASN A 1 38  ? 10.971  1.496   -6.978  1.00 9.10  ?  19  ASN H O   1 
ATOM   141  C CB  . ASN A 1 38  ? 11.067  -0.671  -5.110  1.00 9.70  ?  19  ASN H CB  1 
ATOM   142  C CG  . ASN A 1 38  ? 11.284  -2.048  -4.530  1.00 9.67  ?  19  ASN H CG  1 
ATOM   143  O OD1 . ASN A 1 38  ? 11.832  -2.200  -3.445  1.00 9.97  ?  19  ASN H OD1 1 
ATOM   144  N ND2 . ASN A 1 38  ? 10.870  -3.072  -5.257  1.00 11.66 ?  19  ASN H ND2 1 
ATOM   145  N N   . LEU A 1 39  ? 13.217  1.769   -7.008  1.00 7.78  ?  20  LEU H N   1 
ATOM   146  C CA  . LEU A 1 39  ? 13.278  2.807   -8.073  1.00 7.50  ?  20  LEU H CA  1 
ATOM   147  C C   . LEU A 1 39  ? 14.054  2.217   -9.241  1.00 7.89  ?  20  LEU H C   1 
ATOM   148  O O   . LEU A 1 39  ? 14.999  1.428   -8.965  1.00 8.81  ?  20  LEU H O   1 
ATOM   149  C CB  . LEU A 1 39  ? 14.027  4.046   -7.579  1.00 7.20  ?  20  LEU H CB  1 
ATOM   150  C CG  . LEU A 1 39  ? 13.382  4.815   -6.442  1.00 7.28  ?  20  LEU H CG  1 
ATOM   151  C CD1 . LEU A 1 39  ? 14.116  6.109   -6.257  1.00 7.50  ?  20  LEU H CD1 1 
ATOM   152  C CD2 . LEU A 1 39  ? 11.918  5.097   -6.704  1.00 7.28  ?  20  LEU H CD2 1 
ATOM   153  N N   . ASN A 1 40  ? 13.714  2.620   -10.457 1.00 7.73  ?  21  ASN H N   1 
ATOM   154  C CA  . ASN A 1 40  ? 14.557  2.319   -11.637 1.00 8.64  ?  21  ASN H CA  1 
ATOM   155  C C   . ASN A 1 40  ? 15.543  3.472   -11.812 1.00 8.57  ?  21  ASN H C   1 
ATOM   156  O O   . ASN A 1 40  ? 15.430  4.505   -11.101 1.00 7.30  ?  21  ASN H O   1 
ATOM   157  C CB  . ASN A 1 40  ? 13.776  1.999   -12.913 1.00 9.73  ?  21  ASN H CB  1 
ATOM   158  C CG  . ASN A 1 40  ? 13.024  3.180   -13.490 1.00 10.64 ?  21  ASN H CG  1 
ATOM   159  O OD1 . ASN A 1 40  ? 13.456  4.331   -13.372 1.00 11.47 ?  21  ASN H OD1 1 
ATOM   160  N ND2 . ASN A 1 40  ? 11.836  2.911   -14.024 1.00 13.05 ?  21  ASN H ND2 1 
ATOM   161  N N   . GLU A 1 41  ? 16.481  3.326   -12.747 1.00 8.85  ?  22  GLU H N   1 
ATOM   162  C CA  . GLU A 1 41  ? 17.611  4.310   -12.803 1.00 9.85  ?  22  GLU H CA  1 
ATOM   163  C C   . GLU A 1 41  ? 17.127  5.654   -13.358 1.00 8.27  ?  22  GLU H C   1 
ATOM   164  O O   . GLU A 1 41  ? 17.611  6.737   -12.930 1.00 7.73  ?  22  GLU H O   1 
ATOM   165  C CB  . GLU A 1 41  ? 18.785  3.696   -13.573 1.00 11.89 ?  22  GLU H CB  1 
ATOM   166  C CG  . GLU A 1 41  ? 19.463  2.566   -12.766 1.00 14.41 ?  22  GLU H CG  1 
ATOM   167  C CD  . GLU A 1 41  ? 19.680  2.699   -11.249 1.00 16.48 ?  22  GLU H CD  1 
ATOM   168  O OE1 . GLU A 1 41  ? 20.425  3.565   -10.810 1.00 19.12 ?  22  GLU H OE1 1 
ATOM   169  O OE2 . GLU A 1 41  ? 19.068  1.918   -10.492 1.00 20.97 -1 22  GLU H OE2 1 
ATOM   170  N N   . ALA A 1 42  ? 16.161  5.633   -14.251 1.00 7.61  ?  23  ALA H N   1 
ATOM   171  C CA  . ALA A 1 42  ? 15.557  6.883   -14.782 1.00 7.34  ?  23  ALA H CA  1 
ATOM   172  C C   . ALA A 1 42  ? 14.930  7.696   -13.648 1.00 6.67  ?  23  ALA H C   1 
ATOM   173  O O   . ALA A 1 42  ? 15.118  8.915   -13.570 1.00 6.74  ?  23  ALA H O   1 
ATOM   174  C CB  . ALA A 1 42  ? 14.532  6.553   -15.838 1.00 7.37  ?  23  ALA H CB  1 
ATOM   175  N N   . GLN A 1 43  ? 14.175  7.021   -12.787 1.00 6.08  ?  24  GLN H N   1 
ATOM   176  C CA  . GLN A 1 43  ? 13.485  7.688   -11.654 1.00 5.56  ?  24  GLN H CA  1 
ATOM   177  C C   . GLN A 1 43  ? 14.549  8.217   -10.685 1.00 5.40  ?  24  GLN H C   1 
ATOM   178  O O   . GLN A 1 43  ? 14.489  9.406   -10.242 1.00 4.82  ?  24  GLN H O   1 
ATOM   179  C CB  . GLN A 1 43  ? 12.570  6.664   -10.985 1.00 5.36  ?  24  GLN H CB  1 
ATOM   180  C CG  . GLN A 1 43  ? 11.366  6.245   -11.824 1.00 5.07  ?  24  GLN H CG  1 
ATOM   181  C CD  . GLN A 1 43  ? 10.714  4.982   -11.312 1.00 4.85  ?  24  GLN H CD  1 
ATOM   182  O OE1 . GLN A 1 43  ? 11.312  4.229   -10.542 1.00 4.77  ?  24  GLN H OE1 1 
ATOM   183  N NE2 . GLN A 1 43  ? 9.485   4.748   -11.748 1.00 5.15  ?  24  GLN H NE2 1 
ATOM   184  N N   . ARG A 1 44  ? 15.498  7.356   -10.333 1.00 5.83  ?  25  ARG H N   1 
ATOM   185  C CA  . ARG A 1 44  ? 16.553  7.712   -9.349  1.00 6.47  ?  25  ARG H CA  1 
ATOM   186  C C   . ARG A 1 44  ? 17.275  8.956   -9.857  1.00 6.91  ?  25  ARG H C   1 
ATOM   187  O O   . ARG A 1 44  ? 17.481  9.866   -9.069  1.00 6.44  ?  25  ARG H O   1 
ATOM   188  C CB  . ARG A 1 44  ? 17.518  6.545   -9.142  1.00 6.40  ?  25  ARG H CB  1 
ATOM   189  C CG  . ARG A 1 44  ? 18.371  6.657   -7.894  1.00 6.24  ?  25  ARG H CG  1 
ATOM   190  C CD  . ARG A 1 44  ? 19.448  5.589   -7.806  1.00 6.17  ?  25  ARG H CD  1 
ATOM   191  N NE  . ARG A 1 44  ? 18.978  4.282   -8.194  1.00 6.23  ?  25  ARG H NE  1 
ATOM   192  C CZ  . ARG A 1 44  ? 18.221  3.469   -7.472  1.00 6.07  ?  25  ARG H CZ  1 
ATOM   193  N NH1 . ARG A 1 44  ? 17.815  3.811   -6.259  1.00 5.88  1  25  ARG H NH1 1 
ATOM   194  N NH2 . ARG A 1 44  ? 17.822  2.312   -7.993  1.00 6.32  ?  25  ARG H NH2 1 
ATOM   195  N N   . ASN A 1 45  ? 17.716  8.933   -11.118 1.00 8.09  ?  26  ASN H N   1 
ATOM   196  C CA  . ASN A 1 45  ? 18.498  10.049  -11.714 1.00 9.45  ?  26  ASN H CA  1 
ATOM   197  C C   . ASN A 1 45  ? 17.627  11.300  -11.759 1.00 7.75  ?  26  ASN H C   1 
ATOM   198  O O   . ASN A 1 45  ? 18.162  12.373  -11.455 1.00 7.25  ?  26  ASN H O   1 
ATOM   199  C CB  . ASN A 1 45  ? 19.147  9.664   -13.037 1.00 12.41 ?  26  ASN H CB  1 
ATOM   200  C CG  . ASN A 1 45  ? 20.289  8.705   -12.790 1.00 16.78 ?  26  ASN H CG  1 
ATOM   201  O OD1 . ASN A 1 45  ? 21.032  8.846   -11.797 1.00 22.73 ?  26  ASN H OD1 1 
ATOM   202  N ND2 . ASN A 1 45  ? 20.460  7.747   -13.682 1.00 22.07 ?  26  ASN H ND2 1 
ATOM   203  N N   . GLY A 1 46  ? 16.339  11.153  -12.055 1.00 7.20  ?  27  GLY H N   1 
ATOM   204  C CA  . GLY A 1 46  ? 15.376  12.268  -12.014 1.00 6.71  ?  27  GLY H CA  1 
ATOM   205  C C   . GLY A 1 46  ? 15.361  12.911  -10.630 1.00 6.00  ?  27  GLY H C   1 
ATOM   206  O O   . GLY A 1 46  ? 15.471  14.142  -10.523 1.00 5.71  ?  27  GLY H O   1 
ATOM   207  N N   . PHE A 1 47  ? 15.272  12.129  -9.557  1.00 5.38  ?  28  PHE H N   1 
ATOM   208  C CA  . PHE A 1 47  ? 15.174  12.710  -8.190  1.00 5.16  ?  28  PHE H CA  1 
ATOM   209  C C   . PHE A 1 47  ? 16.508  13.394  -7.830  1.00 5.26  ?  28  PHE H C   1 
ATOM   210  O O   . PHE A 1 47  ? 16.522  14.473  -7.246  1.00 4.61  ?  28  PHE H O   1 
ATOM   211  C CB  . PHE A 1 47  ? 14.803  11.632  -7.165  1.00 5.19  ?  28  PHE H CB  1 
ATOM   212  C CG  . PHE A 1 47  ? 13.381  11.159  -7.270  1.00 5.10  ?  28  PHE H CG  1 
ATOM   213  C CD1 . PHE A 1 47  ? 12.325  12.056  -7.207  1.00 4.97  ?  28  PHE H CD1 1 
ATOM   214  C CD2 . PHE A 1 47  ? 13.111  9.826   -7.511  1.00 5.26  ?  28  PHE H CD2 1 
ATOM   215  C CE1 . PHE A 1 47  ? 11.018  11.608  -7.295  1.00 5.48  ?  28  PHE H CE1 1 
ATOM   216  C CE2 . PHE A 1 47  ? 11.801  9.381   -7.608  1.00 5.34  ?  28  PHE H CE2 1 
ATOM   217  C CZ  . PHE A 1 47  ? 10.761  10.272  -7.534  1.00 5.26  ?  28  PHE H CZ  1 
ATOM   218  N N   . ILE A 1 48  ? 17.623  12.814  -8.250  1.00 5.66  ?  29  ILE H N   1 
ATOM   219  C CA  . ILE A 1 48  ? 18.967  13.372  -7.963  1.00 6.71  ?  29  ILE H CA  1 
ATOM   220  C C   . ILE A 1 48  ? 19.132  14.699  -8.709  1.00 6.59  ?  29  ILE H C   1 
ATOM   221  O O   . ILE A 1 48  ? 19.607  15.675  -8.055  1.00 7.20  ?  29  ILE H O   1 
ATOM   222  C CB  . ILE A 1 48  ? 20.038  12.323  -8.276  1.00 7.73  ?  29  ILE H CB  1 
ATOM   223  C CG1 . ILE A 1 48  ? 19.901  11.111  -7.342  1.00 8.62  ?  29  ILE H CG1 1 
ATOM   224  C CG2 . ILE A 1 48  ? 21.415  12.962  -8.166  1.00 8.77  ?  29  ILE H CG2 1 
ATOM   225  C CD1 . ILE A 1 48  ? 20.690  9.870   -7.783  1.00 9.49  ?  29  ILE H CD1 1 
ATOM   226  N N   . GLN A 1 49  ? 18.715  14.789  -9.976  1.00 6.71  ?  30  GLN H N   1 
ATOM   227  C CA  . GLN A 1 49  ? 18.707  16.083  -10.709 1.00 7.50  ?  30  GLN H CA  1 
ATOM   228  C C   . GLN A 1 49  ? 17.826  17.106  -9.972  1.00 6.85  ?  30  GLN H C   1 
ATOM   229  O O   . GLN A 1 49  ? 18.234  18.301  -9.843  1.00 6.56  ?  30  GLN H O   1 
ATOM   230  C CB  . GLN A 1 49  ? 18.243  15.951  -12.156 1.00 9.15  ?  30  GLN H CB  1 
ATOM   231  C CG  . GLN A 1 49  ? 18.557  17.188  -12.965 1.00 10.96 ?  30  GLN H CG  1 
ATOM   232  C CD  . GLN A 1 49  ? 20.047  17.446  -12.972 1.00 13.16 ?  30  GLN H CD  1 
ATOM   233  O OE1 . GLN A 1 49  ? 20.855  16.540  -13.250 1.00 15.76 ?  30  GLN H OE1 1 
ATOM   234  N NE2 . GLN A 1 49  ? 20.429  18.668  -12.617 1.00 14.70 ?  30  GLN H NE2 1 
ATOM   235  N N   . SER A 1 50  ? 16.649  16.689  -9.497  1.00 6.58  ?  31  SER H N   1 
ATOM   236  C CA  . SER A 1 50  ? 15.735  17.572  -8.734  1.00 6.68  ?  31  SER H CA  1 
ATOM   237  C C   . SER A 1 50  ? 16.413  18.100  -7.467  1.00 6.78  ?  31  SER H C   1 
ATOM   238  O O   . SER A 1 50  ? 16.298  19.318  -7.178  1.00 6.45  ?  31  SER H O   1 
ATOM   239  C CB  . SER A 1 50  ? 14.422  16.891  -8.394  1.00 6.94  ?  31  SER H CB  1 
ATOM   240  O OG  . SER A 1 50  ? 13.707  16.547  -9.569  1.00 6.70  ?  31  SER H OG  1 
ATOM   241  N N   . LEU A 1 51  ? 17.114  17.249  -6.723  1.00 6.64  ?  32  LEU H N   1 
ATOM   242  C CA  . LEU A 1 51  ? 17.900  17.702  -5.542  1.00 7.34  ?  32  LEU H CA  1 
ATOM   243  C C   . LEU A 1 51  ? 18.890  18.782  -5.971  1.00 7.19  ?  32  LEU H C   1 
ATOM   244  O O   . LEU A 1 51  ? 19.059  19.751  -5.201  1.00 6.91  ?  32  LEU H O   1 
ATOM   245  C CB  . LEU A 1 51  ? 18.704  16.549  -4.928  1.00 7.57  ?  32  LEU H CB  1 
ATOM   246  C CG  . LEU A 1 51  ? 17.931  15.417  -4.281  1.00 8.23  ?  32  LEU H CG  1 
ATOM   247  C CD1 . LEU A 1 51  ? 18.906  14.390  -3.752  1.00 8.30  ?  32  LEU H CD1 1 
ATOM   248  C CD2 . LEU A 1 51  ? 17.009  15.918  -3.171  1.00 8.29  ?  32  LEU H CD2 1 
ATOM   249  N N   . LYS A 1 52  ? 19.614  18.568  -7.074  1.00 7.88  ?  33  LYS H N   1 
ATOM   250  C CA  . LYS A 1 52  ? 20.635  19.535  -7.576  1.00 9.13  ?  33  LYS H CA  1 
ATOM   251  C C   . LYS A 1 52  ? 19.950  20.855  -7.934  1.00 8.43  ?  33  LYS H C   1 
ATOM   252  O O   . LYS A 1 52  ? 20.471  21.926  -7.609  1.00 8.81  ?  33  LYS H O   1 
ATOM   253  C CB  . LYS A 1 52  ? 21.354  18.972  -8.813  1.00 11.06 ?  33  LYS H CB  1 
ATOM   254  C CG  . LYS A 1 52  ? 22.294  17.831  -8.496  1.00 13.12 ?  33  LYS H CG  1 
ATOM   255  C CD  . LYS A 1 52  ? 23.035  17.301  -9.720  1.00 16.16 ?  33  LYS H CD  1 
ATOM   256  C CE  . LYS A 1 52  ? 23.861  16.062  -9.438  1.00 18.74 ?  33  LYS H CE  1 
ATOM   257  N NZ  . LYS A 1 52  ? 24.608  15.594  -10.631 1.00 22.81 1  33  LYS H NZ  1 
ATOM   258  N N   . ASP A 1 53  ? 18.805  20.798  -8.619  1.00 7.84  ?  34  ASP H N   1 
ATOM   259  C CA  . ASP A 1 53  ? 18.149  21.996  -9.172  1.00 7.70  ?  34  ASP H CA  1 
ATOM   260  C C   . ASP A 1 53  ? 17.442  22.770  -8.054  1.00 6.88  ?  34  ASP H C   1 
ATOM   261  O O   . ASP A 1 53  ? 17.194  23.952  -8.242  1.00 7.06  ?  34  ASP H O   1 
ATOM   262  C CB  . ASP A 1 53  ? 17.149  21.629  -10.250 1.00 8.83  ?  34  ASP H CB  1 
ATOM   263  C CG  . ASP A 1 53  ? 17.781  21.004  -11.475 1.00 9.83  ?  34  ASP H CG  1 
ATOM   264  O OD1 . ASP A 1 53  ? 18.997  21.137  -11.641 1.00 10.70 ?  34  ASP H OD1 1 
ATOM   265  O OD2 . ASP A 1 53  ? 17.021  20.424  -12.280 1.00 12.66 -1 34  ASP H OD2 1 
ATOM   266  N N   . ASP A 1 54  ? 17.024  22.086  -6.984  1.00 6.29  ?  35  ASP H N   1 
ATOM   267  C CA  . ASP A 1 54  ? 15.991  22.596  -6.052  1.00 6.40  ?  35  ASP H CA  1 
ATOM   268  C C   . ASP A 1 54  ? 16.421  22.287  -4.630  1.00 6.47  ?  35  ASP H C   1 
ATOM   269  O O   . ASP A 1 54  ? 15.784  21.511  -3.927  1.00 6.14  ?  35  ASP H O   1 
ATOM   270  C CB  . ASP A 1 54  ? 14.651  21.970  -6.448  1.00 6.09  ?  35  ASP H CB  1 
ATOM   271  C CG  . ASP A 1 54  ? 13.417  22.484  -5.736  1.00 6.17  ?  35  ASP H CG  1 
ATOM   272  O OD1 . ASP A 1 54  ? 13.497  23.509  -5.027  1.00 5.45  ?  35  ASP H OD1 1 
ATOM   273  O OD2 . ASP A 1 54  ? 12.368  21.802  -5.899  1.00 6.06  -1 35  ASP H OD2 1 
ATOM   274  N N   . PRO A 1 55  ? 17.562  22.852  -4.187  1.00 6.90  ?  36  PRO H N   1 
ATOM   275  C CA  . PRO A 1 55  ? 18.139  22.449  -2.900  1.00 6.77  ?  36  PRO H CA  1 
ATOM   276  C C   . PRO A 1 55  ? 17.231  22.671  -1.669  1.00 6.82  ?  36  PRO H C   1 
ATOM   277  O O   . PRO A 1 55  ? 17.256  21.804  -0.737  1.00 7.17  ?  36  PRO H O   1 
ATOM   278  C CB  . PRO A 1 55  ? 19.419  23.307  -2.827  1.00 7.37  ?  36  PRO H CB  1 
ATOM   279  C CG  . PRO A 1 55  ? 19.243  24.409  -3.864  1.00 8.22  ?  36  PRO H CG  1 
ATOM   280  C CD  . PRO A 1 55  ? 18.348  23.857  -4.932  1.00 7.36  ?  36  PRO H CD  1 
ATOM   281  N N   . SER A 1 56  ? 16.406  23.731  -1.673  1.00 6.10  ?  37  SER H N   1 
ATOM   282  C CA  . SER A 1 56  ? 15.515  24.090  -0.527  1.00 6.27  ?  37  SER H CA  1 
ATOM   283  C C   . SER A 1 56  ? 14.320  23.126  -0.408  1.00 5.97  ?  37  SER H C   1 
ATOM   284  O O   . SER A 1 56  ? 13.685  23.105  0.634   1.00 6.08  ?  37  SER H O   1 
ATOM   285  C CB  . SER A 1 56  ? 15.050  25.518  -0.597  1.00 6.49  ?  37  SER H CB  1 
ATOM   286  O OG  . SER A 1 56  ? 13.994  25.696  -1.527  1.00 6.56  ?  37  SER H OG  1 
ATOM   287  N N   . GLN A 1 57  ? 14.069  22.295  -1.410  1.00 5.76  ?  38  GLN H N   1 
ATOM   288  C CA  . GLN A 1 57  ? 13.011  21.268  -1.361  1.00 6.05  ?  38  GLN H CA  1 
ATOM   289  C C   . GLN A 1 57  ? 13.594  19.835  -1.351  1.00 6.12  ?  38  GLN H C   1 
ATOM   290  O O   . GLN A 1 57  ? 12.890  18.892  -1.743  1.00 5.72  ?  38  GLN H O   1 
ATOM   291  C CB  . GLN A 1 57  ? 12.099  21.479  -2.566  1.00 5.51  ?  38  GLN H CB  1 
ATOM   292  C CG  . GLN A 1 57  ? 11.503  22.897  -2.676  1.00 5.75  ?  38  GLN H CG  1 
ATOM   293  C CD  . GLN A 1 57  ? 10.234  22.958  -3.507  1.00 5.50  ?  38  GLN H CD  1 
ATOM   294  O OE1 . GLN A 1 57  ? 9.149   23.439  -3.050  1.00 6.50  ?  38  GLN H OE1 1 
ATOM   295  N NE2 . GLN A 1 57  ? 10.333  22.514  -4.747  1.00 4.37  ?  38  GLN H NE2 1 
ATOM   296  N N   . SER A 1 58  ? 14.832  19.625  -0.913  1.00 6.71  ?  39  SER H N   1 
ATOM   297  C CA  . SER A 1 58  ? 15.436  18.274  -0.817  1.00 7.11  ?  39  SER H CA  1 
ATOM   298  C C   . SER A 1 58  ? 14.544  17.323  -0.004  1.00 7.28  ?  39  SER H C   1 
ATOM   299  O O   . SER A 1 58  ? 14.408  16.145  -0.427  1.00 6.55  ?  39  SER H O   1 
ATOM   300  C CB  . SER A 1 58  ? 16.805  18.337  -0.226  1.00 7.31  ?  39  SER H CB  1 
ATOM   301  O OG  . SER A 1 58  ? 17.660  19.090  -1.043  1.00 8.19  ?  39  SER H OG  1 
ATOM   302  N N   . THR A 1 59  ? 13.912  17.779  1.093   1.00 7.89  ?  40  THR H N   1 
ATOM   303  C CA  . THR A 1 59  ? 13.081  16.886  1.936   1.00 9.47  ?  40  THR H CA  1 
ATOM   304  C C   . THR A 1 59  ? 11.821  16.508  1.147   1.00 8.71  ?  40  THR H C   1 
ATOM   305  O O   . THR A 1 59  ? 11.384  15.338  1.239   1.00 8.56  ?  40  THR H O   1 
ATOM   306  C CB  . THR A 1 59  ? 12.812  17.440  3.338   1.00 11.05 ?  40  THR H CB  1 
ATOM   307  O OG1 . THR A 1 59  ? 11.984  18.581  3.215   1.00 16.02 ?  40  THR H OG1 1 
ATOM   308  C CG2 . THR A 1 59  ? 14.055  17.850  4.065   1.00 11.52 ?  40  THR H CG2 1 
ATOM   309  N N   . ASN A 1 60  ? 11.281  17.431  0.333   1.00 8.69  ?  41  ASN H N   1 
ATOM   310  C CA  . ASN A 1 60  ? 10.090  17.154  -0.528  1.00 9.34  ?  41  ASN H CA  1 
ATOM   311  C C   . ASN A 1 60  ? 10.460  16.113  -1.589  1.00 7.13  ?  41  ASN H C   1 
ATOM   312  O O   . ASN A 1 60  ? 9.622   15.225  -1.888  1.00 6.20  ?  41  ASN H O   1 
ATOM   313  C CB  . ASN A 1 60  ? 9.551   18.398  -1.263  1.00 11.95 ?  41  ASN H CB  1 
ATOM   314  C CG  . ASN A 1 60  ? 8.320   18.168  -2.117  1.00 18.21 ?  41  ASN H CG  1 
ATOM   315  O OD1 . ASN A 1 60  ? 7.912   17.021  -2.365  1.00 29.61 ?  41  ASN H OD1 1 
ATOM   316  N ND2 . ASN A 1 60  ? 7.716   19.247  -2.617  1.00 24.88 ?  41  ASN H ND2 1 
ATOM   317  N N   . VAL A 1 61  ? 11.633  16.291  -2.195  1.00 5.87  ?  42  VAL H N   1 
ATOM   318  C CA  . VAL A 1 61  ? 12.123  15.374  -3.243  1.00 5.27  ?  42  VAL H CA  1 
ATOM   319  C C   . VAL A 1 61  ? 12.255  13.995  -2.618  1.00 4.97  ?  42  VAL H C   1 
ATOM   320  O O   . VAL A 1 61  ? 11.761  12.963  -3.198  1.00 4.38  ?  42  VAL H O   1 
ATOM   321  C CB  . VAL A 1 61  ? 13.430  15.863  -3.868  1.00 4.92  ?  42  VAL H CB  1 
ATOM   322  C CG1 . VAL A 1 61  ? 13.978  14.777  -4.785  1.00 4.85  ?  42  VAL H CG1 1 
ATOM   323  C CG2 . VAL A 1 61  ? 13.211  17.148  -4.655  1.00 4.89  ?  42  VAL H CG2 1 
ATOM   324  N N   . LEU A 1 62  ? 12.886  13.959  -1.452  1.00 5.02  ?  43  LEU H N   1 
ATOM   325  C CA  . LEU A 1 62  ? 13.057  12.657  -0.761  1.00 5.49  ?  43  LEU H CA  1 
ATOM   326  C C   . LEU A 1 62  ? 11.677  12.031  -0.532  1.00 5.35  ?  43  LEU H C   1 
ATOM   327  O O   . LEU A 1 62  ? 11.551  10.815  -0.722  1.00 5.80  ?  43  LEU H O   1 
ATOM   328  C CB  . LEU A 1 62  ? 13.870  12.867  0.510   1.00 5.58  ?  43  LEU H CB  1 
ATOM   329  C CG  . LEU A 1 62  ? 14.074  11.658  1.415   1.00 5.90  ?  43  LEU H CG  1 
ATOM   330  C CD1 . LEU A 1 62  ? 14.826  10.586  0.666   1.00 6.01  ?  43  LEU H CD1 1 
ATOM   331  C CD2 . LEU A 1 62  ? 14.817  12.055  2.695   1.00 6.52  ?  43  LEU H CD2 1 
ATOM   332  N N   . GLY A 1 63  ? 10.695  12.781  -0.025  1.00 5.43  ?  44  GLY H N   1 
ATOM   333  C CA  . GLY A 1 63  ? 9.330   12.274  0.213   1.00 5.49  ?  44  GLY H CA  1 
ATOM   334  C C   . GLY A 1 63  ? 8.735   11.685  -1.055  1.00 5.76  ?  44  GLY H C   1 
ATOM   335  O O   . GLY A 1 63  ? 8.063   10.639  -0.995  1.00 5.66  ?  44  GLY H O   1 
ATOM   336  N N   . GLU A 1 64  ? 8.880   12.384  -2.183  1.00 5.79  ?  45  GLU H N   1 
ATOM   337  C CA  . GLU A 1 64  ? 8.344   11.866  -3.461  1.00 6.48  ?  45  GLU H CA  1 
ATOM   338  C C   . GLU A 1 64  ? 9.053   10.552  -3.827  1.00 5.35  ?  45  GLU H C   1 
ATOM   339  O O   . GLU A 1 64  ? 8.404   9.586   -4.325  1.00 5.16  ?  45  GLU H O   1 
ATOM   340  C CB  . GLU A 1 64  ? 8.548   12.909  -4.556  1.00 7.78  ?  45  GLU H CB  1 
ATOM   341  C CG  . GLU A 1 64  ? 7.700   14.137  -4.316  1.00 9.33  ?  45  GLU H CG  1 
ATOM   342  C CD  . GLU A 1 64  ? 8.236   15.381  -5.014  1.00 12.99 ?  45  GLU H CD  1 
ATOM   343  O OE1 . GLU A 1 64  ? 7.452   16.349  -5.138  1.00 17.94 ?  45  GLU H OE1 1 
ATOM   344  O OE2 . GLU A 1 64  ? 9.423   15.400  -5.450  1.00 15.50 -1 45  GLU H OE2 1 
ATOM   345  N N   . ALA A 1 65  ? 10.341  10.479  -3.628  1.00 5.07  ?  46  ALA H N   1 
ATOM   346  C CA  . ALA A 1 65  ? 11.100  9.262   -3.972  1.00 4.94  ?  46  ALA H CA  1 
ATOM   347  C C   . ALA A 1 65  ? 10.667  8.116   -3.038  1.00 5.23  ?  46  ALA H C   1 
ATOM   348  O O   . ALA A 1 65  ? 10.428  6.995   -3.530  1.00 4.70  ?  46  ALA H O   1 
ATOM   349  C CB  . ALA A 1 65  ? 12.532  9.573   -3.877  1.00 4.95  ?  46  ALA H CB  1 
ATOM   350  N N   . LYS A 1 66  ? 10.556  8.378   -1.747  1.00 5.91  ?  47  LYS H N   1 
ATOM   351  C CA  . LYS A 1 66  ? 10.090  7.352   -0.765  1.00 6.88  ?  47  LYS H CA  1 
ATOM   352  C C   . LYS A 1 66  ? 8.700   6.845   -1.161  1.00 6.75  ?  47  LYS H C   1 
ATOM   353  O O   . LYS A 1 66  ? 8.491   5.623   -1.163  1.00 6.77  ?  47  LYS H O   1 
ATOM   354  C CB  . LYS A 1 66  ? 10.065  7.947   0.638   1.00 8.44  ?  47  LYS H CB  1 
ATOM   355  C CG  . LYS A 1 66  ? 11.442  8.139   1.249   1.00 10.63 ?  47  LYS H CG  1 
ATOM   356  C CD  . LYS A 1 66  ? 11.395  8.685   2.665   1.00 14.13 ?  47  LYS H CD  1 
ATOM   357  C CE  . LYS A 1 66  ? 10.488  7.875   3.564   1.00 18.16 ?  47  LYS H CE  1 
ATOM   358  N NZ  . LYS A 1 66  ? 11.023  6.509   3.778   1.00 23.45 1  47  LYS H NZ  1 
ATOM   359  N N   . LYS A 1 67  ? 7.768   7.718   -1.537  1.00 7.10  ?  48  LYS H N   1 
ATOM   360  C CA  . LYS A 1 67  ? 6.391   7.264   -1.884  1.00 7.96  ?  48  LYS H CA  1 
ATOM   361  C C   . LYS A 1 67  ? 6.452   6.351   -3.111  1.00 6.45  ?  48  LYS H C   1 
ATOM   362  O O   . LYS A 1 67  ? 5.749   5.326   -3.154  1.00 5.78  ?  48  LYS H O   1 
ATOM   363  C CB  . LYS A 1 67  ? 5.516   8.497   -2.086  1.00 11.17 ?  48  LYS H CB  1 
ATOM   364  C CG  . LYS A 1 67  ? 4.040   8.275   -2.353  1.00 15.59 ?  48  LYS H CG  1 
ATOM   365  C CD  . LYS A 1 67  ? 3.336   9.637   -2.552  1.00 19.48 ?  48  LYS H CD  1 
ATOM   366  C CE  . LYS A 1 67  ? 4.278   10.613  -3.254  1.00 26.68 ?  48  LYS H CE  1 
ATOM   367  N NZ  . LYS A 1 67  ? 3.655   11.745  -3.998  1.00 32.87 1  48  LYS H NZ  1 
ATOM   368  N N   . LEU A 1 68  ? 7.255   6.721   -4.099  1.00 5.41  ?  49  LEU H N   1 
ATOM   369  C CA  . LEU A 1 68  ? 7.342   5.954   -5.364  1.00 4.98  ?  49  LEU H CA  1 
ATOM   370  C C   . LEU A 1 68  ? 7.986   4.601   -5.075  1.00 4.90  ?  49  LEU H C   1 
ATOM   371  O O   . LEU A 1 68  ? 7.508   3.561   -5.608  1.00 4.59  ?  49  LEU H O   1 
ATOM   372  C CB  . LEU A 1 68  ? 8.117   6.741   -6.420  1.00 4.91  ?  49  LEU H CB  1 
ATOM   373  C CG  . LEU A 1 68  ? 8.282   6.035   -7.784  1.00 4.66  ?  49  LEU H CG  1 
ATOM   374  C CD1 . LEU A 1 68  ? 6.959   5.683   -8.447  1.00 5.08  ?  49  LEU H CD1 1 
ATOM   375  C CD2 . LEU A 1 68  ? 9.100   6.891   -8.734  1.00 4.70  ?  49  LEU H CD2 1 
ATOM   376  N N   . ASN A 1 69  ? 9.014   4.604   -4.240  1.00 4.79  ?  50  ASN H N   1 
ATOM   377  C CA  . ASN A 1 69  ? 9.720   3.372   -3.829  1.00 5.40  ?  50  ASN H CA  1 
ATOM   378  C C   . ASN A 1 69  ? 8.699   2.452   -3.148  1.00 5.16  ?  50  ASN H C   1 
ATOM   379  O O   . ASN A 1 69  ? 8.584   1.274   -3.527  1.00 5.19  ?  50  ASN H O   1 
ATOM   380  C CB  . ASN A 1 69  ? 10.891  3.725   -2.918  1.00 5.65  ?  50  ASN H CB  1 
ATOM   381  C CG  . ASN A 1 69  ? 11.770  2.539   -2.636  1.00 6.40  ?  50  ASN H CG  1 
ATOM   382  O OD1 . ASN A 1 69  ? 12.288  1.905   -3.566  1.00 6.32  ?  50  ASN H OD1 1 
ATOM   383  N ND2 . ASN A 1 69  ? 11.929  2.253   -1.358  1.00 8.15  ?  50  ASN H ND2 1 
ATOM   384  N N   . LYS A 1 70  ? 7.884   2.994   -2.257  1.00 5.53  ?  51  LYS H N   1 
ATOM   385  C CA  . LYS A 1 70  ? 6.913   2.160   -1.507  1.00 5.84  ?  51  LYS H CA  1 
ATOM   386  C C   . LYS A 1 70  ? 5.801   1.662   -2.448  1.00 5.25  ?  51  LYS H C   1 
ATOM   387  O O   . LYS A 1 70  ? 5.401   0.504   -2.347  1.00 5.06  ?  51  LYS H O   1 
ATOM   388  C CB  . LYS A 1 70  ? 6.330   2.965   -0.352  1.00 7.34  ?  51  LYS H CB  1 
ATOM   389  C CG  . LYS A 1 70  ? 7.337   3.324   0.736   1.00 9.19  ?  51  LYS H CG  1 
ATOM   390  C CD  . LYS A 1 70  ? 6.736   4.221   1.773   1.00 12.21 ?  51  LYS H CD  1 
ATOM   391  C CE  . LYS A 1 70  ? 6.445   5.640   1.293   1.00 14.99 ?  51  LYS H CE  1 
ATOM   392  N NZ  . LYS A 1 70  ? 6.610   6.666   2.367   1.00 18.56 ?  51  LYS H NZ  1 
ATOM   393  N N   . LEU A 1 71  ? 5.366   2.485   -3.393  1.00 4.68  ?  52  LEU H N   1 
ATOM   394  C CA  . LEU A 1 71  ? 4.328   2.089   -4.385  1.00 4.78  ?  52  LEU H CA  1 
ATOM   395  C C   . LEU A 1 71  ? 4.876   0.956   -5.268  1.00 4.96  ?  52  LEU H C   1 
ATOM   396  O O   . LEU A 1 71  ? 4.174   -0.054  -5.482  1.00 4.94  ?  52  LEU H O   1 
ATOM   397  C CB  . LEU A 1 71  ? 3.939   3.314   -5.230  1.00 4.66  ?  52  LEU H CB  1 
ATOM   398  C CG  . LEU A 1 71  ? 3.022   2.985   -6.409  1.00 4.91  ?  52  LEU H CG  1 
ATOM   399  C CD1 . LEU A 1 71  ? 1.753   2.347   -5.920  1.00 4.81  ?  52  LEU H CD1 1 
ATOM   400  C CD2 . LEU A 1 71  ? 2.733   4.206   -7.266  1.00 4.99  ?  52  LEU H CD2 1 
ATOM   401  N N   . GLN A 1 72  ? 6.091   1.099   -5.797  1.00 5.11  ?  53  GLN H N   1 
ATOM   402  C CA  . GLN A 1 72  ? 6.670   0.058   -6.699  1.00 5.54  ?  53  GLN H CA  1 
ATOM   403  C C   . GLN A 1 72  ? 6.984   -1.202  -5.881  1.00 6.26  ?  53  GLN H C   1 
ATOM   404  O O   . GLN A 1 72  ? 6.784   -2.320  -6.434  1.00 6.65  ?  53  GLN H O   1 
ATOM   405  C CB  . GLN A 1 72  ? 7.821   0.653   -7.503  1.00 5.70  ?  53  GLN H CB  1 
ATOM   406  C CG  . GLN A 1 72  ? 7.253   1.648   -8.521  1.00 5.60  ?  53  GLN H CG  1 
ATOM   407  C CD  . GLN A 1 72  ? 8.228   2.351   -9.430  1.00 6.15  ?  53  GLN H CD  1 
ATOM   408  O OE1 . GLN A 1 72  ? 7.849   2.823   -10.507 1.00 6.13  ?  53  GLN H OE1 1 
ATOM   409  N NE2 . GLN A 1 72  ? 9.478   2.495   -9.000  1.00 6.34  ?  53  GLN H NE2 1 
ATOM   410  N N   . LYS A 1 73  ? 7.319   -1.067  -4.605  1.00 6.62  ?  54  LYS H N   1 
ATOM   411  C CA  . LYS A 1 73  ? 7.473   -2.246  -3.704  1.00 7.18  ?  54  LYS H CA  1 
ATOM   412  C C   . LYS A 1 73  ? 6.101   -2.908  -3.558  1.00 6.60  ?  54  LYS H C   1 
ATOM   413  O O   . LYS A 1 73  ? 5.993   -4.152  -3.677  1.00 6.15  ?  54  LYS H O   1 
ATOM   414  C CB  . LYS A 1 73  ? 8.075   -1.857  -2.352  1.00 8.11  ?  54  LYS H CB  1 
ATOM   415  C CG  . LYS A 1 73  ? 8.328   -3.027  -1.405  1.00 9.45  ?  54  LYS H CG  1 
ATOM   416  C CD  . LYS A 1 73  ? 9.365   -4.039  -1.903  1.00 10.55 ?  54  LYS H CD  1 
ATOM   417  C CE  . LYS A 1 73  ? 9.932   -4.881  -0.771  1.00 11.53 ?  54  LYS H CE  1 
ATOM   418  N NZ  . LYS A 1 73  ? 10.775  -6.030  -1.216  1.00 12.21 ?  54  LYS H NZ  1 
ATOM   419  N N   . ALA A 1 74  ? 5.043   -2.114  -3.424  1.00 6.50  ?  55  ALA H N   1 
ATOM   420  C CA  . ALA A 1 74  ? 3.680   -2.666  -3.263  1.00 6.73  ?  55  ALA H CA  1 
ATOM   421  C C   . ALA A 1 74  ? 3.281   -3.420  -4.529  1.00 6.93  ?  55  ALA H C   1 
ATOM   422  O O   . ALA A 1 74  ? 2.660   -4.489  -4.418  1.00 6.61  ?  55  ALA H O   1 
ATOM   423  C CB  . ALA A 1 74  ? 2.695   -1.590  -2.911  1.00 6.81  ?  55  ALA H CB  1 
ATOM   424  N N   . PHE A 1 75  ? 3.675   -2.917  -5.702  1.00 7.03  ?  56  PHE H N   1 
ATOM   425  C CA  . PHE A 1 75  ? 3.365   -3.590  -6.977  1.00 7.91  ?  56  PHE H CA  1 
ATOM   426  C C   . PHE A 1 75  ? 4.046   -4.948  -7.001  1.00 7.68  ?  56  PHE H C   1 
ATOM   427  O O   . PHE A 1 75  ? 3.444   -5.896  -7.581  1.00 7.32  ?  56  PHE H O   1 
ATOM   428  C CB  . PHE A 1 75  ? 3.787   -2.710  -8.159  1.00 8.99  ?  56  PHE H CB  1 
ATOM   429  C CG  . PHE A 1 75  ? 2.807   -1.607  -8.482  1.00 10.85 ?  56  PHE H CG  1 
ATOM   430  C CD1 . PHE A 1 75  ? 1.443   -1.852  -8.475  1.00 13.15 ?  56  PHE H CD1 1 
ATOM   431  C CD2 . PHE A 1 75  ? 3.229   -0.344  -8.886  1.00 12.29 ?  56  PHE H CD2 1 
ATOM   432  C CE1 . PHE A 1 75  ? 0.526   -0.866  -8.817  1.00 12.54 ?  56  PHE H CE1 1 
ATOM   433  C CE2 . PHE A 1 75  ? 2.314   0.640   -9.238  1.00 12.18 ?  56  PHE H CE2 1 
ATOM   434  C CZ  . PHE A 1 75  ? 0.964   0.392   -9.191  1.00 12.91 ?  56  PHE H CZ  1 
ATOM   435  N N   . GLU A 1 76  ? 5.202   -5.098  -6.351  1.00 7.90  ?  57  GLU H N   1 
ATOM   436  C CA  . GLU A 1 76  ? 5.854   -6.437  -6.282  1.00 8.78  ?  57  GLU H CA  1 
ATOM   437  C C   . GLU A 1 76  ? 4.979   -7.402  -5.477  1.00 8.38  ?  57  GLU H C   1 
ATOM   438  O O   . GLU A 1 76  ? 4.869   -8.581  -5.883  1.00 8.77  ?  57  GLU H O   1 
ATOM   439  C CB  . GLU A 1 76  ? 7.266   -6.324  -5.726  1.00 10.68 ?  57  GLU H CB  1 
ATOM   440  C CG  . GLU A 1 76  ? 8.183   -5.588  -6.694  1.00 12.71 ?  57  GLU H CG  1 
ATOM   441  C CD  . GLU A 1 76  ? 8.276   -6.263  -8.050  1.00 15.91 ?  57  GLU H CD  1 
ATOM   442  O OE1 . GLU A 1 76  ? 8.020   -5.592  -9.039  1.00 19.55 ?  57  GLU H OE1 1 
ATOM   443  O OE2 . GLU A 1 76  ? 8.594   -7.489  -8.094  1.00 18.42 ?  57  GLU H OE2 1 
ATOM   444  N N   . SER A 1 77  ? 4.372   -6.943  -4.385  1.00 7.61  ?  58  SER H N   1 
ATOM   445  C CA  . SER A 1 77  ? 3.475   -7.795  -3.555  1.00 7.80  ?  58  SER H CA  1 
ATOM   446  C C   . SER A 1 77  ? 2.313   -8.230  -4.445  1.00 8.01  ?  58  SER H C   1 
ATOM   447  O O   . SER A 1 77  ? 1.893   -9.381  -4.335  1.00 8.44  ?  58  SER H O   1 
ATOM   448  C CB  . SER A 1 77  ? 3.021   -7.131  -2.270  1.00 7.46  ?  58  SER H CB  1 
ATOM   449  O OG  . SER A 1 77  ? 1.997   -6.186  -2.502  1.00 7.64  ?  58  SER H OG  1 
ATOM   450  N N   . LEU A 1 78  ? 1.815   -7.351  -5.321  1.00 8.69  ?  59  LEU H N   1 
ATOM   451  C CA  . LEU A 1 78  ? 0.678   -7.696  -6.216  1.00 9.43  ?  59  LEU H CA  1 
ATOM   452  C C   . LEU A 1 78  ? 1.120   -8.780  -7.196  1.00 10.75 ?  59  LEU H C   1 
ATOM   453  O O   . LEU A 1 78  ? 0.310   -9.695  -7.438  1.00 10.36 ?  59  LEU H O   1 
ATOM   454  C CB  . LEU A 1 78  ? 0.171   -6.449  -6.944  1.00 10.07 ?  59  LEU H CB  1 
ATOM   455  C CG  . LEU A 1 78  ? -0.935  -6.668  -7.979  1.00 10.39 ?  59  LEU H CG  1 
ATOM   456  C CD1 . LEU A 1 78  ? -2.194  -7.204  -7.306  1.00 10.86 ?  59  LEU H CD1 1 
ATOM   457  C CD2 . LEU A 1 78  ? -1.232  -5.400  -8.741  1.00 10.73 ?  59  LEU H CD2 1 
ATOM   458  N N   . LYS A 1 79  ? 2.331   -8.679  -7.737  1.00 11.75 ?  60  LYS H N   1 
ATOM   459  C CA  . LYS A 1 79  ? 2.851   -9.702  -8.672  1.00 14.02 ?  60  LYS H CA  1 
ATOM   460  C C   . LYS A 1 79  ? 2.923   -11.035 -7.929  1.00 12.94 ?  60  LYS H C   1 
ATOM   461  O O   . LYS A 1 79  ? 2.489   -12.064 -8.513  1.00 12.61 ?  60  LYS H O   1 
ATOM   462  C CB  . LYS A 1 79  ? 4.213   -9.338  -9.272  1.00 17.91 ?  60  LYS H CB  1 
ATOM   463  C CG  . LYS A 1 79  ? 4.472   -10.033 -10.603 1.00 23.54 ?  60  LYS H CG  1 
ATOM   464  C CD  . LYS A 1 79  ? 5.886   -10.549 -10.784 1.00 27.97 ?  60  LYS H CD  1 
ATOM   465  C CE  . LYS A 1 79  ? 6.859   -9.452  -11.137 1.00 32.24 ?  60  LYS H CE  1 
ATOM   466  N NZ  . LYS A 1 79  ? 8.229   -9.995  -11.259 1.00 36.23 ?  60  LYS H NZ  1 
ATOM   467  N N   . SER A 1 80  ? 3.449   -11.036 -6.706  1.00 11.07 ?  61  SER H N   1 
ATOM   468  C CA  . SER A 1 80  ? 3.640   -12.260 -5.897  1.00 11.94 ?  61  SER H CA  1 
ATOM   469  C C   . SER A 1 80  ? 2.281   -12.938 -5.671  1.00 12.01 ?  61  SER H C   1 
ATOM   470  O O   . SER A 1 80  ? 2.233   -14.207 -5.606  1.00 12.98 ?  61  SER H O   1 
ATOM   471  C CB  . SER A 1 80  ? 4.302   -11.916 -4.601  1.00 12.07 ?  61  SER H CB  1 
ATOM   472  O OG  . SER A 1 80  ? 4.702   -13.067 -3.912  1.00 15.03 ?  61  SER H OG  1 
ATOM   473  N N   . PHE A 1 81  ? 1.242   -12.131 -5.477  1.00 11.52 ?  62  PHE H N   1 
ATOM   474  C CA  . PHE A 1 81  ? -0.115  -12.576 -5.096  1.00 11.82 ?  62  PHE H CA  1 
ATOM   475  C C   . PHE A 1 81  ? -0.764  -13.416 -6.197  1.00 13.72 ?  62  PHE H C   1 
ATOM   476  O O   . PHE A 1 81  ? -1.574  -14.319 -5.865  1.00 14.62 ?  62  PHE H O   1 
ATOM   477  C CB  . PHE A 1 81  ? -1.000  -11.369 -4.820  1.00 11.29 ?  62  PHE H CB  1 
ATOM   478  C CG  . PHE A 1 81  ? -2.425  -11.689 -4.481  1.00 10.63 ?  62  PHE H CG  1 
ATOM   479  C CD1 . PHE A 1 81  ? -2.733  -12.275 -3.260  1.00 11.47 ?  62  PHE H CD1 1 
ATOM   480  C CD2 . PHE A 1 81  ? -3.465  -11.431 -5.358  1.00 11.89 ?  62  PHE H CD2 1 
ATOM   481  C CE1 . PHE A 1 81  ? -4.040  -12.544 -2.904  1.00 10.96 ?  62  PHE H CE1 1 
ATOM   482  C CE2 . PHE A 1 81  ? -4.780  -11.703 -4.994  1.00 11.31 ?  62  PHE H CE2 1 
ATOM   483  C CZ  . PHE A 1 81  ? -5.062  -12.246 -3.769  1.00 11.41 ?  62  PHE H CZ  1 
ATOM   484  N N   . GLN A 1 82  ? -0.449  -13.128 -7.458  1.00 14.96 ?  63  GLN H N   1 
ATOM   485  C CA  . GLN A 1 82  ? -1.182  -13.745 -8.599  1.00 15.90 ?  63  GLN H CA  1 
ATOM   486  C C   . GLN A 1 82  ? -0.673  -15.156 -8.886  1.00 14.21 ?  63  GLN H C   1 
ATOM   487  O O   . GLN A 1 82  ? -1.427  -15.804 -9.641  1.00 13.47 ?  63  GLN H O   1 
ATOM   488  C CB  . GLN A 1 82  ? -1.124  -12.811 -9.789  1.00 17.47 ?  63  GLN H CB  1 
ATOM   489  C CG  . GLN A 1 82  ? -1.976  -11.573 -9.551  1.00 18.68 ?  63  GLN H CG  1 
ATOM   490  C CD  . GLN A 1 82  ? -1.685  -10.497 -10.563 1.00 19.24 ?  63  GLN H CD  1 
ATOM   491  O OE1 . GLN A 1 82  ? -0.940  -9.547  -10.293 1.00 22.19 ?  63  GLN H OE1 1 
ATOM   492  N NE2 . GLN A 1 82  ? -2.266  -10.652 -11.739 1.00 15.89 ?  63  GLN H NE2 1 
ATOM   493  O OXT . GLN A 1 82  ? 0.370   -15.689 -8.371  1.00 13.81 ?  63  GLN H OXT 1 
ATOM   494  N N   . PRO B 2 25  ? -3.182  -18.992 4.309   1.00 15.59 ?  2   PRO A N   1 
ATOM   495  C CA  . PRO B 2 25  ? -2.660  -17.616 4.289   1.00 13.20 ?  2   PRO A CA  1 
ATOM   496  C C   . PRO B 2 25  ? -2.136  -17.274 5.676   1.00 12.09 ?  2   PRO A C   1 
ATOM   497  O O   . PRO B 2 25  ? -2.659  -17.763 6.700   1.00 14.11 ?  2   PRO A O   1 
ATOM   498  C CB  . PRO B 2 25  ? -3.820  -16.705 3.854   1.00 14.32 ?  2   PRO A CB  1 
ATOM   499  C CG  . PRO B 2 25  ? -4.725  -17.626 3.077   1.00 16.60 ?  2   PRO A CG  1 
ATOM   500  C CD  . PRO B 2 25  ? -4.534  -18.990 3.713   1.00 15.17 ?  2   PRO A CD  1 
ATOM   501  N N   . VAL B 2 26  ? -1.093  -16.477 5.710   1.00 10.05 ?  3   VAL A N   1 
ATOM   502  C CA  . VAL B 2 26  ? -0.401  -16.161 6.986   1.00 9.52  ?  3   VAL A CA  1 
ATOM   503  C C   . VAL B 2 26  ? -1.253  -15.122 7.711   1.00 8.55  ?  3   VAL A C   1 
ATOM   504  O O   . VAL B 2 26  ? -1.257  -15.163 8.953   1.00 8.80  ?  3   VAL A O   1 
ATOM   505  C CB  . VAL B 2 26  ? 1.047   -15.719 6.705   1.00 9.58  ?  3   VAL A CB  1 
ATOM   506  C CG1 . VAL B 2 26  ? 1.772   -15.098 7.884   1.00 9.69  ?  3   VAL A CG1 1 
ATOM   507  C CG2 . VAL B 2 26  ? 1.831   -16.905 6.175   1.00 10.69 ?  3   VAL A CG2 1 
ATOM   508  N N   . LEU B 2 27  ? -1.992  -14.267 6.983   1.00 6.80  ?  4   LEU A N   1 
ATOM   509  C CA  . LEU B 2 27  ? -2.747  -13.178 7.665   1.00 6.40  ?  4   LEU A CA  1 
ATOM   510  C C   . LEU B 2 27  ? -4.201  -13.630 7.781   1.00 6.34  ?  4   LEU A C   1 
ATOM   511  O O   . LEU B 2 27  ? -4.601  -14.445 6.951   1.00 5.53  ?  4   LEU A O   1 
ATOM   512  C CB  . LEU B 2 27  ? -2.643  -11.879 6.875   1.00 6.04  ?  4   LEU A CB  1 
ATOM   513  C CG  . LEU B 2 27  ? -1.231  -11.357 6.580   1.00 5.97  ?  4   LEU A CG  1 
ATOM   514  C CD1 . LEU B 2 27  ? -1.371  -10.091 5.741   1.00 5.99  ?  4   LEU A CD1 1 
ATOM   515  C CD2 . LEU B 2 27  ? -0.384  -11.097 7.849   1.00 5.96  ?  4   LEU A CD2 1 
ATOM   516  N N   . THR B 2 28  ? -4.920  -13.168 8.811   1.00 6.26  ?  5   THR A N   1 
ATOM   517  C CA  . THR B 2 28  ? -6.323  -13.551 9.086   1.00 7.35  ?  5   THR A CA  1 
ATOM   518  C C   . THR B 2 28  ? -7.236  -12.379 8.748   1.00 8.04  ?  5   THR A C   1 
ATOM   519  O O   . THR B 2 28  ? -7.204  -11.355 9.464   1.00 8.19  ?  5   THR A O   1 
ATOM   520  C CB  . THR B 2 28  ? -6.534  -14.019 10.526  1.00 7.61  ?  5   THR A CB  1 
ATOM   521  O OG1 . THR B 2 28  ? -5.699  -15.157 10.701  1.00 7.16  ?  5   THR A OG1 1 
ATOM   522  C CG2 . THR B 2 28  ? -7.953  -14.451 10.820  1.00 8.25  ?  5   THR A CG2 1 
ATOM   523  N N   . GLN B 2 29  ? -8.054  -12.581 7.733   1.00 8.98  ?  6   GLN A N   1 
ATOM   524  C CA  . GLN B 2 29  ? -9.182  -11.681 7.424   1.00 11.99 ?  6   GLN A CA  1 
ATOM   525  C C   . GLN B 2 29  ? -10.467 -12.486 7.620   1.00 16.80 ?  6   GLN A C   1 
ATOM   526  O O   . GLN B 2 29  ? -10.525 -13.655 7.104   1.00 21.25 ?  6   GLN A O   1 
ATOM   527  C CB  . GLN B 2 29  ? -9.097  -11.180 5.981   1.00 9.82  ?  6   GLN A CB  1 
ATOM   528  C CG  . GLN B 2 29  ? -7.816  -10.483 5.576   1.00 8.58  ?  6   GLN A CG  1 
ATOM   529  C CD  . GLN B 2 29  ? -7.841  -10.098 4.115   1.00 8.27  ?  6   GLN A CD  1 
ATOM   530  O OE1 . GLN B 2 29  ? -7.119  -10.630 3.275   1.00 7.67  ?  6   GLN A OE1 1 
ATOM   531  N NE2 . GLN B 2 29  ? -8.695  -9.155  3.774   1.00 7.28  ?  6   GLN A NE2 1 
ATOM   532  N N   . SER B 2 30  ? -11.499 -11.842 8.133   1.00 25.03 ?  7   SER A N   1 
ATOM   533  C CA  . SER B 2 30  ? -12.898 -12.342 8.041   1.00 29.03 ?  7   SER A CA  1 
ATOM   534  C C   . SER B 2 30  ? -13.300 -12.554 6.583   1.00 32.15 ?  7   SER A C   1 
ATOM   535  O O   . SER B 2 30  ? -13.242 -11.594 5.833   1.00 32.84 ?  7   SER A O   1 
ATOM   536  C CB  . SER B 2 30  ? -13.863 -11.412 8.689   1.00 27.72 ?  7   SER A CB  1 
ATOM   537  O OG  . SER B 2 30  ? -15.170 -11.866 8.405   1.00 30.22 ?  7   SER A OG  1 
ATOM   538  N N   . PRO B 2 31  ? -13.748 -13.781 6.181   1.00 31.23 ?  8   PRO A N   1 
ATOM   539  C CA  . PRO B 2 31  ? -14.189 -14.107 4.818   1.00 28.70 ?  8   PRO A CA  1 
ATOM   540  C C   . PRO B 2 31  ? -15.289 -13.291 4.115   1.00 24.96 ?  8   PRO A C   1 
ATOM   541  O O   . PRO B 2 31  ? -15.194 -13.293 2.851   1.00 18.87 ?  8   PRO A O   1 
ATOM   542  C CB  . PRO B 2 31  ? -14.796 -15.533 4.904   1.00 32.46 ?  8   PRO A CB  1 
ATOM   543  C CG  . PRO B 2 31  ? -14.760 -15.914 6.370   1.00 34.16 ?  8   PRO A CG  1 
ATOM   544  C CD  . PRO B 2 31  ? -13.790 -14.975 7.045   1.00 33.96 ?  8   PRO A CD  1 
ATOM   545  N N   . SER B 2 32  ? -16.289 -12.715 4.840   1.00 22.63 ?  9   SER A N   1 
ATOM   546  C CA  . SER B 2 32  ? -17.362 -11.914 4.176   1.00 21.19 ?  9   SER A CA  1 
ATOM   547  C C   . SER B 2 32  ? -18.172 -10.898 5.017   1.00 19.25 ?  9   SER A C   1 
ATOM   548  O O   . SER B 2 32  ? -18.650 -11.155 6.151   1.00 20.03 ?  9   SER A O   1 
ATOM   549  C CB  . SER B 2 32  ? -18.259 -12.843 3.437   1.00 21.13 ?  9   SER A CB  1 
ATOM   550  O OG  . SER B 2 32  ? -19.034 -13.542 4.351   1.00 23.36 ?  9   SER A OG  1 
ATOM   551  N N   . VAL B 2 33  ? -18.458 -9.769  4.373   1.00 16.91 ?  10  VAL A N   1 
ATOM   552  C CA  . VAL B 2 33  ? -19.312 -8.667  4.877   1.00 17.43 ?  10  VAL A CA  1 
ATOM   553  C C   . VAL B 2 33  ? -20.412 -8.426  3.850   1.00 16.98 ?  10  VAL A C   1 
ATOM   554  O O   . VAL B 2 33  ? -20.109 -8.382  2.629   1.00 14.49 ?  10  VAL A O   1 
ATOM   555  C CB  . VAL B 2 33  ? -18.502 -7.381  5.132   1.00 19.23 ?  10  VAL A CB  1 
ATOM   556  C CG1 . VAL B 2 33  ? -19.416 -6.223  5.522   1.00 20.65 ?  10  VAL A CG1 1 
ATOM   557  C CG2 . VAL B 2 33  ? -17.443 -7.633  6.178   1.00 19.63 ?  10  VAL A CG2 1 
ATOM   558  N N   . SER B 2 34  ? -21.618 -8.189  4.348   1.00 18.24 ?  11  SER A N   1 
ATOM   559  C CA  . SER B 2 34  ? -22.797 -7.764  3.557   1.00 19.44 ?  11  SER A CA  1 
ATOM   560  C C   . SER B 2 34  ? -23.112 -6.300  3.860   1.00 19.95 ?  11  SER A C   1 
ATOM   561  O O   . SER B 2 34  ? -23.073 -5.863  5.045   1.00 17.89 ?  11  SER A O   1 
ATOM   562  C CB  . SER B 2 34  ? -23.965 -8.654  3.837   1.00 22.89 ?  11  SER A CB  1 
ATOM   563  O OG  . SER B 2 34  ? -25.032 -8.351  2.956   1.00 27.55 ?  11  SER A OG  1 
ATOM   564  N N   . ALA B 2 35  ? -23.382 -5.522  2.823   1.00 20.26 ?  12  ALA A N   1 
ATOM   565  C CA  . ALA B 2 35  ? -23.702 -4.100  3.028   1.00 22.32 ?  12  ALA A CA  1 
ATOM   566  C C   . ALA B 2 35  ? -24.629 -3.611  1.924   1.00 22.37 ?  12  ALA A C   1 
ATOM   567  O O   . ALA B 2 35  ? -24.980 -4.403  1.011   1.00 26.94 ?  12  ALA A O   1 
ATOM   568  C CB  . ALA B 2 35  ? -22.438 -3.291  3.124   1.00 22.80 ?  12  ALA A CB  1 
ATOM   569  N N   . ALA B 2 36  ? -25.125 -2.401  2.138   1.00 24.15 ?  13  ALA A N   1 
ATOM   570  C CA  . ALA B 2 36  ? -26.038 -1.700  1.217   1.00 25.11 ?  13  ALA A CA  1 
ATOM   571  C C   . ALA B 2 36  ? -25.381 -0.400  0.765   1.00 21.54 ?  13  ALA A C   1 
ATOM   572  O O   . ALA B 2 36  ? -24.474 0.149   1.422   1.00 16.33 ?  13  ALA A O   1 
ATOM   573  C CB  . ALA B 2 36  ? -27.374 -1.489  1.892   1.00 27.54 ?  13  ALA A CB  1 
ATOM   574  N N   . PRO B 2 37  ? -25.802 0.114   -0.411  1.00 18.51 ?  14  PRO A N   1 
ATOM   575  C CA  . PRO B 2 37  ? -25.236 1.350   -0.926  1.00 17.21 ?  14  PRO A CA  1 
ATOM   576  C C   . PRO B 2 37  ? -25.346 2.490   0.096   1.00 16.88 ?  14  PRO A C   1 
ATOM   577  O O   . PRO B 2 37  ? -26.220 2.449   0.926   1.00 15.86 ?  14  PRO A O   1 
ATOM   578  C CB  . PRO B 2 37  ? -26.070 1.644   -2.170  1.00 17.48 ?  14  PRO A CB  1 
ATOM   579  C CG  . PRO B 2 37  ? -26.600 0.281   -2.590  1.00 18.04 ?  14  PRO A CG  1 
ATOM   580  C CD  . PRO B 2 37  ? -26.825 -0.463  -1.304  1.00 17.79 ?  14  PRO A CD  1 
ATOM   581  N N   . ARG B 2 38  ? -24.407 3.436   0.007   1.00 17.33 ?  15  ARG A N   1 
ATOM   582  C CA  . ARG B 2 38  ? -24.369 4.730   0.733   1.00 19.10 ?  15  ARG A CA  1 
ATOM   583  C C   . ARG B 2 38  ? -23.884 4.506   2.171   1.00 19.59 ?  15  ARG A C   1 
ATOM   584  O O   . ARG B 2 38  ? -23.752 5.495   2.906   1.00 25.43 ?  15  ARG A O   1 
ATOM   585  C CB  . ARG B 2 38  ? -25.723 5.447   0.616   1.00 21.11 ?  15  ARG A CB  1 
ATOM   586  C CG  . ARG B 2 38  ? -26.071 5.828   -0.817  1.00 25.51 ?  15  ARG A CG  1 
ATOM   587  C CD  . ARG B 2 38  ? -27.531 5.539   -1.123  1.00 30.85 ?  15  ARG A CD  1 
ATOM   588  N NE  . ARG B 2 38  ? -27.916 6.051   -2.433  1.00 35.91 ?  15  ARG A NE  1 
ATOM   589  C CZ  . ARG B 2 38  ? -28.927 6.893   -2.668  1.00 40.72 ?  15  ARG A CZ  1 
ATOM   590  N NH1 . ARG B 2 38  ? -29.702 7.319   -1.680  1.00 37.36 1  15  ARG A NH1 1 
ATOM   591  N NH2 . ARG B 2 38  ? -29.171 7.294   -3.908  1.00 41.88 ?  15  ARG A NH2 1 
ATOM   592  N N   . GLN B 2 39  ? -23.582 3.282   2.586   1.00 17.68 ?  16  GLN A N   1 
ATOM   593  C CA  . GLN B 2 39  ? -23.085 3.087   3.966   1.00 17.50 ?  16  GLN A CA  1 
ATOM   594  C C   . GLN B 2 39  ? -21.557 3.105   3.939   1.00 15.03 ?  16  GLN A C   1 
ATOM   595  O O   . GLN B 2 39  ? -20.964 3.043   2.847   1.00 12.75 ?  16  GLN A O   1 
ATOM   596  C CB  . GLN B 2 39  ? -23.607 1.812   4.601   1.00 19.99 ?  16  GLN A CB  1 
ATOM   597  C CG  . GLN B 2 39  ? -23.608 1.862   6.132   1.00 24.84 ?  16  GLN A CG  1 
ATOM   598  C CD  . GLN B 2 39  ? -23.940 3.191   6.788   1.00 28.04 ?  16  GLN A CD  1 
ATOM   599  O OE1 . GLN B 2 39  ? -25.120 3.606   6.828   1.00 30.75 ?  16  GLN A OE1 1 
ATOM   600  N NE2 . GLN B 2 39  ? -22.916 3.841   7.363   1.00 19.29 ?  16  GLN A NE2 1 
ATOM   601  N N   . ARG B 2 40  ? -20.975 3.229   5.125   1.00 15.26 ?  17  ARG A N   1 
ATOM   602  C CA  . ARG B 2 40  ? -19.550 2.947   5.412   1.00 16.35 ?  17  ARG A CA  1 
ATOM   603  C C   . ARG B 2 40  ? -19.398 1.464   5.777   1.00 14.71 ?  17  ARG A C   1 
ATOM   604  O O   . ARG B 2 40  ? -20.316 0.877   6.379   1.00 14.71 ?  17  ARG A O   1 
ATOM   605  C CB  . ARG B 2 40  ? -19.112 3.885   6.534   1.00 19.16 ?  17  ARG A CB  1 
ATOM   606  C CG  . ARG B 2 40  ? -17.617 3.968   6.763   1.00 26.08 ?  17  ARG A CG  1 
ATOM   607  C CD  . ARG B 2 40  ? -17.315 4.962   7.860   1.00 30.37 ?  17  ARG A CD  1 
ATOM   608  N NE  . ARG B 2 40  ? -17.265 6.324   7.358   1.00 35.20 ?  17  ARG A NE  1 
ATOM   609  C CZ  . ARG B 2 40  ? -18.280 7.180   7.333   1.00 39.70 ?  17  ARG A CZ  1 
ATOM   610  N NH1 . ARG B 2 40  ? -19.484 6.822   7.749   1.00 47.12 1  17  ARG A NH1 1 
ATOM   611  N NH2 . ARG B 2 40  ? -18.086 8.402   6.868   1.00 44.85 ?  17  ARG A NH2 1 
ATOM   612  N N   . VAL B 2 41  ? -18.288 0.844   5.410   1.00 12.60 ?  18  VAL A N   1 
ATOM   613  C CA  . VAL B 2 41  ? -17.965 -0.524  5.892   1.00 12.29 ?  18  VAL A CA  1 
ATOM   614  C C   . VAL B 2 41  ? -16.496 -0.538  6.266   1.00 10.06 ?  18  VAL A C   1 
ATOM   615  O O   . VAL B 2 41  ? -15.710 0.045   5.523   1.00 9.15  ?  18  VAL A O   1 
ATOM   616  C CB  . VAL B 2 41  ? -18.324 -1.589  4.844   1.00 15.36 ?  18  VAL A CB  1 
ATOM   617  C CG1 . VAL B 2 41  ? -19.797 -1.570  4.524   1.00 16.73 ?  18  VAL A CG1 1 
ATOM   618  C CG2 . VAL B 2 41  ? -17.535 -1.477  3.560   1.00 16.53 ?  18  VAL A CG2 1 
ATOM   619  N N   . THR B 2 42  ? -16.144 -1.131  7.400   1.00 8.63  ?  19  THR A N   1 
ATOM   620  C CA  . THR B 2 42  ? -14.710 -1.302  7.758   1.00 7.96  ?  19  THR A CA  1 
ATOM   621  C C   . THR B 2 42  ? -14.414 -2.800  7.855   1.00 7.43  ?  19  THR A C   1 
ATOM   622  O O   . THR B 2 42  ? -15.212 -3.550  8.502   1.00 7.28  ?  19  THR A O   1 
ATOM   623  C CB  . THR B 2 42  ? -14.386 -0.589  9.069   1.00 7.96  ?  19  THR A CB  1 
ATOM   624  O OG1 . THR B 2 42  ? -14.668 0.788   8.934   1.00 8.60  ?  19  THR A OG1 1 
ATOM   625  C CG2 . THR B 2 42  ? -12.941 -0.786  9.469   1.00 8.18  ?  19  THR A CG2 1 
ATOM   626  N N   . ILE B 2 43  ? -13.387 -3.252  7.133   1.00 7.42  ?  20  ILE A N   1 
ATOM   627  C CA  . ILE B 2 43  ? -12.886 -4.642  7.204   1.00 7.70  ?  20  ILE A CA  1 
ATOM   628  C C   . ILE B 2 43  ? -11.495 -4.583  7.816   1.00 7.73  ?  20  ILE A C   1 
ATOM   629  O O   . ILE B 2 43  ? -10.822 -3.553  7.695   1.00 7.50  ?  20  ILE A O   1 
ATOM   630  C CB  . ILE B 2 43  ? -12.930 -5.327  5.830   1.00 7.88  ?  20  ILE A CB  1 
ATOM   631  C CG1 . ILE B 2 43  ? -12.070 -4.604  4.802   1.00 8.24  ?  20  ILE A CG1 1 
ATOM   632  C CG2 . ILE B 2 43  ? -14.382 -5.509  5.371   1.00 8.07  ?  20  ILE A CG2 1 
ATOM   633  C CD1 . ILE B 2 43  ? -11.975 -5.344  3.502   1.00 8.79  ?  20  ILE A CD1 1 
ATOM   634  N N   . SER B 2 44  ? -11.081 -5.666  8.451   1.00 7.75  ?  21  SER A N   1 
ATOM   635  C CA  . SER B 2 44  ? -9.809  -5.693  9.197   1.00 8.62  ?  21  SER A CA  1 
ATOM   636  C C   . SER B 2 44  ? -9.039  -6.958  8.875   1.00 7.03  ?  21  SER A C   1 
ATOM   637  O O   . SER B 2 44  ? -9.619  -7.979  8.383   1.00 7.54  ?  21  SER A O   1 
ATOM   638  C CB  . SER B 2 44  ? -10.023 -5.547  10.687  1.00 10.25 ?  21  SER A CB  1 
ATOM   639  O OG  . SER B 2 44  ? -10.663 -4.311  10.938  1.00 14.85 ?  21  SER A OG  1 
ATOM   640  N N   . VAL B 2 45  ? -7.771  -6.869  9.207   1.00 6.21  ?  22  VAL A N   1 
ATOM   641  C CA  . VAL B 2 45  ? -6.837  -8.024  9.112   1.00 5.52  ?  22  VAL A CA  1 
ATOM   642  C C   . VAL B 2 45  ? -6.049  -8.095  10.415  1.00 5.57  ?  22  VAL A C   1 
ATOM   643  O O   . VAL B 2 45  ? -5.668  -7.019  10.972  1.00 4.92  ?  22  VAL A O   1 
ATOM   644  C CB  . VAL B 2 45  ? -5.942  -7.933  7.864   1.00 5.19  ?  22  VAL A CB  1 
ATOM   645  C CG1 . VAL B 2 45  ? -5.126  -6.658  7.831   1.00 5.11  ?  22  VAL A CG1 1 
ATOM   646  C CG2 . VAL B 2 45  ? -5.036  -9.148  7.732   1.00 5.02  ?  22  VAL A CG2 1 
ATOM   647  N N   . SER B 2 46  ? -5.837  -9.317  10.897  1.00 5.90  ?  23  SER A N   1 
ATOM   648  C CA  . SER B 2 46  ? -5.018  -9.593  12.091  1.00 6.52  ?  23  SER A CA  1 
ATOM   649  C C   . SER B 2 46  ? -3.748  -10.288 11.662  1.00 6.20  ?  23  SER A C   1 
ATOM   650  O O   . SER B 2 46  ? -3.865  -11.319 10.948  1.00 6.04  ?  23  SER A O   1 
ATOM   651  C CB  . SER B 2 46  ? -5.746  -10.426 13.107  1.00 7.74  ?  23  SER A CB  1 
ATOM   652  O OG  . SER B 2 46  ? -6.931  -9.782  13.552  1.00 10.19 ?  23  SER A OG  1 
ATOM   653  N N   . GLY B 2 47  ? -2.619  -9.742  12.122  1.00 6.14  ?  24  GLY A N   1 
ATOM   654  C CA  . GLY B 2 47  ? -1.292  -10.298 11.874  1.00 6.41  ?  24  GLY A CA  1 
ATOM   655  C C   . GLY B 2 47  ? -0.563  -10.562 13.165  1.00 6.64  ?  24  GLY A C   1 
ATOM   656  O O   . GLY B 2 47  ? -1.208  -10.721 14.228  1.00 6.27  ?  24  GLY A O   1 
ATOM   657  N N   . SER B 2 48  ? 0.753   -10.633 13.064  1.00 7.27  ?  25  SER A N   1 
ATOM   658  C CA  . SER B 2 48  ? 1.602   -10.823 14.249  1.00 8.08  ?  25  SER A CA  1 
ATOM   659  C C   . SER B 2 48  ? 2.821   -9.911  14.176  1.00 8.09  ?  25  SER A C   1 
ATOM   660  O O   . SER B 2 48  ? 2.922   -9.058  13.237  1.00 6.49  ?  25  SER A O   1 
ATOM   661  C CB  . SER B 2 48  ? 1.899   -12.284 14.393  1.00 8.73  ?  25  SER A CB  1 
ATOM   662  O OG  . SER B 2 48  ? 2.817   -12.756 13.435  1.00 8.77  ?  25  SER A OG  1 
ATOM   663  N N   . ASN B 2 49  ? 3.690   -10.026 15.176  1.00 9.25  ?  26  ASN A N   1 
ATOM   664  C CA  . ASN B 2 49  ? 4.785   -9.050  15.411  1.00 11.26 ?  26  ASN A CA  1 
ATOM   665  C C   . ASN B 2 49  ? 5.632   -8.846  14.137  1.00 10.41 ?  26  ASN A C   1 
ATOM   666  O O   . ASN B 2 49  ? 5.901   -7.672  13.780  1.00 12.39 ?  26  ASN A O   1 
ATOM   667  C CB  . ASN B 2 49  ? 5.665   -9.524  16.574  1.00 13.13 ?  26  ASN A CB  1 
ATOM   668  C CG  . ASN B 2 49  ? 4.943   -9.680  17.895  1.00 16.87 ?  26  ASN A CG  1 
ATOM   669  O OD1 . ASN B 2 49  ? 5.166   -10.664 18.623  1.00 21.27 ?  26  ASN A OD1 1 
ATOM   670  N ND2 . ASN B 2 49  ? 4.128   -8.697  18.266  1.00 17.47 ?  26  ASN A ND2 1 
ATOM   671  N N   . SER B 2 50  ? 6.015   -9.911  13.434  1.00 10.88 ?  27  SER A N   1 
ATOM   672  C CA  . SER B 2 50  ? 7.052   -9.864  12.364  1.00 10.99 ?  27  SER A CA  1 
ATOM   673  C C   . SER B 2 50  ? 6.439   -9.524  11.000  1.00 9.19  ?  27  SER A C   1 
ATOM   674  O O   . SER B 2 50  ? 7.217   -9.318  10.093  1.00 9.14  ?  27  SER A O   1 
ATOM   675  C CB  . SER B 2 50  ? 7.858   -11.120 12.331  1.00 14.72 ?  27  SER A CB  1 
ATOM   676  O OG  . SER B 2 50  ? 7.074   -12.175 11.758  1.00 18.50 ?  27  SER A OG  1 
ATOM   677  N N   . ASN B 2 51  ? 5.096   -9.415  10.870  1.00 7.54  ?  28  ASN A N   1 
ATOM   678  C CA  . ASN B 2 51  ? 4.456   -8.984  9.596   1.00 6.68  ?  28  ASN A CA  1 
ATOM   679  C C   . ASN B 2 51  ? 3.843   -7.606  9.870   1.00 6.25  ?  28  ASN A C   1 
ATOM   680  O O   . ASN B 2 51  ? 4.620   -6.596  9.864   1.00 6.20  ?  28  ASN A O   1 
ATOM   681  C CB  . ASN B 2 51  ? 3.609   -10.094 8.944   1.00 6.42  ?  28  ASN A CB  1 
ATOM   682  C CG  . ASN B 2 51  ? 2.624   -10.805 9.838   1.00 6.50  ?  28  ASN A CG  1 
ATOM   683  O OD1 . ASN B 2 51  ? 1.742   -10.164 10.420  1.00 6.25  ?  28  ASN A OD1 1 
ATOM   684  N ND2 . ASN B 2 51  ? 2.696   -12.136 9.892   1.00 6.21  ?  28  ASN A ND2 1 
ATOM   685  N N   . ILE B 2 52  ? 2.558   -7.533  10.187  1.00 5.97  ?  29  ILE A N   1 
ATOM   686  C CA  . ILE B 2 52  ? 1.855   -6.237  10.350  1.00 6.03  ?  29  ILE A CA  1 
ATOM   687  C C   . ILE B 2 52  ? 2.522   -5.448  11.489  1.00 6.28  ?  29  ILE A C   1 
ATOM   688  O O   . ILE B 2 52  ? 2.655   -4.210  11.365  1.00 6.03  ?  29  ILE A O   1 
ATOM   689  C CB  . ILE B 2 52  ? 0.355   -6.470  10.537  1.00 5.92  ?  29  ILE A CB  1 
ATOM   690  C CG1 . ILE B 2 52  ? -0.204  -7.153  9.283   1.00 5.95  ?  29  ILE A CG1 1 
ATOM   691  C CG2 . ILE B 2 52  ? -0.356  -5.170  10.861  1.00 6.09  ?  29  ILE A CG2 1 
ATOM   692  C CD1 . ILE B 2 52  ? -1.661  -7.398  9.333   1.00 6.31  ?  29  ILE A CD1 1 
ATOM   693  N N   . GLY B 2 53  ? 3.017   -6.128  12.522  1.00 6.80  ?  30  GLY A N   1 
ATOM   694  C CA  . GLY B 2 53  ? 3.595   -5.387  13.667  1.00 7.79  ?  30  GLY A CA  1 
ATOM   695  C C   . GLY B 2 53  ? 4.882   -4.684  13.277  1.00 7.89  ?  30  GLY A C   1 
ATOM   696  O O   . GLY B 2 53  ? 5.325   -3.829  14.042  1.00 10.11 ?  30  GLY A O   1 
ATOM   697  N N   . SER B 2 54  ? 5.506   -5.023  12.146  1.00 7.60  ?  31  SER A N   1 
ATOM   698  C CA  . SER B 2 54  ? 6.822   -4.483  11.718  1.00 8.34  ?  31  SER A CA  1 
ATOM   699  C C   . SER B 2 54  ? 6.793   -3.845  10.326  1.00 8.20  ?  31  SER A C   1 
ATOM   700  O O   . SER B 2 54  ? 7.832   -3.340  9.886   1.00 8.80  ?  31  SER A O   1 
ATOM   701  C CB  . SER B 2 54  ? 7.847   -5.595  11.744  1.00 8.97  ?  31  SER A CB  1 
ATOM   702  O OG  . SER B 2 54  ? 7.978   -6.138  13.050  1.00 9.71  ?  31  SER A OG  1 
ATOM   703  N N   . ASN B 2 55  ? 5.710   -3.994  9.557   1.00 7.44  ?  32  ASN A N   1 
ATOM   704  C CA  . ASN B 2 55  ? 5.757   -3.651  8.121   1.00 7.07  ?  32  ASN A CA  1 
ATOM   705  C C   . ASN B 2 55  ? 4.447   -2.983  7.724   1.00 6.62  ?  32  ASN A C   1 
ATOM   706  O O   . ASN B 2 55  ? 3.426   -3.308  8.302   1.00 6.59  ?  32  ASN A O   1 
ATOM   707  C CB  . ASN B 2 55  ? 5.998   -4.894  7.255   1.00 7.45  ?  32  ASN A CB  1 
ATOM   708  C CG  . ASN B 2 55  ? 7.389   -5.446  7.405   1.00 8.77  ?  32  ASN A CG  1 
ATOM   709  O OD1 . ASN B 2 55  ? 8.316   -4.939  6.800   1.00 11.41 ?  32  ASN A OD1 1 
ATOM   710  N ND2 . ASN B 2 55  ? 7.558   -6.442  8.236   1.00 8.63  ?  32  ASN A ND2 1 
ATOM   711  N N   . THR B 2 56  ? 4.496   -2.100  6.742   1.00 6.53  ?  33  THR A N   1 
ATOM   712  C CA  . THR B 2 56  ? 3.290   -1.403  6.265   1.00 5.81  ?  33  THR A CA  1 
ATOM   713  C C   . THR B 2 56  ? 2.436   -2.369  5.452   1.00 5.74  ?  33  THR A C   1 
ATOM   714  O O   . THR B 2 56  ? 2.982   -3.346  4.897   1.00 5.79  ?  33  THR A O   1 
ATOM   715  C CB  . THR B 2 56  ? 3.646   -0.128  5.497   1.00 6.07  ?  33  THR A CB  1 
ATOM   716  O OG1 . THR B 2 56  ? 4.530   -0.478  4.439   1.00 5.73  ?  33  THR A OG1 1 
ATOM   717  C CG2 . THR B 2 56  ? 4.282   0.887   6.421   1.00 6.16  ?  33  THR A CG2 1 
ATOM   718  N N   . VAL B 2 57  ? 1.142   -2.111  5.439   1.00 5.36  ?  34  VAL A N   1 
ATOM   719  C CA  . VAL B 2 57  ? 0.131   -2.999  4.807   1.00 5.15  ?  34  VAL A CA  1 
ATOM   720  C C   . VAL B 2 57  ? -0.308  -2.391  3.468   1.00 4.91  ?  34  VAL A C   1 
ATOM   721  O O   . VAL B 2 57  ? -0.488  -1.164  3.359   1.00 4.60  ?  34  VAL A O   1 
ATOM   722  C CB  . VAL B 2 57  ? -1.023  -3.256  5.802   1.00 5.37  ?  34  VAL A CB  1 
ATOM   723  C CG1 . VAL B 2 57  ? -2.204  -3.959  5.137   1.00 5.52  ?  34  VAL A CG1 1 
ATOM   724  C CG2 . VAL B 2 57  ? -0.517  -4.108  6.967   1.00 5.51  ?  34  VAL A CG2 1 
ATOM   725  N N   . ASN B 2 58  ? -0.519  -3.273  2.494   1.00 5.03  ?  35  ASN A N   1 
ATOM   726  C CA  . ASN B 2 58  ? -1.141  -3.025  1.186   1.00 4.98  ?  35  ASN A CA  1 
ATOM   727  C C   . ASN B 2 58  ? -2.505  -3.708  1.129   1.00 5.13  ?  35  ASN A C   1 
ATOM   728  O O   . ASN B 2 58  ? -2.721  -4.737  1.771   1.00 4.99  ?  35  ASN A O   1 
ATOM   729  C CB  . ASN B 2 58  ? -0.253  -3.517  0.049   1.00 5.03  ?  35  ASN A CB  1 
ATOM   730  C CG  . ASN B 2 58  ? 1.164   -3.042  0.177   1.00 5.03  ?  35  ASN A CG  1 
ATOM   731  O OD1 . ASN B 2 58  ? 1.419   -1.890  0.601   1.00 5.20  ?  35  ASN A OD1 1 
ATOM   732  N ND2 . ASN B 2 58  ? 2.097   -3.939  -0.107  1.00 4.74  ?  35  ASN A ND2 1 
ATOM   733  N N   . TRP B 2 59  ? -3.416  -3.109  0.385   1.00 5.51  ?  36  TRP A N   1 
ATOM   734  C CA  . TRP B 2 59  ? -4.726  -3.704  0.072   1.00 5.61  ?  36  TRP A CA  1 
ATOM   735  C C   . TRP B 2 59  ? -4.839  -3.889  -1.433  1.00 6.07  ?  36  TRP A C   1 
ATOM   736  O O   . TRP B 2 59  ? -4.484  -2.985  -2.249  1.00 5.66  ?  36  TRP A O   1 
ATOM   737  C CB  . TRP B 2 59  ? -5.852  -2.841  0.663   1.00 5.57  ?  36  TRP A CB  1 
ATOM   738  C CG  . TRP B 2 59  ? -5.833  -2.792  2.164   1.00 5.60  ?  36  TRP A CG  1 
ATOM   739  C CD1 . TRP B 2 59  ? -5.192  -1.884  2.965   1.00 5.71  ?  36  TRP A CD1 1 
ATOM   740  C CD2 . TRP B 2 59  ? -6.524  -3.671  3.050   1.00 5.51  ?  36  TRP A CD2 1 
ATOM   741  N NE1 . TRP B 2 59  ? -5.391  -2.170  4.279   1.00 5.86  ?  36  TRP A NE1 1 
ATOM   742  C CE2 . TRP B 2 59  ? -6.237  -3.249  4.369   1.00 5.58  ?  36  TRP A CE2 1 
ATOM   743  C CE3 . TRP B 2 59  ? -7.376  -4.760  2.857   1.00 5.39  ?  36  TRP A CE3 1 
ATOM   744  C CZ2 . TRP B 2 59  ? -6.745  -3.920  5.486   1.00 5.81  ?  36  TRP A CZ2 1 
ATOM   745  C CZ3 . TRP B 2 59  ? -7.894  -5.397  3.964   1.00 5.77  ?  36  TRP A CZ3 1 
ATOM   746  C CH2 . TRP B 2 59  ? -7.619  -4.955  5.247   1.00 5.59  ?  36  TRP A CH2 1 
ATOM   747  N N   . ILE B 2 60  ? -5.335  -5.057  -1.785  1.00 6.45  ?  37  ILE A N   1 
ATOM   748  C CA  . ILE B 2 60  ? -5.543  -5.503  -3.191  1.00 6.80  ?  37  ILE A CA  1 
ATOM   749  C C   . ILE B 2 60  ? -7.036  -5.687  -3.359  1.00 7.16  ?  37  ILE A C   1 
ATOM   750  O O   . ILE B 2 60  ? -7.663  -6.340  -2.491  1.00 6.32  ?  37  ILE A O   1 
ATOM   751  C CB  . ILE B 2 60  ? -4.768  -6.800  -3.470  1.00 7.49  ?  37  ILE A CB  1 
ATOM   752  C CG1 . ILE B 2 60  ? -3.252  -6.547  -3.441  1.00 7.60  ?  37  ILE A CG1 1 
ATOM   753  C CG2 . ILE B 2 60  ? -5.205  -7.427  -4.792  1.00 7.69  ?  37  ILE A CG2 1 
ATOM   754  C CD1 . ILE B 2 60  ? -2.424  -7.800  -3.310  1.00 8.36  ?  37  ILE A CD1 1 
ATOM   755  N N   . GLN B 2 61  ? -7.580  -5.161  -4.457  1.00 7.18  ?  38  GLN A N   1 
ATOM   756  C CA  . GLN B 2 61  ? -9.017  -5.285  -4.758  1.00 8.22  ?  38  GLN A CA  1 
ATOM   757  C C   . GLN B 2 61  ? -9.151  -6.231  -5.968  1.00 9.06  ?  38  GLN A C   1 
ATOM   758  O O   . GLN B 2 61  ? -8.455  -6.028  -6.961  1.00 8.20  ?  38  GLN A O   1 
ATOM   759  C CB  . GLN B 2 61  ? -9.634  -3.918  -5.016  1.00 8.76  ?  38  GLN A CB  1 
ATOM   760  C CG  . GLN B 2 61  ? -11.112 -4.023  -5.356  1.00 9.05  ?  38  GLN A CG  1 
ATOM   761  C CD  . GLN B 2 61  ? -11.701 -2.745  -5.901  1.00 9.81  ?  38  GLN A CD  1 
ATOM   762  O OE1 . GLN B 2 61  ? -11.227 -2.214  -6.905  1.00 10.88 ?  38  GLN A OE1 1 
ATOM   763  N NE2 . GLN B 2 61  ? -12.726 -2.240  -5.229  1.00 8.97  ?  38  GLN A NE2 1 
ATOM   764  N N   . GLN B 2 62  ? -10.027 -7.218  -5.875  1.00 9.83  ?  39  GLN A N   1 
ATOM   765  C CA  . GLN B 2 62  ? -10.372 -8.054  -7.047  1.00 11.80 ?  39  GLN A CA  1 
ATOM   766  C C   . GLN B 2 62  ? -11.884 -7.980  -7.296  1.00 11.43 ?  39  GLN A C   1 
ATOM   767  O O   . GLN B 2 62  ? -12.666 -8.632  -6.556  1.00 10.79 ?  39  GLN A O   1 
ATOM   768  C CB  . GLN B 2 62  ? -9.905  -9.474  -6.866  1.00 14.52 ?  39  GLN A CB  1 
ATOM   769  C CG  . GLN B 2 62  ? -10.265 -10.272 -8.099  1.00 17.14 ?  39  GLN A CG  1 
ATOM   770  C CD  . GLN B 2 62  ? -9.293  -11.383 -8.310  1.00 20.89 ?  39  GLN A CD  1 
ATOM   771  O OE1 . GLN B 2 62  ? -8.808  -11.981 -7.355  1.00 26.95 ?  39  GLN A OE1 1 
ATOM   772  N NE2 . GLN B 2 62  ? -9.024  -11.659 -9.581  1.00 23.71 ?  39  GLN A NE2 1 
ATOM   773  N N   . LEU B 2 63  ? -12.268 -7.197  -8.290  1.00 12.00 ?  40  LEU A N   1 
ATOM   774  C CA  . LEU B 2 63  ? -13.682 -7.060  -8.689  1.00 14.26 ?  40  LEU A CA  1 
ATOM   775  C C   . LEU B 2 63  ? -14.091 -8.388  -9.300  1.00 15.35 ?  40  LEU A C   1 
ATOM   776  O O   . LEU B 2 63  ? -13.247 -9.157  -9.744  1.00 15.21 ?  40  LEU A O   1 
ATOM   777  C CB  . LEU B 2 63  ? -13.825 -5.878  -9.641  1.00 14.09 ?  40  LEU A CB  1 
ATOM   778  C CG  . LEU B 2 63  ? -13.281 -4.559  -9.100  1.00 16.20 ?  40  LEU A CG  1 
ATOM   779  C CD1 . LEU B 2 63  ? -12.919 -3.593  -10.228 1.00 17.37 ?  40  LEU A CD1 1 
ATOM   780  C CD2 . LEU B 2 63  ? -14.272 -3.928  -8.134  1.00 16.04 ?  40  LEU A CD2 1 
ATOM   781  N N   . PRO B 2 64  ? -15.387 -8.736  -9.270  1.00 18.05 ?  41  PRO A N   1 
ATOM   782  C CA  . PRO B 2 64  ? -15.825 -10.030 -9.767  1.00 18.71 ?  41  PRO A CA  1 
ATOM   783  C C   . PRO B 2 64  ? -15.397 -10.145 -11.237 1.00 17.27 ?  41  PRO A C   1 
ATOM   784  O O   . PRO B 2 64  ? -15.610 -9.210  -12.018 1.00 16.65 ?  41  PRO A O   1 
ATOM   785  C CB  . PRO B 2 64  ? -17.350 -10.034 -9.592  1.00 20.35 ?  41  PRO A CB  1 
ATOM   786  C CG  . PRO B 2 64  ? -17.604 -8.919  -8.590  1.00 19.31 ?  41  PRO A CG  1 
ATOM   787  C CD  . PRO B 2 64  ? -16.513 -7.892  -8.844  1.00 18.84 ?  41  PRO A CD  1 
ATOM   788  N N   . GLY B 2 65  ? -14.709 -11.241 -11.519 1.00 16.97 ?  42  GLY A N   1 
ATOM   789  C CA  . GLY B 2 65  ? -14.247 -11.627 -12.864 1.00 16.31 ?  42  GLY A CA  1 
ATOM   790  C C   . GLY B 2 65  ? -13.163 -10.717 -13.416 1.00 16.70 ?  42  GLY A C   1 
ATOM   791  O O   . GLY B 2 65  ? -12.983 -10.754 -14.624 1.00 15.88 ?  42  GLY A O   1 
ATOM   792  N N   . ARG B 2 66  ? -12.471 -9.911  -12.593 1.00 16.64 ?  43  ARG A N   1 
ATOM   793  C CA  . ARG B 2 66  ? -11.370 -9.016  -13.049 1.00 18.74 ?  43  ARG A CA  1 
ATOM   794  C C   . ARG B 2 66  ? -10.038 -9.468  -12.423 1.00 18.09 ?  43  ARG A C   1 
ATOM   795  O O   . ARG B 2 66  ? -10.069 -10.151 -11.408 1.00 16.72 ?  43  ARG A O   1 
ATOM   796  C CB  . ARG B 2 66  ? -11.676 -7.558  -12.694 1.00 21.51 ?  43  ARG A CB  1 
ATOM   797  C CG  . ARG B 2 66  ? -13.091 -7.106  -13.028 1.00 26.72 ?  43  ARG A CG  1 
ATOM   798  C CD  . ARG B 2 66  ? -13.211 -6.421  -14.370 1.00 33.92 ?  43  ARG A CD  1 
ATOM   799  N NE  . ARG B 2 66  ? -14.588 -5.996  -14.604 1.00 39.67 ?  43  ARG A NE  1 
ATOM   800  C CZ  . ARG B 2 66  ? -14.961 -5.040  -15.460 1.00 45.42 ?  43  ARG A CZ  1 
ATOM   801  N NH1 . ARG B 2 66  ? -14.055 -4.408  -16.190 1.00 47.14 1  43  ARG A NH1 1 
ATOM   802  N NH2 . ARG B 2 66  ? -16.242 -4.727  -15.597 1.00 47.23 ?  43  ARG A NH2 1 
ATOM   803  N N   . ALA B 2 67  ? -8.891  -9.086  -12.986 1.00 17.77 ?  44  ALA A N   1 
ATOM   804  C CA  . ALA B 2 67  ? -7.593  -9.380  -12.341 1.00 17.58 ?  44  ALA A CA  1 
ATOM   805  C C   . ALA B 2 67  ? -7.520  -8.545  -11.062 1.00 14.85 ?  44  ALA A C   1 
ATOM   806  O O   . ALA B 2 67  ? -8.125  -7.495  -10.979 1.00 15.11 ?  44  ALA A O   1 
ATOM   807  C CB  . ALA B 2 67  ? -6.417  -9.068  -13.240 1.00 19.88 ?  44  ALA A CB  1 
ATOM   808  N N   . PRO B 2 68  ? -6.728  -8.952  -10.058 1.00 13.27 ?  45  PRO A N   1 
ATOM   809  C CA  . PRO B 2 68  ? -6.515  -8.098  -8.891  1.00 12.32 ?  45  PRO A CA  1 
ATOM   810  C C   . PRO B 2 68  ? -5.722  -6.835  -9.243  1.00 11.79 ?  45  PRO A C   1 
ATOM   811  O O   . PRO B 2 68  ? -4.831  -6.865  -10.127 1.00 10.54 ?  45  PRO A O   1 
ATOM   812  C CB  . PRO B 2 68  ? -5.705  -8.968  -7.932  1.00 12.10 ?  45  PRO A CB  1 
ATOM   813  C CG  . PRO B 2 68  ? -5.049  -10.011 -8.819  1.00 13.08 ?  45  PRO A CG  1 
ATOM   814  C CD  . PRO B 2 68  ? -6.030  -10.239 -9.950  1.00 13.32 ?  45  PRO A CD  1 
ATOM   815  N N   . GLU B 2 69  ? -5.969  -5.778  -8.464  1.00 11.04 ?  46  GLU A N   1 
ATOM   816  C CA  . GLU B 2 69  ? -5.299  -4.476  -8.625  1.00 11.43 ?  46  GLU A CA  1 
ATOM   817  C C   . GLU B 2 69  ? -4.888  -3.969  -7.252  1.00 9.06  ?  46  GLU A C   1 
ATOM   818  O O   . GLU B 2 69  ? -5.604  -4.193  -6.272  1.00 8.94  ?  46  GLU A O   1 
ATOM   819  C CB  . GLU B 2 69  ? -6.156  -3.454  -9.367  1.00 13.70 ?  46  GLU A CB  1 
ATOM   820  C CG  . GLU B 2 69  ? -6.626  -3.959  -10.738 1.00 17.47 ?  46  GLU A CG  1 
ATOM   821  C CD  . GLU B 2 69  ? -5.527  -4.059  -11.800 1.00 20.70 ?  46  GLU A CD  1 
ATOM   822  O OE1 . GLU B 2 69  ? -5.819  -4.589  -12.877 1.00 25.49 ?  46  GLU A OE1 1 
ATOM   823  O OE2 . GLU B 2 69  ? -4.366  -3.626  -11.556 1.00 26.85 -1 46  GLU A OE2 1 
ATOM   824  N N   . LEU B 2 70  ? -3.812  -3.226  -7.221  1.00 8.07  ?  47  LEU A N   1 
ATOM   825  C CA  . LEU B 2 70  ? -3.445  -2.489  -5.988  1.00 7.62  ?  47  LEU A CA  1 
ATOM   826  C C   . LEU B 2 70  ? -4.490  -1.418  -5.672  1.00 7.27  ?  47  LEU A C   1 
ATOM   827  O O   . LEU B 2 70  ? -4.847  -0.580  -6.557  1.00 7.47  ?  47  LEU A O   1 
ATOM   828  C CB  . LEU B 2 70  ? -2.057  -1.877  -6.121  1.00 7.34  ?  47  LEU A CB  1 
ATOM   829  C CG  . LEU B 2 70  ? -1.525  -1.316  -4.801  1.00 7.23  ?  47  LEU A CG  1 
ATOM   830  C CD1 . LEU B 2 70  ? -1.254  -2.432  -3.785  1.00 6.88  ?  47  LEU A CD1 1 
ATOM   831  C CD2 . LEU B 2 70  ? -0.268  -0.503  -5.053  1.00 7.64  ?  47  LEU A CD2 1 
ATOM   832  N N   . LEU B 2 71  ? -4.942  -1.393  -4.433  1.00 6.87  ?  48  LEU A N   1 
ATOM   833  C CA  . LEU B 2 71  ? -5.935  -0.405  -3.946  1.00 7.08  ?  48  LEU A CA  1 
ATOM   834  C C   . LEU B 2 71  ? -5.233  0.614   -3.044  1.00 6.87  ?  48  LEU A C   1 
ATOM   835  O O   . LEU B 2 71  ? -5.373  1.820   -3.268  1.00 6.72  ?  48  LEU A O   1 
ATOM   836  C CB  . LEU B 2 71  ? -7.032  -1.162  -3.191  1.00 7.46  ?  48  LEU A CB  1 
ATOM   837  C CG  . LEU B 2 71  ? -8.258  -0.355  -2.781  1.00 7.58  ?  48  LEU A CG  1 
ATOM   838  C CD1 . LEU B 2 71  ? -9.147  0.005   -3.957  1.00 8.07  ?  48  LEU A CD1 1 
ATOM   839  C CD2 . LEU B 2 71  ? -9.056  -1.086  -1.713  1.00 7.31  ?  48  LEU A CD2 1 
ATOM   840  N N   . MET B 2 72  ? -4.514  0.129   -2.051  1.00 6.81  ?  49  MET A N   1 
ATOM   841  C CA  . MET B 2 72  ? -3.882  0.981   -1.022  1.00 6.91  ?  49  MET A CA  1 
ATOM   842  C C   . MET B 2 72  ? -2.477  0.426   -0.709  1.00 6.40  ?  49  MET A C   1 
ATOM   843  O O   . MET B 2 72  ? -2.228  -0.761  -0.898  1.00 6.01  ?  49  MET A O   1 
ATOM   844  C CB  . MET B 2 72  ? -4.766  1.052   0.233   1.00 8.27  ?  49  MET A CB  1 
ATOM   845  C CG  . MET B 2 72  ? -6.168  1.676   0.009   1.00 9.67  ?  49  MET A CG  1 
ATOM   846  S SD  . MET B 2 72  ? -6.750  2.601   1.456   1.00 13.15 ?  49  MET A SD  1 
ATOM   847  C CE  . MET B 2 72  ? -5.381  3.768   1.451   1.00 9.99  ?  49  MET A CE  1 
ATOM   848  N N   . TYR B 2 73  ? -1.540  1.282   -0.317  1.00 6.20  ?  50  TYR A N   1 
ATOM   849  C CA  . TYR B 2 73  ? -0.167  0.878   0.085   1.00 6.25  ?  50  TYR A CA  1 
ATOM   850  C C   . TYR B 2 73  ? 0.304   1.805   1.211   1.00 6.29  ?  50  TYR A C   1 
ATOM   851  O O   . TYR B 2 73  ? -0.319  2.870   1.472   1.00 6.41  ?  50  TYR A O   1 
ATOM   852  C CB  . TYR B 2 73  ? 0.770   0.850   -1.118  1.00 6.53  ?  50  TYR A CB  1 
ATOM   853  C CG  . TYR B 2 73  ? 1.064   2.211   -1.682  1.00 6.67  ?  50  TYR A CG  1 
ATOM   854  C CD1 . TYR B 2 73  ? 0.102   2.920   -2.374  1.00 7.32  ?  50  TYR A CD1 1 
ATOM   855  C CD2 . TYR B 2 73  ? 2.283   2.828   -1.459  1.00 6.95  ?  50  TYR A CD2 1 
ATOM   856  C CE1 . TYR B 2 73  ? 0.321   4.202   -2.840  1.00 8.09  ?  50  TYR A CE1 1 
ATOM   857  C CE2 . TYR B 2 73  ? 2.534   4.105   -1.943  1.00 7.66  ?  50  TYR A CE2 1 
ATOM   858  C CZ  . TYR B 2 73  ? 1.551   4.796   -2.623  1.00 7.99  ?  50  TYR A CZ  1 
ATOM   859  O OH  . TYR B 2 73  ? 1.816   6.048   -3.083  1.00 9.79  ?  50  TYR A OH  1 
ATOM   860  N N   . ASP B 2 74  ? 1.369   1.392   1.887   1.00 6.95  ?  51  ASP A N   1 
ATOM   861  C CA  . ASP B 2 74  ? 2.019   2.133   2.987   1.00 7.62  ?  51  ASP A CA  1 
ATOM   862  C C   . ASP B 2 74  ? 0.960   2.450   4.032   1.00 7.49  ?  51  ASP A C   1 
ATOM   863  O O   . ASP B 2 74  ? 0.960   3.576   4.484   1.00 7.60  ?  51  ASP A O   1 
ATOM   864  C CB  . ASP B 2 74  ? 2.664   3.419   2.461   1.00 8.86  ?  51  ASP A CB  1 
ATOM   865  C CG  . ASP B 2 74  ? 3.567   4.094   3.498   1.00 10.72 ?  51  ASP A CG  1 
ATOM   866  O OD1 . ASP B 2 74  ? 4.207   3.390   4.264   1.00 12.27 ?  51  ASP A OD1 1 
ATOM   867  O OD2 . ASP B 2 74  ? 3.644   5.335   3.498   1.00 14.11 -1 51  ASP A OD2 1 
ATOM   868  N N   . ASP B 2 75  ? 0.066   1.506   4.310   1.00 6.68  ?  52  ASP A N   1 
ATOM   869  C CA  . ASP B 2 75  ? -1.029  1.609   5.321   1.00 6.89  ?  52  ASP A CA  1 
ATOM   870  C C   . ASP B 2 75  ? -2.175  2.490   4.818   1.00 6.95  ?  52  ASP A C   1 
ATOM   871  O O   . ASP B 2 75  ? -3.326  2.069   4.950   1.00 7.33  ?  52  ASP A O   1 
ATOM   872  C CB  . ASP B 2 75  ? -0.541  2.171   6.654   1.00 7.07  ?  52  ASP A CB  1 
ATOM   873  C CG  . ASP B 2 75  ? 0.473   1.312   7.377   1.00 7.19  ?  52  ASP A CG  1 
ATOM   874  O OD1 . ASP B 2 75  ? 0.553   0.123   7.078   1.00 7.72  -1 52  ASP A OD1 1 
ATOM   875  O OD2 . ASP B 2 75  ? 1.174   1.863   8.241   1.00 6.94  ?  52  ASP A OD2 1 
ATOM   876  N N   . ASP B 2 76  ? -1.901  3.707   4.342   1.00 6.67  ?  53  ASP A N   1 
ATOM   877  C CA  . ASP B 2 76  ? -2.983  4.707   4.189   1.00 7.27  ?  53  ASP A CA  1 
ATOM   878  C C   . ASP B 2 76  ? -2.833  5.541   2.904   1.00 6.99  ?  53  ASP A C   1 
ATOM   879  O O   . ASP B 2 76  ? -3.533  6.550   2.807   1.00 6.88  ?  53  ASP A O   1 
ATOM   880  C CB  . ASP B 2 76  ? -3.103  5.602   5.414   1.00 8.57  ?  53  ASP A CB  1 
ATOM   881  C CG  . ASP B 2 76  ? -1.937  6.542   5.653   1.00 9.92  ?  53  ASP A CG  1 
ATOM   882  O OD1 . ASP B 2 76  ? -0.929  6.469   4.914   1.00 9.42  ?  53  ASP A OD1 1 
ATOM   883  O OD2 . ASP B 2 76  ? -2.054  7.366   6.612   1.00 12.15 -1 53  ASP A OD2 1 
ATOM   884  N N   . LEU B 2 77  ? -2.026  5.125   1.941   1.00 6.82  ?  54  LEU A N   1 
ATOM   885  C CA  . LEU B 2 77  ? -1.916  5.849   0.645   1.00 7.45  ?  54  LEU A CA  1 
ATOM   886  C C   . LEU B 2 77  ? -2.734  5.181   -0.465  1.00 7.79  ?  54  LEU A C   1 
ATOM   887  O O   . LEU B 2 77  ? -2.709  3.933   -0.589  1.00 7.75  ?  54  LEU A O   1 
ATOM   888  C CB  . LEU B 2 77  ? -0.452  5.956   0.264   1.00 7.86  ?  54  LEU A CB  1 
ATOM   889  C CG  . LEU B 2 77  ? 0.421   6.656   1.304   1.00 8.21  ?  54  LEU A CG  1 
ATOM   890  C CD1 . LEU B 2 77  ? 1.816   6.823   0.752   1.00 8.36  ?  54  LEU A CD1 1 
ATOM   891  C CD2 . LEU B 2 77  ? -0.157  8.011   1.709   1.00 8.98  ?  54  LEU A CD2 1 
ATOM   892  N N   . LEU B 2 78  ? -3.403  5.995   -1.274  1.00 7.26  ?  55  LEU A N   1 
ATOM   893  C CA  . LEU B 2 78  ? -4.228  5.452   -2.373  1.00 7.93  ?  55  LEU A CA  1 
ATOM   894  C C   . LEU B 2 78  ? -3.321  5.131   -3.566  1.00 7.46  ?  55  LEU A C   1 
ATOM   895  O O   . LEU B 2 78  ? -2.523  5.997   -3.993  1.00 6.90  ?  55  LEU A O   1 
ATOM   896  C CB  . LEU B 2 78  ? -5.308  6.464   -2.760  1.00 8.56  ?  55  LEU A CB  1 
ATOM   897  C CG  . LEU B 2 78  ? -6.371  6.768   -1.701  1.00 9.24  ?  55  LEU A CG  1 
ATOM   898  C CD1 . LEU B 2 78  ? -7.106  8.052   -2.058  1.00 10.34 ?  55  LEU A CD1 1 
ATOM   899  C CD2 . LEU B 2 78  ? -7.341  5.607   -1.583  1.00 10.19 ?  55  LEU A CD2 1 
ATOM   900  N N   . ALA B 2 79  ? -3.466  3.950   -4.125  1.00 7.62  ?  56  ALA A N   1 
ATOM   901  C CA  . ALA B 2 79  ? -2.823  3.596   -5.397  1.00 8.43  ?  56  ALA A CA  1 
ATOM   902  C C   . ALA B 2 79  ? -3.375  4.540   -6.457  1.00 9.09  ?  56  ALA A C   1 
ATOM   903  O O   . ALA B 2 79  ? -4.472  5.072   -6.316  1.00 9.75  ?  56  ALA A O   1 
ATOM   904  C CB  . ALA B 2 79  ? -3.057  2.136   -5.755  1.00 8.48  ?  56  ALA A CB  1 
ATOM   905  N N   . PRO B 2 80  ? -2.584  4.837   -7.515  1.00 10.02 ?  57  PRO A N   1 
ATOM   906  C CA  . PRO B 2 80  ? -2.995  5.778   -8.556  1.00 10.76 ?  57  PRO A CA  1 
ATOM   907  C C   . PRO B 2 80  ? -4.399  5.462   -9.080  1.00 10.90 ?  57  PRO A C   1 
ATOM   908  O O   . PRO B 2 80  ? -4.656  4.330   -9.441  1.00 11.44 ?  57  PRO A O   1 
ATOM   909  C CB  . PRO B 2 80  ? -1.924  5.562   -9.648  1.00 10.91 ?  57  PRO A CB  1 
ATOM   910  C CG  . PRO B 2 80  ? -0.704  5.193   -8.858  1.00 10.66 ?  57  PRO A CG  1 
ATOM   911  C CD  . PRO B 2 80  ? -1.241  4.290   -7.754  1.00 10.82 ?  57  PRO A CD  1 
ATOM   912  N N   . GLY B 2 81  ? -5.279  6.465   -9.114  1.00 12.56 ?  58  GLY A N   1 
ATOM   913  C CA  . GLY B 2 81  ? -6.585  6.351   -9.796  1.00 13.34 ?  58  GLY A CA  1 
ATOM   914  C C   . GLY B 2 81  ? -7.649  5.747   -8.904  1.00 13.97 ?  58  GLY A C   1 
ATOM   915  O O   . GLY B 2 81  ? -8.816  5.612   -9.353  1.00 14.49 ?  58  GLY A O   1 
ATOM   916  N N   . VAL B 2 82  ? -7.278  5.387   -7.670  1.00 11.62 ?  59  VAL A N   1 
ATOM   917  C CA  . VAL B 2 82  ? -8.252  4.839   -6.693  1.00 10.87 ?  59  VAL A CA  1 
ATOM   918  C C   . VAL B 2 82  ? -9.076  5.975   -6.057  1.00 11.14 ?  59  VAL A C   1 
ATOM   919  O O   . VAL B 2 82  ? -8.529  7.032   -5.689  1.00 10.73 ?  59  VAL A O   1 
ATOM   920  C CB  . VAL B 2 82  ? -7.536  3.956   -5.662  1.00 10.55 ?  59  VAL A CB  1 
ATOM   921  C CG1 . VAL B 2 82  ? -8.479  3.515   -4.542  1.00 10.33 ?  59  VAL A CG1 1 
ATOM   922  C CG2 . VAL B 2 82  ? -6.890  2.786   -6.385  1.00 11.01 ?  59  VAL A CG2 1 
ATOM   923  N N   . SER B 2 83  ? -10.379 5.716   -5.955  1.00 11.90 ?  60  SER A N   1 
ATOM   924  C CA  . SER B 2 83  ? -11.400 6.591   -5.349  1.00 13.07 ?  60  SER A CA  1 
ATOM   925  C C   . SER B 2 83  ? -10.959 6.999   -3.930  1.00 12.58 ?  60  SER A C   1 
ATOM   926  O O   . SER B 2 83  ? -10.528 6.112   -3.134  1.00 11.87 ?  60  SER A O   1 
ATOM   927  C CB  . SER B 2 83  ? -12.735 5.883   -5.318  1.00 11.98 ?  60  SER A CB  1 
ATOM   928  O OG  . SER B 2 83  ? -13.622 6.646   -4.567  1.00 13.10 ?  60  SER A OG  1 
ATOM   929  N N   . ASP B 2 84  ? -11.131 8.265   -3.584  1.00 12.57 ?  61  ASP A N   1 
ATOM   930  C CA  . ASP B 2 84  ? -10.884 8.757   -2.206  1.00 13.96 ?  61  ASP A CA  1 
ATOM   931  C C   . ASP B 2 84  ? -11.958 8.248   -1.227  1.00 12.06 ?  61  ASP A C   1 
ATOM   932  O O   . ASP B 2 84  ? -11.885 8.605   -0.060  1.00 12.80 ?  61  ASP A O   1 
ATOM   933  C CB  . ASP B 2 84  ? -10.717 10.268  -2.162  1.00 17.06 ?  61  ASP A CB  1 
ATOM   934  C CG  . ASP B 2 84  ? -11.919 11.079  -2.587  1.00 21.24 ?  61  ASP A CG  1 
ATOM   935  O OD1 . ASP B 2 84  ? -13.023 10.511  -2.665  1.00 24.42 -1 61  ASP A OD1 1 
ATOM   936  O OD2 . ASP B 2 84  ? -11.712 12.274  -2.892  1.00 27.24 ?  61  ASP A OD2 1 
ATOM   937  N N   . ARG B 2 85  ? -12.871 7.375   -1.634  1.00 10.45 ?  62  ARG A N   1 
ATOM   938  C CA  . ARG B 2 85  ? -13.836 6.718   -0.716  1.00 9.38  ?  62  ARG A CA  1 
ATOM   939  C C   . ARG B 2 85  ? -13.144 5.579   0.054   1.00 8.75  ?  62  ARG A C   1 
ATOM   940  O O   . ARG B 2 85  ? -13.760 5.050   0.974   1.00 8.19  ?  62  ARG A O   1 
ATOM   941  C CB  . ARG B 2 85  ? -15.047 6.266   -1.523  1.00 10.59 ?  62  ARG A CB  1 
ATOM   942  C CG  . ARG B 2 85  ? -15.877 7.420   -2.060  1.00 10.89 ?  62  ARG A CG  1 
ATOM   943  C CD  . ARG B 2 85  ? -17.105 6.915   -2.790  1.00 11.89 ?  62  ARG A CD  1 
ATOM   944  N NE  . ARG B 2 85  ? -16.801 5.956   -3.840  1.00 12.09 ?  62  ARG A NE  1 
ATOM   945  C CZ  . ARG B 2 85  ? -16.901 4.630   -3.762  1.00 12.10 ?  62  ARG A CZ  1 
ATOM   946  N NH1 . ARG B 2 85  ? -17.294 4.015   -2.658  1.00 13.49 1  62  ARG A NH1 1 
ATOM   947  N NH2 . ARG B 2 85  ? -16.528 3.913   -4.798  1.00 11.85 ?  62  ARG A NH2 1 
ATOM   948  N N   . PHE B 2 86  ? -11.907 5.228   -0.308  1.00 7.82  ?  63  PHE A N   1 
ATOM   949  C CA  . PHE B 2 86  ? -11.113 4.189   0.404   1.00 7.66  ?  63  PHE A CA  1 
ATOM   950  C C   . PHE B 2 86  ? -10.180 4.896   1.376   1.00 7.51  ?  63  PHE A C   1 
ATOM   951  O O   . PHE B 2 86  ? -9.533  5.877   0.993   1.00 8.13  ?  63  PHE A O   1 
ATOM   952  C CB  . PHE B 2 86  ? -10.350 3.278   -0.556  1.00 7.20  ?  63  PHE A CB  1 
ATOM   953  C CG  . PHE B 2 86  ? -11.265 2.433   -1.399  1.00 7.46  ?  63  PHE A CG  1 
ATOM   954  C CD1 . PHE B 2 86  ? -11.759 1.243   -0.891  1.00 7.12  ?  63  PHE A CD1 1 
ATOM   955  C CD2 . PHE B 2 86  ? -11.653 2.826   -2.676  1.00 7.45  ?  63  PHE A CD2 1 
ATOM   956  C CE1 . PHE B 2 86  ? -12.614 0.450   -1.646  1.00 7.41  ?  63  PHE A CE1 1 
ATOM   957  C CE2 . PHE B 2 86  ? -12.555 2.048   -3.404  1.00 7.09  ?  63  PHE A CE2 1 
ATOM   958  C CZ  . PHE B 2 86  ? -13.034 0.866   -2.880  1.00 7.09  ?  63  PHE A CZ  1 
ATOM   959  N N   . SER B 2 87  ? -10.018 4.335   2.564   1.00 7.88  ?  64  SER A N   1 
ATOM   960  C CA  . SER B 2 87  ? -9.024  4.804   3.548   1.00 7.98  ?  64  SER A CA  1 
ATOM   961  C C   . SER B 2 87  ? -8.479  3.608   4.316   1.00 8.17  ?  64  SER A C   1 
ATOM   962  O O   . SER B 2 87  ? -9.191  2.566   4.381   1.00 8.72  ?  64  SER A O   1 
ATOM   963  C CB  . SER B 2 87  ? -9.596  5.842   4.449   1.00 8.49  ?  64  SER A CB  1 
ATOM   964  O OG  . SER B 2 87  ? -10.759 5.382   5.113   1.00 9.37  ?  64  SER A OG  1 
ATOM   965  N N   . GLY B 2 88  ? -7.261  3.712   4.819   1.00 7.84  ?  65  GLY A N   1 
ATOM   966  C CA  . GLY B 2 88  ? -6.667  2.553   5.504   1.00 7.92  ?  65  GLY A CA  1 
ATOM   967  C C   . GLY B 2 88  ? -5.911  2.977   6.731   1.00 8.14  ?  65  GLY A C   1 
ATOM   968  O O   . GLY B 2 88  ? -5.498  4.159   6.799   1.00 6.69  ?  65  GLY A O   1 
ATOM   969  N N   . SER B 2 89  ? -5.704  2.031   7.645   1.00 7.91  ?  66  SER A N   1 
ATOM   970  C CA  . SER B 2 89  ? -4.990  2.272   8.913   1.00 9.49  ?  66  SER A CA  1 
ATOM   971  C C   . SER B 2 89  ? -4.228  1.025   9.340   1.00 8.33  ?  66  SER A C   1 
ATOM   972  O O   . SER B 2 89  ? -4.585  -0.086  8.919   1.00 7.40  ?  66  SER A O   1 
ATOM   973  C CB  . SER B 2 89  ? -5.965  2.665   9.993   1.00 10.88 ?  66  SER A CB  1 
ATOM   974  O OG  . SER B 2 89  ? -5.210  3.058   11.111  1.00 17.80 ?  66  SER A OG  1 
ATOM   975  N N   . ARG B 2 90  ? -3.187  1.223   10.139  1.00 7.54  ?  67  ARG A N   1 
ATOM   976  C CA  . ARG B 2 90  ? -2.435  0.110   10.765  1.00 7.89  ?  67  ARG A CA  1 
ATOM   977  C C   . ARG B 2 90  ? -2.141  0.502   12.213  1.00 9.18  ?  67  ARG A C   1 
ATOM   978  O O   . ARG B 2 90  ? -1.626  1.608   12.433  1.00 10.03 ?  67  ARG A O   1 
ATOM   979  C CB  . ARG B 2 90  ? -1.142  -0.189  10.007  1.00 7.44  ?  67  ARG A CB  1 
ATOM   980  C CG  . ARG B 2 90  ? -0.300  -1.300  10.627  1.00 7.55  ?  67  ARG A CG  1 
ATOM   981  C CD  . ARG B 2 90  ? 0.939   -1.653  9.806   1.00 7.75  ?  67  ARG A CD  1 
ATOM   982  N NE  . ARG B 2 90  ? 1.911   -0.542  9.722   1.00 8.37  ?  67  ARG A NE  1 
ATOM   983  C CZ  . ARG B 2 90  ? 3.091   -0.458  10.292  1.00 8.57  ?  67  ARG A CZ  1 
ATOM   984  N NH1 . ARG B 2 90  ? 3.797   0.657   10.146  1.00 9.49  1  67  ARG A NH1 1 
ATOM   985  N NH2 . ARG B 2 90  ? 3.606   -1.469  10.953  1.00 8.75  ?  67  ARG A NH2 1 
ATOM   986  N N   . SER B 2 91  ? -2.437  -0.383  13.155  1.00 10.06 ?  68  SER A N   1 
ATOM   987  C CA  . SER B 2 91  ? -2.169  -0.144  14.588  1.00 11.22 ?  68  SER A CA  1 
ATOM   988  C C   . SER B 2 91  ? -1.830  -1.487  15.218  1.00 9.99  ?  68  SER A C   1 
ATOM   989  O O   . SER B 2 91  ? -2.560  -2.450  14.932  1.00 9.68  ?  68  SER A O   1 
ATOM   990  C CB  . SER B 2 91  ? -3.321  0.535   15.275  1.00 13.49 ?  68  SER A CB  1 
ATOM   991  O OG  . SER B 2 91  ? -4.527  -0.167  15.043  1.00 20.91 ?  68  SER A OG  1 
ATOM   992  N N   . GLY B 2 92  ? -0.681  -1.552  15.876  1.00 9.13  ?  69  GLY A N   1 
ATOM   993  C CA  . GLY B 2 92  ? -0.166  -2.799  16.469  1.00 8.89  ?  69  GLY A CA  1 
ATOM   994  C C   . GLY B 2 92  ? -0.088  -3.874  15.388  1.00 8.38  ?  69  GLY A C   1 
ATOM   995  O O   . GLY B 2 92  ? 0.540   -3.613  14.332  1.00 8.48  ?  69  GLY A O   1 
ATOM   996  N N   . THR B 2 93  ? -0.716  -5.018  15.612  1.00 7.67  ?  70  THR A N   1 
ATOM   997  C CA  . THR B 2 93  ? -0.608  -6.156  14.668  1.00 7.87  ?  70  THR A CA  1 
ATOM   998  C C   . THR B 2 93  ? -1.879  -6.225  13.812  1.00 7.62  ?  70  THR A C   1 
ATOM   999  O O   . THR B 2 93  ? -2.119  -7.288  13.208  1.00 7.04  ?  70  THR A O   1 
ATOM   1000 C CB  . THR B 2 93  ? -0.254  -7.441  15.443  1.00 8.16  ?  70  THR A CB  1 
ATOM   1001 O OG1 . THR B 2 93  ? -1.218  -7.551  16.479  1.00 9.05  ?  70  THR A OG1 1 
ATOM   1002 C CG2 . THR B 2 93  ? 1.141   -7.398  16.037  1.00 8.74  ?  70  THR A CG2 1 
ATOM   1003 N N   . SER B 2 94  ? -2.662  -5.140  13.722  1.00 7.81  ?  71  SER A N   1 
ATOM   1004 C CA  . SER B 2 94  ? -3.953  -5.112  12.986  1.00 8.62  ?  71  SER A CA  1 
ATOM   1005 C C   . SER B 2 94  ? -3.879  -4.014  11.935  1.00 7.32  ?  71  SER A C   1 
ATOM   1006 O O   . SER B 2 94  ? -3.086  -3.016  12.101  1.00 6.93  ?  71  SER A O   1 
ATOM   1007 C CB  . SER B 2 94  ? -5.157  -4.909  13.900  1.00 10.73 ?  71  SER A CB  1 
ATOM   1008 O OG  . SER B 2 94  ? -5.317  -6.057  14.732  1.00 17.74 ?  71  SER A OG  1 
ATOM   1009 N N   . ALA B 2 95  ? -4.667  -4.182  10.887  1.00 6.58  ?  72  ALA A N   1 
ATOM   1010 C CA  . ALA B 2 95  ? -4.851  -3.137  9.872   1.00 6.27  ?  72  ALA A CA  1 
ATOM   1011 C C   . ALA B 2 95  ? -6.309  -3.183  9.426   1.00 6.28  ?  72  ALA A C   1 
ATOM   1012 O O   . ALA B 2 95  ? -6.986  -4.205  9.623   1.00 5.25  ?  72  ALA A O   1 
ATOM   1013 C CB  . ALA B 2 95  ? -3.910  -3.333  8.705   1.00 6.14  ?  72  ALA A CB  1 
ATOM   1014 N N   . SER B 2 96  ? -6.772  -2.075  8.906   1.00 6.33  ?  73  SER A N   1 
ATOM   1015 C CA  . SER B 2 96  ? -8.184  -1.922  8.525   1.00 6.71  ?  73  SER A CA  1 
ATOM   1016 C C   . SER B 2 96  ? -8.276  -1.129  7.206   1.00 6.19  ?  73  SER A C   1 
ATOM   1017 O O   . SER B 2 96  ? -7.391  -0.316  6.904   1.00 5.46  ?  73  SER A O   1 
ATOM   1018 C CB  . SER B 2 96  ? -8.988  -1.330  9.690   1.00 8.45  ?  73  SER A CB  1 
ATOM   1019 O OG  . SER B 2 96  ? -8.734  0.047   9.811   1.00 12.10 ?  73  SER A OG  1 
ATOM   1020 N N   . LEU B 2 97  ? -9.359  -1.388  6.473   1.00 5.81  ?  74  LEU A N   1 
ATOM   1021 C CA  . LEU B 2 97  ? -9.730  -0.676  5.233   1.00 6.09  ?  74  LEU A CA  1 
ATOM   1022 C C   . LEU B 2 97  ? -11.172 -0.230  5.395   1.00 6.25  ?  74  LEU A C   1 
ATOM   1023 O O   . LEU B 2 97  ? -12.001 -1.085  5.828   1.00 6.22  ?  74  LEU A O   1 
ATOM   1024 C CB  . LEU B 2 97  ? -9.575  -1.635  4.059   1.00 6.34  ?  74  LEU A CB  1 
ATOM   1025 C CG  . LEU B 2 97  ? -10.043 -1.069  2.739   1.00 6.36  ?  74  LEU A CG  1 
ATOM   1026 C CD1 . LEU B 2 97  ? -9.007  -0.087  2.226   1.00 6.66  ?  74  LEU A CD1 1 
ATOM   1027 C CD2 . LEU B 2 97  ? -10.266 -2.178  1.727   1.00 6.73  ?  74  LEU A CD2 1 
ATOM   1028 N N   . THR B 2 98  ? -11.445 1.052   5.143   1.00 6.37  ?  75  THR A N   1 
ATOM   1029 C CA  . THR B 2 98  ? -12.818 1.604   5.265   1.00 6.95  ?  75  THR A CA  1 
ATOM   1030 C C   . THR B 2 98  ? -13.252 2.104   3.891   1.00 7.07  ?  75  THR A C   1 
ATOM   1031 O O   . THR B 2 98  ? -12.456 2.786   3.210   1.00 7.28  ?  75  THR A O   1 
ATOM   1032 C CB  . THR B 2 98  ? -12.908 2.685   6.336   1.00 7.04  ?  75  THR A CB  1 
ATOM   1033 O OG1 . THR B 2 98  ? -12.648 2.133   7.629   1.00 7.66  ?  75  THR A OG1 1 
ATOM   1034 C CG2 . THR B 2 98  ? -14.263 3.356   6.375   1.00 7.12  ?  75  THR A CG2 1 
ATOM   1035 N N   . ILE B 2 99  ? -14.454 1.694   3.492   1.00 7.36  ?  76  ILE A N   1 
ATOM   1036 C CA  . ILE B 2 99  ? -15.064 2.135   2.213   1.00 7.89  ?  76  ILE A CA  1 
ATOM   1037 C C   . ILE B 2 99  ? -16.235 3.004   2.623   1.00 8.66  ?  76  ILE A C   1 
ATOM   1038 O O   . ILE B 2 99  ? -17.117 2.501   3.353   1.00 8.17  ?  76  ILE A O   1 
ATOM   1039 C CB  . ILE B 2 99  ? -15.515 0.952   1.337   1.00 8.01  ?  76  ILE A CB  1 
ATOM   1040 C CG1 . ILE B 2 99  ? -14.532 -0.225  1.380   1.00 8.18  ?  76  ILE A CG1 1 
ATOM   1041 C CG2 . ILE B 2 99  ? -15.777 1.463   -0.071  1.00 8.33  ?  76  ILE A CG2 1 
ATOM   1042 C CD1 . ILE B 2 99  ? -15.041 -1.467  0.670   1.00 8.36  ?  76  ILE A CD1 1 
ATOM   1043 N N   . SER B 2 100 ? -16.185 4.269   2.230   1.00 9.86  ?  77  SER A N   1 
ATOM   1044 C CA  . SER B 2 100 ? -17.238 5.269   2.489   1.00 11.18 ?  77  SER A CA  1 
ATOM   1045 C C   . SER B 2 100 ? -18.161 5.373   1.265   1.00 11.27 ?  77  SER A C   1 
ATOM   1046 O O   . SER B 2 100 ? -17.718 5.075   0.111   1.00 9.97  ?  77  SER A O   1 
ATOM   1047 C CB  . SER B 2 100 ? -16.552 6.571   2.843   1.00 12.49 ?  77  SER A CB  1 
ATOM   1048 O OG  . SER B 2 100 ? -15.884 6.424   4.115   1.00 14.07 ?  77  SER A OG  1 
ATOM   1049 N N   . GLY B 2 101 ? -19.425 5.751   1.484   1.00 12.58 ?  78  GLY A N   1 
ATOM   1050 C CA  . GLY B 2 101 ? -20.387 5.959   0.378   1.00 13.91 ?  78  GLY A CA  1 
ATOM   1051 C C   . GLY B 2 101 ? -20.445 4.747   -0.546  1.00 13.94 ?  78  GLY A C   1 
ATOM   1052 O O   . GLY B 2 101 ? -20.327 4.906   -1.810  1.00 12.00 ?  78  GLY A O   1 
ATOM   1053 N N   . LEU B 2 102 ? -20.628 3.572   0.049   1.00 13.36 ?  79  LEU A N   1 
ATOM   1054 C CA  . LEU B 2 102 ? -20.548 2.272   -0.647  1.00 13.83 ?  79  LEU A CA  1 
ATOM   1055 C C   . LEU B 2 102 ? -21.401 2.261   -1.921  1.00 15.19 ?  79  LEU A C   1 
ATOM   1056 O O   . LEU B 2 102 ? -22.574 2.715   -1.876  1.00 14.11 ?  79  LEU A O   1 
ATOM   1057 C CB  . LEU B 2 102 ? -20.982 1.180   0.320   1.00 14.22 ?  79  LEU A CB  1 
ATOM   1058 C CG  . LEU B 2 102 ? -20.615 -0.241  -0.078  1.00 14.76 ?  79  LEU A CG  1 
ATOM   1059 C CD1 . LEU B 2 102 ? -19.108 -0.454  0.021   1.00 14.34 ?  79  LEU A CD1 1 
ATOM   1060 C CD2 . LEU B 2 102 ? -21.370 -1.221  0.832   1.00 14.72 ?  79  LEU A CD2 1 
ATOM   1061 N N   . GLN B 2 103 ? -20.811 1.742   -3.005  1.00 16.14 ?  80  GLN A N   1 
ATOM   1062 C CA  . GLN B 2 103 ? -21.400 1.696   -4.369  1.00 19.17 ?  80  GLN A CA  1 
ATOM   1063 C C   . GLN B 2 103 ? -21.390 0.247   -4.877  1.00 19.75 ?  80  GLN A C   1 
ATOM   1064 O O   . GLN B 2 103 ? -20.558 -0.556  -4.457  1.00 16.58 ?  80  GLN A O   1 
ATOM   1065 C CB  . GLN B 2 103 ? -20.630 2.649   -5.297  1.00 21.91 ?  80  GLN A CB  1 
ATOM   1066 C CG  . GLN B 2 103 ? -20.733 4.123   -4.922  1.00 26.00 ?  80  GLN A CG  1 
ATOM   1067 C CD  . GLN B 2 103 ? -22.163 4.609   -4.821  1.00 31.94 ?  80  GLN A CD  1 
ATOM   1068 O OE1 . GLN B 2 103 ? -22.953 4.490   -5.757  1.00 39.03 ?  80  GLN A OE1 1 
ATOM   1069 N NE2 . GLN B 2 103 ? -22.520 5.185   -3.680  1.00 35.94 ?  80  GLN A NE2 1 
ATOM   1070 N N   . SER B 2 104 ? -22.351 -0.106  -5.724  1.00 22.17 ?  81  SER A N   1 
ATOM   1071 C CA  . SER B 2 104 ? -22.441 -1.441  -6.370  1.00 23.08 ?  81  SER A CA  1 
ATOM   1072 C C   . SER B 2 104 ? -21.056 -1.867  -6.900  1.00 22.31 ?  81  SER A C   1 
ATOM   1073 O O   . SER B 2 104 ? -20.683 -3.056  -6.678  1.00 26.31 ?  81  SER A O   1 
ATOM   1074 C CB  . SER B 2 104 ? -23.507 -1.405  -7.437  1.00 26.62 ?  81  SER A CB  1 
ATOM   1075 O OG  . SER B 2 104 ? -23.345 -2.481  -8.339  1.00 31.44 ?  81  SER A OG  1 
ATOM   1076 N N   . GLU B 2 105 ? -20.304 -0.936  -7.506  1.00 20.44 ?  82  GLU A N   1 
ATOM   1077 C CA  . GLU B 2 105 ? -18.943 -1.128  -8.079  1.00 21.17 ?  82  GLU A CA  1 
ATOM   1078 C C   . GLU B 2 105 ? -17.938 -1.578  -7.001  1.00 18.12 ?  82  GLU A C   1 
ATOM   1079 O O   . GLU B 2 105 ? -16.832 -1.965  -7.375  1.00 17.40 ?  82  GLU A O   1 
ATOM   1080 C CB  . GLU B 2 105 ? -18.428 0.148   -8.770  1.00 24.46 ?  82  GLU A CB  1 
ATOM   1081 C CG  . GLU B 2 105 ? -18.284 1.379   -7.870  1.00 29.60 ?  82  GLU A CG  1 
ATOM   1082 C CD  . GLU B 2 105 ? -19.269 2.514   -8.156  1.00 35.78 ?  82  GLU A CD  1 
ATOM   1083 O OE1 . GLU B 2 105 ? -20.290 2.230   -8.837  1.00 38.22 ?  82  GLU A OE1 1 
ATOM   1084 O OE2 . GLU B 2 105 ? -19.045 3.680   -7.668  1.00 36.01 -1 82  GLU A OE2 1 
ATOM   1085 N N   . ASP B 2 106 ? -18.278 -1.508  -5.704  1.00 14.78 ?  83  ASP A N   1 
ATOM   1086 C CA  . ASP B 2 106 ? -17.326 -1.833  -4.601  1.00 13.30 ?  83  ASP A CA  1 
ATOM   1087 C C   . ASP B 2 106 ? -17.444 -3.302  -4.192  1.00 12.46 ?  83  ASP A C   1 
ATOM   1088 O O   . ASP B 2 106 ? -16.582 -3.782  -3.396  1.00 13.12 ?  83  ASP A O   1 
ATOM   1089 C CB  . ASP B 2 106 ? -17.560 -0.917  -3.400  1.00 13.02 ?  83  ASP A CB  1 
ATOM   1090 C CG  . ASP B 2 106 ? -17.324 0.558   -3.655  1.00 13.55 ?  83  ASP A CG  1 
ATOM   1091 O OD1 . ASP B 2 106 ? -16.500 0.880   -4.571  1.00 13.37 ?  83  ASP A OD1 1 
ATOM   1092 O OD2 . ASP B 2 106 ? -17.991 1.369   -2.981  1.00 12.56 -1 83  ASP A OD2 1 
ATOM   1093 N N   . GLU B 2 107 ? -18.443 -4.019  -4.692  1.00 10.65 ?  84  GLU A N   1 
ATOM   1094 C CA  . GLU B 2 107 ? -18.602 -5.468  -4.433  1.00 11.04 ?  84  GLU A CA  1 
ATOM   1095 C C   . GLU B 2 107 ? -17.356 -6.148  -5.023  1.00 10.03 ?  84  GLU A C   1 
ATOM   1096 O O   . GLU B 2 107 ? -17.086 -5.973  -6.206  1.00 10.64 ?  84  GLU A O   1 
ATOM   1097 C CB  . GLU B 2 107 ? -19.922 -5.970  -5.022  1.00 11.88 ?  84  GLU A CB  1 
ATOM   1098 C CG  . GLU B 2 107 ? -20.035 -7.463  -5.013  1.00 12.85 ?  84  GLU A CG  1 
ATOM   1099 C CD  . GLU B 2 107 ? -21.458 -8.004  -5.038  1.00 14.56 ?  84  GLU A CD  1 
ATOM   1100 O OE1 . GLU B 2 107 ? -22.361 -7.370  -4.439  1.00 15.58 ?  84  GLU A OE1 1 
ATOM   1101 O OE2 . GLU B 2 107 ? -21.641 -9.068  -5.624  1.00 17.86 -1 84  GLU A OE2 1 
ATOM   1102 N N   . ALA B 2 108 ? -16.561 -6.828  -4.203  1.00 9.38  ?  85  ALA A N   1 
ATOM   1103 C CA  . ALA B 2 108 ? -15.225 -7.319  -4.580  1.00 8.86  ?  85  ALA A CA  1 
ATOM   1104 C C   . ALA B 2 108 ? -14.671 -8.151  -3.432  1.00 9.49  ?  85  ALA A C   1 
ATOM   1105 O O   . ALA B 2 108 ? -15.207 -8.099  -2.324  1.00 7.71  ?  85  ALA A O   1 
ATOM   1106 C CB  . ALA B 2 108 ? -14.303 -6.162  -4.908  1.00 9.32  ?  85  ALA A CB  1 
ATOM   1107 N N   . ASP B 2 109 ? -13.573 -8.832  -3.715  1.00 9.79  ?  86  ASP A N   1 
ATOM   1108 C CA  . ASP B 2 109 ? -12.760 -9.521  -2.705  1.00 10.14 ?  86  ASP A CA  1 
ATOM   1109 C C   . ASP B 2 109 ? -11.587 -8.590  -2.392  1.00 9.26  ?  86  ASP A C   1 
ATOM   1110 O O   . ASP B 2 109 ? -10.898 -8.170  -3.337  1.00 9.28  ?  86  ASP A O   1 
ATOM   1111 C CB  . ASP B 2 109 ? -12.264 -10.872 -3.220  1.00 12.41 ?  86  ASP A CB  1 
ATOM   1112 C CG  . ASP B 2 109 ? -11.972 -11.901 -2.130  1.00 15.39 ?  86  ASP A CG  1 
ATOM   1113 O OD1 . ASP B 2 109 ? -11.846 -11.491 -0.953  1.00 18.82 -1 86  ASP A OD1 1 
ATOM   1114 O OD2 . ASP B 2 109 ? -11.859 -13.134 -2.469  1.00 19.00 ?  86  ASP A OD2 1 
ATOM   1115 N N   . TYR B 2 110 ? -11.387 -8.260  -1.126  1.00 7.28  ?  87  TYR A N   1 
ATOM   1116 C CA  . TYR B 2 110 ? -10.300 -7.359  -0.683  1.00 6.35  ?  87  TYR A CA  1 
ATOM   1117 C C   . TYR B 2 110 ? -9.276  -8.172  0.089   1.00 6.26  ?  87  TYR A C   1 
ATOM   1118 O O   . TYR B 2 110 ? -9.645  -8.920  1.003   1.00 6.62  ?  87  TYR A O   1 
ATOM   1119 C CB  . TYR B 2 110 ? -10.897 -6.264  0.187   1.00 5.77  ?  87  TYR A CB  1 
ATOM   1120 C CG  . TYR B 2 110 ? -11.801 -5.360  -0.588  1.00 5.65  ?  87  TYR A CG  1 
ATOM   1121 C CD1 . TYR B 2 110 ? -13.149 -5.663  -0.756  1.00 5.81  ?  87  TYR A CD1 1 
ATOM   1122 C CD2 . TYR B 2 110 ? -11.299 -4.217  -1.176  1.00 5.67  ?  87  TYR A CD2 1 
ATOM   1123 C CE1 . TYR B 2 110 ? -13.972 -4.800  -1.461  1.00 5.93  ?  87  TYR A CE1 1 
ATOM   1124 C CE2 . TYR B 2 110 ? -12.105 -3.360  -1.896  1.00 5.73  ?  87  TYR A CE2 1 
ATOM   1125 C CZ  . TYR B 2 110 ? -13.453 -3.646  -2.022  1.00 5.75  ?  87  TYR A CZ  1 
ATOM   1126 O OH  . TYR B 2 110 ? -14.242 -2.807  -2.759  1.00 6.17  ?  87  TYR A OH  1 
ATOM   1127 N N   . TYR B 2 111 ? -8.027  -8.105  -0.336  1.00 6.09  ?  88  TYR A N   1 
ATOM   1128 C CA  . TYR B 2 111 ? -6.952  -8.907  0.269   1.00 6.03  ?  88  TYR A CA  1 
ATOM   1129 C C   . TYR B 2 111 ? -5.928  -7.982  0.911   1.00 5.72  ?  88  TYR A C   1 
ATOM   1130 O O   . TYR B 2 111 ? -5.599  -7.009  0.265   1.00 5.59  ?  88  TYR A O   1 
ATOM   1131 C CB  . TYR B 2 111 ? -6.252  -9.728  -0.796  1.00 6.54  ?  88  TYR A CB  1 
ATOM   1132 C CG  . TYR B 2 111 ? -7.124  -10.776 -1.438  1.00 7.34  ?  88  TYR A CG  1 
ATOM   1133 C CD1 . TYR B 2 111 ? -7.950  -10.451 -2.504  1.00 8.42  ?  88  TYR A CD1 1 
ATOM   1134 C CD2 . TYR B 2 111 ? -7.058  -12.088 -1.024  1.00 8.24  ?  88  TYR A CD2 1 
ATOM   1135 C CE1 . TYR B 2 111 ? -8.744  -11.416 -3.111  1.00 9.46  ?  88  TYR A CE1 1 
ATOM   1136 C CE2 . TYR B 2 111 ? -7.836  -13.066 -1.627  1.00 9.69  ?  88  TYR A CE2 1 
ATOM   1137 C CZ  . TYR B 2 111 ? -8.663  -12.723 -2.678  1.00 10.20 ?  88  TYR A CZ  1 
ATOM   1138 O OH  . TYR B 2 111 ? -9.397  -13.706 -3.288  1.00 13.61 ?  88  TYR A OH  1 
ATOM   1139 N N   . ALA B 2 112 ? -5.427  -8.349  2.093   1.00 5.64  ?  89  ALA A N   1 
ATOM   1140 C CA  . ALA B 2 112 ? -4.312  -7.654  2.782   1.00 5.70  ?  89  ALA A CA  1 
ATOM   1141 C C   . ALA B 2 112 ? -3.003  -8.349  2.400   1.00 5.70  ?  89  ALA A C   1 
ATOM   1142 O O   . ALA B 2 112 ? -3.009  -9.573  2.188   1.00 6.07  ?  89  ALA A O   1 
ATOM   1143 C CB  . ALA B 2 112 ? -4.502  -7.664  4.279   1.00 5.82  ?  89  ALA A CB  1 
ATOM   1144 N N   . ALA B 2 113 ? -1.923  -7.577  2.324   1.00 5.56  ?  90  ALA A N   1 
ATOM   1145 C CA  . ALA B 2 113 ? -0.575  -8.012  1.938   1.00 5.72  ?  90  ALA A CA  1 
ATOM   1146 C C   . ALA B 2 113 ? 0.407   -7.232  2.799   1.00 5.81  ?  90  ALA A C   1 
ATOM   1147 O O   . ALA B 2 113 ? 0.150   -6.039  3.058   1.00 5.65  ?  90  ALA A O   1 
ATOM   1148 C CB  . ALA B 2 113 ? -0.337  -7.767  0.467   1.00 5.83  ?  90  ALA A CB  1 
ATOM   1149 N N   . THR B 2 114 ? 1.455   -7.888  3.266   1.00 5.43  ?  91  THR A N   1 
ATOM   1150 C CA  . THR B 2 114 ? 2.575   -7.193  3.929   1.00 5.90  ?  91  THR A CA  1 
ATOM   1151 C C   . THR B 2 114 ? 3.794   -8.086  3.823   1.00 5.98  ?  91  THR A C   1 
ATOM   1152 O O   . THR B 2 114 ? 3.676   -9.239  3.426   1.00 5.61  ?  91  THR A O   1 
ATOM   1153 C CB  . THR B 2 114 ? 2.197   -6.826  5.363   1.00 6.25  ?  91  THR A CB  1 
ATOM   1154 O OG1 . THR B 2 114 ? 3.153   -5.875  5.839   1.00 7.05  ?  91  THR A OG1 1 
ATOM   1155 C CG2 . THR B 2 114 ? 2.103   -8.032  6.272   1.00 6.22  ?  91  THR A CG2 1 
ATOM   1156 N N   . TRP B 2 115 ? 4.938   -7.507  4.117   1.00 6.42  ?  92  TRP A N   1 
ATOM   1157 C CA  . TRP B 2 115 ? 6.199   -8.227  4.286   1.00 6.99  ?  92  TRP A CA  1 
ATOM   1158 C C   . TRP B 2 115 ? 6.193   -8.948  5.631   1.00 7.06  ?  92  TRP A C   1 
ATOM   1159 O O   . TRP B 2 115 ? 5.761   -8.370  6.636   1.00 7.24  ?  92  TRP A O   1 
ATOM   1160 C CB  . TRP B 2 115 ? 7.371   -7.251  4.171   1.00 7.62  ?  92  TRP A CB  1 
ATOM   1161 C CG  . TRP B 2 115 ? 8.666   -7.956  3.963   1.00 7.97  ?  92  TRP A CG  1 
ATOM   1162 C CD1 . TRP B 2 115 ? 9.584   -8.242  4.928   1.00 8.48  ?  92  TRP A CD1 1 
ATOM   1163 C CD2 . TRP B 2 115 ? 9.190   -8.498  2.739   1.00 8.29  ?  92  TRP A CD2 1 
ATOM   1164 N NE1 . TRP B 2 115 ? 10.621  -8.952  4.393   1.00 8.27  ?  92  TRP A NE1 1 
ATOM   1165 C CE2 . TRP B 2 115 ? 10.420  -9.109  3.061   1.00 8.71  ?  92  TRP A CE2 1 
ATOM   1166 C CE3 . TRP B 2 115 ? 8.757   -8.543  1.413   1.00 8.57  ?  92  TRP A CE3 1 
ATOM   1167 C CZ2 . TRP B 2 115 ? 11.236  -9.703  2.106   1.00 8.99  ?  92  TRP A CZ2 1 
ATOM   1168 C CZ3 . TRP B 2 115 ? 9.557   -9.151  0.470   1.00 8.80  ?  92  TRP A CZ3 1 
ATOM   1169 C CH2 . TRP B 2 115 ? 10.759  -9.766  0.826   1.00 8.94  ?  92  TRP A CH2 1 
ATOM   1170 N N   . ASP B 2 116 ? 6.828   -10.113 5.673   1.00 7.92  ?  93  ASP A N   1 
ATOM   1171 C CA  . ASP B 2 116 ? 6.976   -10.878 6.931   1.00 7.91  ?  93  ASP A CA  1 
ATOM   1172 C C   . ASP B 2 116 ? 8.468   -11.067 7.169   1.00 8.49  ?  93  ASP A C   1 
ATOM   1173 O O   . ASP B 2 116 ? 9.128   -11.694 6.325   1.00 8.32  ?  93  ASP A O   1 
ATOM   1174 C CB  . ASP B 2 116 ? 6.220   -12.197 6.869   1.00 7.88  ?  93  ASP A CB  1 
ATOM   1175 C CG  . ASP B 2 116 ? 6.208   -12.944 8.182   1.00 8.10  ?  93  ASP A CG  1 
ATOM   1176 O OD1 . ASP B 2 116 ? 7.324   -13.200 8.711   1.00 9.14  -1 93  ASP A OD1 1 
ATOM   1177 O OD2 . ASP B 2 116 ? 5.099   -13.283 8.669   1.00 7.85  ?  93  ASP A OD2 1 
ATOM   1178 N N   . ASP B 2 117 ? 8.980   -10.571 8.284   1.00 9.04  ?  94  ASP A N   1 
ATOM   1179 C CA  . ASP B 2 117 ? 10.449  -10.612 8.561   1.00 10.37 ?  94  ASP A CA  1 
ATOM   1180 C C   . ASP B 2 117 ? 10.857  -12.017 9.037   1.00 11.33 ?  94  ASP A C   1 
ATOM   1181 O O   . ASP B 2 117 ? 12.056  -12.319 8.983   1.00 11.21 ?  94  ASP A O   1 
ATOM   1182 C CB  . ASP B 2 117 ? 10.821  -9.575  9.623   1.00 12.23 ?  94  ASP A CB  1 
ATOM   1183 C CG  . ASP B 2 117 ? 10.480  -8.151  9.232   1.00 15.22 ?  94  ASP A CG  1 
ATOM   1184 O OD1 . ASP B 2 117 ? 10.587  -7.847  8.070   1.00 17.15 ?  94  ASP A OD1 1 
ATOM   1185 O OD2 . ASP B 2 117 ? 10.161  -7.359  10.135  1.00 20.77 -1 94  ASP A OD2 1 
ATOM   1186 N N   . SER B 2 118 ? 9.920   -12.880 9.453   1.00 12.02 ?  95  SER A N   1 
ATOM   1187 C CA  . SER B 2 118 ? 10.266  -14.273 9.866   1.00 13.36 ?  95  SER A CA  1 
ATOM   1188 C C   . SER B 2 118 ? 10.351  -15.192 8.664   1.00 13.15 ?  95  SER A C   1 
ATOM   1189 O O   . SER B 2 118 ? 11.241  -16.040 8.630   1.00 14.86 ?  95  SER A O   1 
ATOM   1190 C CB  . SER B 2 118 ? 9.318   -14.821 10.857  1.00 15.50 ?  95  SER A CB  1 
ATOM   1191 O OG  . SER B 2 118 ? 9.267   -13.948 11.962  1.00 22.35 ?  95  SER A OG  1 
ATOM   1192 N N   . LEU B 2 119 ? 9.461   -15.017 7.699   1.00 12.31 ?  96  LEU A N   1 
ATOM   1193 C CA  . LEU B 2 119 ? 9.451   -15.823 6.455   1.00 12.62 ?  96  LEU A CA  1 
ATOM   1194 C C   . LEU B 2 119 ? 10.332  -15.169 5.383   1.00 11.68 ?  96  LEU A C   1 
ATOM   1195 O O   . LEU B 2 119 ? 10.664  -15.845 4.388   1.00 11.49 ?  96  LEU A O   1 
ATOM   1196 C CB  . LEU B 2 119 ? 7.990   -15.948 6.023   1.00 13.49 ?  96  LEU A CB  1 
ATOM   1197 C CG  . LEU B 2 119 ? 7.119   -16.755 6.991   1.00 15.48 ?  96  LEU A CG  1 
ATOM   1198 C CD1 . LEU B 2 119 ? 5.690   -16.836 6.485   1.00 15.50 ?  96  LEU A CD1 1 
ATOM   1199 C CD2 . LEU B 2 119 ? 7.662   -18.162 7.208   1.00 16.69 ?  96  LEU A CD2 1 
ATOM   1200 N N   . ASN B 2 120 ? 10.697  -13.903 5.566   1.00 11.00 ?  97  ASN A N   1 
ATOM   1201 C CA  . ASN B 2 120 ? 11.546  -13.122 4.634   1.00 11.09 ?  97  ASN A CA  1 
ATOM   1202 C C   . ASN B 2 120 ? 10.871  -13.078 3.261   1.00 10.75 ?  97  ASN A C   1 
ATOM   1203 O O   . ASN B 2 120 ? 11.483  -13.447 2.245   1.00 11.13 ?  97  ASN A O   1 
ATOM   1204 C CB  . ASN B 2 120 ? 12.952  -13.724 4.578   1.00 11.82 ?  97  ASN A CB  1 
ATOM   1205 C CG  . ASN B 2 120 ? 13.941  -12.764 3.976   1.00 12.58 ?  97  ASN A CG  1 
ATOM   1206 O OD1 . ASN B 2 120 ? 13.799  -11.539 4.108   1.00 11.62 ?  97  ASN A OD1 1 
ATOM   1207 N ND2 . ASN B 2 120 ? 14.952  -13.320 3.312   1.00 13.08 ?  97  ASN A ND2 1 
ATOM   1208 N N   . GLY B 2 121 ? 9.595   -12.711 3.232   1.00 9.26  ?  98  GLY A N   1 
ATOM   1209 C CA  . GLY B 2 121 ? 8.843   -12.660 1.978   1.00 7.85  ?  98  GLY A CA  1 
ATOM   1210 C C   . GLY B 2 121 ? 7.462   -12.075 2.160   1.00 6.98  ?  98  GLY A C   1 
ATOM   1211 O O   . GLY B 2 121 ? 7.068   -11.749 3.315   1.00 5.81  ?  98  GLY A O   1 
ATOM   1212 N N   . TRP B 2 122 ? 6.737   -11.972 1.050   1.00 6.57  ?  99  TRP A N   1 
ATOM   1213 C CA  . TRP B 2 122 ? 5.337   -11.469 1.057   1.00 6.52  ?  99  TRP A CA  1 
ATOM   1214 C C   . TRP B 2 122 ? 4.415   -12.489 1.725   1.00 6.42  ?  99  TRP A C   1 
ATOM   1215 O O   . TRP B 2 122 ? 4.575   -13.748 1.471   1.00 6.34  ?  99  TRP A O   1 
ATOM   1216 C CB  . TRP B 2 122 ? 4.874   -11.182 -0.361  1.00 6.70  ?  99  TRP A CB  1 
ATOM   1217 C CG  . TRP B 2 122 ? 5.603   -10.060 -1.014  1.00 6.78  ?  99  TRP A CG  1 
ATOM   1218 C CD1 . TRP B 2 122 ? 6.379   -10.125 -2.134  1.00 6.79  ?  99  TRP A CD1 1 
ATOM   1219 C CD2 . TRP B 2 122 ? 5.633   -8.685  -0.573  1.00 6.87  ?  99  TRP A CD2 1 
ATOM   1220 N NE1 . TRP B 2 122 ? 6.839   -8.888  -2.446  1.00 7.26  ?  99  TRP A NE1 1 
ATOM   1221 C CE2 . TRP B 2 122 ? 6.431   -7.988  -1.496  1.00 6.90  ?  99  TRP A CE2 1 
ATOM   1222 C CE3 . TRP B 2 122 ? 5.028   -7.979  0.477   1.00 6.79  ?  99  TRP A CE3 1 
ATOM   1223 C CZ2 . TRP B 2 122 ? 6.661   -6.621  -1.391  1.00 7.13  ?  99  TRP A CZ2 1 
ATOM   1224 C CZ3 . TRP B 2 122 ? 5.270   -6.630  0.603   1.00 6.63  ?  99  TRP A CZ3 1 
ATOM   1225 C CH2 . TRP B 2 122 ? 6.085   -5.958  -0.327  1.00 6.74  ?  99  TRP A CH2 1 
ATOM   1226 N N   . VAL B 2 123 ? 3.520   -11.979 2.566   1.00 5.77  ?  100 VAL A N   1 
ATOM   1227 C CA  . VAL B 2 123 ? 2.370   -12.745 3.109   1.00 5.57  ?  100 VAL A CA  1 
ATOM   1228 C C   . VAL B 2 123 ? 1.060   -12.009 2.838   1.00 5.26  ?  100 VAL A C   1 
ATOM   1229 O O   . VAL B 2 123 ? 1.041   -10.780 2.647   1.00 5.40  ?  100 VAL A O   1 
ATOM   1230 C CB  . VAL B 2 123 ? 2.566   -13.075 4.595   1.00 5.51  ?  100 VAL A CB  1 
ATOM   1231 C CG1 . VAL B 2 123 ? 3.779   -13.952 4.788   1.00 5.46  ?  100 VAL A CG1 1 
ATOM   1232 C CG2 . VAL B 2 123 ? 2.679   -11.839 5.485   1.00 5.34  ?  100 VAL A CG2 1 
ATOM   1233 N N   . PHE B 2 124 ? -0.030  -12.763 2.829   1.00 5.25  ?  101 PHE A N   1 
ATOM   1234 C CA  . PHE B 2 124 ? -1.363  -12.289 2.395   1.00 5.53  ?  101 PHE A CA  1 
ATOM   1235 C C   . PHE B 2 124 ? -2.435  -12.821 3.335   1.00 5.54  ?  101 PHE A C   1 
ATOM   1236 O O   . PHE B 2 124 ? -2.180  -13.847 4.010   1.00 5.73  ?  101 PHE A O   1 
ATOM   1237 C CB  . PHE B 2 124 ? -1.664  -12.822 0.989   1.00 5.90  ?  101 PHE A CB  1 
ATOM   1238 C CG  . PHE B 2 124 ? -0.564  -12.433 0.034   1.00 6.40  ?  101 PHE A CG  1 
ATOM   1239 C CD1 . PHE B 2 124 ? -0.526  -11.171 -0.528  1.00 6.78  ?  101 PHE A CD1 1 
ATOM   1240 C CD2 . PHE B 2 124 ? 0.407   -13.338 -0.308  1.00 7.02  ?  101 PHE A CD2 1 
ATOM   1241 C CE1 . PHE B 2 124 ? 0.458   -10.842 -1.440  1.00 7.02  ?  101 PHE A CE1 1 
ATOM   1242 C CE2 . PHE B 2 124 ? 1.442   -12.979 -1.150  1.00 7.63  ?  101 PHE A CE2 1 
ATOM   1243 C CZ  . PHE B 2 124 ? 1.464   -11.731 -1.714  1.00 7.30  ?  101 PHE A CZ  1 
ATOM   1244 N N   . GLY B 2 125 ? -3.583  -12.167 3.312   1.00 5.90  ?  102 GLY A N   1 
ATOM   1245 C CA  . GLY B 2 125 ? -4.797  -12.697 3.919   1.00 6.29  ?  102 GLY A CA  1 
ATOM   1246 C C   . GLY B 2 125 ? -5.512  -13.570 2.906   1.00 6.78  ?  102 GLY A C   1 
ATOM   1247 O O   . GLY B 2 125 ? -5.106  -13.582 1.704   1.00 6.16  ?  102 GLY A O   1 
ATOM   1248 N N   . GLY B 2 126 ? -6.566  -14.242 3.358   1.00 6.98  ?  103 GLY A N   1 
ATOM   1249 C CA  . GLY B 2 126 ? -7.381  -15.098 2.487   1.00 7.06  ?  103 GLY A CA  1 
ATOM   1250 C C   . GLY B 2 126 ? -8.485  -14.303 1.805   1.00 7.21  ?  103 GLY A C   1 
ATOM   1251 O O   . GLY B 2 126 ? -9.247  -14.904 1.070   1.00 8.41  ?  103 GLY A O   1 
ATOM   1252 N N   . GLY B 2 127 ? -8.600  -12.990 2.054   1.00 6.99  ?  104 GLY A N   1 
ATOM   1253 C CA  . GLY B 2 127 ? -9.612  -12.142 1.422   1.00 6.77  ?  104 GLY A CA  1 
ATOM   1254 C C   . GLY B 2 127 ? -10.871 -12.018 2.251   1.00 7.13  ?  104 GLY A C   1 
ATOM   1255 O O   . GLY B 2 127 ? -11.182 -12.915 3.055   1.00 7.99  ?  104 GLY A O   1 
ATOM   1256 N N   . THR B 2 128 ? -11.494 -10.869 2.133   1.00 7.61  ?  105 THR A N   1 
ATOM   1257 C CA  . THR B 2 128 ? -12.821 -10.541 2.650   1.00 8.08  ?  105 THR A CA  1 
ATOM   1258 C C   . THR B 2 128 ? -13.684 -10.200 1.452   1.00 9.19  ?  105 THR A C   1 
ATOM   1259 O O   . THR B 2 128 ? -13.408 -9.239  0.764   1.00 7.90  ?  105 THR A O   1 
ATOM   1260 C CB  . THR B 2 128 ? -12.781 -9.399  3.663   1.00 7.92  ?  105 THR A CB  1 
ATOM   1261 O OG1 . THR B 2 128 ? -12.007 -9.819  4.793   1.00 7.60  ?  105 THR A OG1 1 
ATOM   1262 C CG2 . THR B 2 128 ? -14.189 -9.035  4.080   1.00 8.12  ?  105 THR A CG2 1 
ATOM   1263 N N   . LYS B 2 129 ? -14.704 -11.007 1.222   1.00 10.79 ?  106 LYS A N   1 
ATOM   1264 C CA  . LYS B 2 129 ? -15.708 -10.688 0.191   1.00 13.50 ?  106 LYS A CA  1 
ATOM   1265 C C   . LYS B 2 129 ? -16.691 -9.668  0.758   1.00 12.23 ?  106 LYS A C   1 
ATOM   1266 O O   . LYS B 2 129 ? -17.320 -9.953  1.780   1.00 12.22 ?  106 LYS A O   1 
ATOM   1267 C CB  . LYS B 2 129 ? -16.442 -11.948 -0.256  1.00 18.42 ?  106 LYS A CB  1 
ATOM   1268 C CG  . LYS B 2 129 ? -16.749 -11.961 -1.742  1.00 26.45 ?  106 LYS A CG  1 
ATOM   1269 C CD  . LYS B 2 129 ? -15.484 -12.068 -2.582  1.00 32.25 ?  106 LYS A CD  1 
ATOM   1270 C CE  . LYS B 2 129 ? -15.783 -12.259 -4.057  1.00 36.38 ?  106 LYS A CE  1 
ATOM   1271 N NZ  . LYS B 2 129 ? -14.536 -12.364 -4.851  1.00 40.74 1  106 LYS A NZ  1 
ATOM   1272 N N   . VAL B 2 130 ? -16.800 -8.529  0.098   1.00 11.76 ?  107 VAL A N   1 
ATOM   1273 C CA  . VAL B 2 130 ? -17.811 -7.488  0.415   1.00 12.47 ?  107 VAL A CA  1 
ATOM   1274 C C   . VAL B 2 130 ? -18.904 -7.611  -0.649  1.00 13.98 ?  107 VAL A C   1 
ATOM   1275 O O   . VAL B 2 130 ? -18.606 -7.386  -1.864  1.00 12.20 ?  107 VAL A O   1 
ATOM   1276 C CB  . VAL B 2 130 ? -17.222 -6.075  0.455   1.00 12.31 ?  107 VAL A CB  1 
ATOM   1277 C CG1 . VAL B 2 130 ? -18.276 -5.006  0.706   1.00 12.53 ?  107 VAL A CG1 1 
ATOM   1278 C CG2 . VAL B 2 130 ? -16.090 -5.979  1.460   1.00 12.13 ?  107 VAL A CG2 1 
ATOM   1279 N N   . THR B 2 131 ? -20.096 -8.002  -0.214  1.00 14.10 ?  108 THR A N   1 
ATOM   1280 C CA  . THR B 2 131 ? -21.308 -8.025  -1.064  1.00 16.13 ?  108 THR A CA  1 
ATOM   1281 C C   . THR B 2 131 ? -22.071 -6.725  -0.838  1.00 15.45 ?  108 THR A C   1 
ATOM   1282 O O   . THR B 2 131 ? -22.186 -6.331  0.327   1.00 15.83 ?  108 THR A O   1 
ATOM   1283 C CB  . THR B 2 131 ? -22.165 -9.246  -0.733  1.00 18.27 ?  108 THR A CB  1 
ATOM   1284 O OG1 . THR B 2 131 ? -21.316 -10.299 -1.176  1.00 21.45 ?  108 THR A OG1 1 
ATOM   1285 C CG2 . THR B 2 131 ? -23.496 -9.223  -1.445  1.00 23.44 ?  108 THR A CG2 1 
ATOM   1286 N N   . VAL B 2 132 ? -22.561 -6.082  -1.900  1.00 15.84 ?  109 VAL A N   1 
ATOM   1287 C CA  . VAL B 2 132 ? -23.342 -4.812  -1.812  1.00 17.62 ?  109 VAL A CA  1 
ATOM   1288 C C   . VAL B 2 132 ? -24.775 -5.066  -2.306  1.00 20.28 ?  109 VAL A C   1 
ATOM   1289 O O   . VAL B 2 132 ? -24.922 -5.368  -3.494  1.00 19.76 ?  109 VAL A O   1 
ATOM   1290 C CB  . VAL B 2 132 ? -22.681 -3.684  -2.624  1.00 17.80 ?  109 VAL A CB  1 
ATOM   1291 C CG1 . VAL B 2 132 ? -23.473 -2.393  -2.469  1.00 16.80 ?  109 VAL A CG1 1 
ATOM   1292 C CG2 . VAL B 2 132 ? -21.211 -3.506  -2.273  1.00 17.67 ?  109 VAL A CG2 1 
ATOM   1293 N N   . LEU B 2 133 ? -25.784 -4.839  -1.461  1.00 26.65 ?  110 LEU A N   1 
ATOM   1294 C CA  . LEU B 2 133 ? -27.218 -4.947  -1.866  1.00 33.96 ?  110 LEU A CA  1 
ATOM   1295 C C   . LEU B 2 133 ? -27.842 -3.558  -2.056  1.00 36.18 ?  110 LEU A C   1 
ATOM   1296 O O   . LEU B 2 133 ? -29.028 -3.385  -1.699  1.00 36.18 ?  110 LEU A O   1 
ATOM   1297 C CB  . LEU B 2 133 ? -27.977 -5.724  -0.795  1.00 38.08 ?  110 LEU A CB  1 
ATOM   1298 C CG  . LEU B 2 133 ? -27.606 -7.197  -0.681  1.00 38.73 ?  110 LEU A CG  1 
ATOM   1299 C CD1 . LEU B 2 133 ? -26.532 -7.407  0.376   1.00 42.35 ?  110 LEU A CD1 1 
ATOM   1300 C CD2 . LEU B 2 133 ? -28.840 -8.013  -0.367  1.00 36.84 ?  110 LEU A CD2 1 
HETATM 1301 O O   . HOH C 3 .   ? 21.974  14.851  -12.114 1.00 23.47 ?  101 HOH H O   1 
HETATM 1302 O O   . HOH C 3 .   ? 1.519   11.430  -4.877  1.00 30.75 ?  102 HOH H O   1 
HETATM 1303 O O   . HOH C 3 .   ? 27.030  21.650  -3.010  1.00 19.66 ?  103 HOH H O   1 
HETATM 1304 O O   . HOH C 3 .   ? 6.119   3.353   -12.229 1.00 19.98 ?  104 HOH H O   1 
HETATM 1305 O O   . HOH C 3 .   ? -3.592  -15.714 -5.296  1.00 18.39 ?  105 HOH H O   1 
HETATM 1306 O O   . HOH C 3 .   ? 29.539  19.129  -3.227  1.00 28.69 ?  106 HOH H O   1 
HETATM 1307 O O   . HOH C 3 .   ? 17.149  4.391   1.015   1.00 10.76 ?  107 HOH H O   1 
HETATM 1308 O O   . HOH C 3 .   ? 12.789  -4.207  -2.129  1.00 23.75 ?  108 HOH H O   1 
HETATM 1309 O O   . HOH C 3 .   ? 5.206   16.131  -3.872  1.00 23.98 ?  109 HOH H O   1 
HETATM 1310 O O   . HOH C 3 .   ? 24.938  4.226   -0.815  1.00 11.55 ?  110 HOH H O   1 
HETATM 1311 O O   . HOH C 3 .   ? 12.378  14.323  -9.812  1.00 9.08  ?  111 HOH H O   1 
HETATM 1312 O O   . HOH C 3 .   ? 3.597   -15.944 -7.020  1.00 29.44 ?  112 HOH H O   1 
HETATM 1313 O O   . HOH C 3 .   ? 7.088   15.273  -0.581  1.00 15.09 ?  113 HOH H O   1 
HETATM 1314 O O   . HOH C 3 .   ? 11.929  18.269  -10.533 1.00 20.66 ?  114 HOH H O   1 
HETATM 1315 O O   . HOH C 3 .   ? 21.704  1.899   -9.150  1.00 24.47 ?  115 HOH H O   1 
HETATM 1316 O O   . HOH C 3 .   ? 22.641  22.339  -6.031  1.00 13.13 ?  116 HOH H O   1 
HETATM 1317 O O   . HOH C 3 .   ? 10.356  14.882  -7.954  1.00 18.07 ?  117 HOH H O   1 
HETATM 1318 O O   . HOH C 3 .   ? 15.231  25.441  -3.946  1.00 6.44  ?  118 HOH H O   1 
HETATM 1319 O O   . HOH C 3 .   ? 16.420  10.219  -15.583 1.00 16.51 ?  119 HOH H O   1 
HETATM 1320 O O   . HOH C 3 .   ? 7.165   10.096  1.530   1.00 28.51 ?  120 HOH H O   1 
HETATM 1321 O O   . HOH C 3 .   ? 22.460  3.381   -6.890  1.00 19.56 ?  121 HOH H O   1 
HETATM 1322 O O   . HOH C 3 .   ? 16.788  26.599  -7.577  1.00 8.48  ?  122 HOH H O   1 
HETATM 1323 O O   . HOH C 3 .   ? 29.088  18.690  -0.480  1.00 30.19 ?  123 HOH H O   1 
HETATM 1324 O O   . HOH C 3 .   ? 7.576   -2.810  -9.056  1.00 21.01 ?  124 HOH H O   1 
HETATM 1325 O O   . HOH C 3 .   ? 20.095  -1.022  -2.849  1.00 19.14 ?  125 HOH H O   1 
HETATM 1326 O O   . HOH C 3 .   ? 6.033   10.131  -5.699  1.00 6.24  ?  126 HOH H O   1 
HETATM 1327 O O   . HOH C 3 .   ? 9.857   17.903  -6.647  1.00 17.24 ?  127 HOH H O   1 
HETATM 1328 O O   . HOH C 3 .   ? 11.345  -5.832  -4.897  1.00 27.25 ?  128 HOH H O   1 
HETATM 1329 O O   . HOH C 3 .   ? -4.121  -16.018 -8.803  1.00 17.78 ?  129 HOH H O   1 
HETATM 1330 O O   . HOH C 3 .   ? 7.134   -9.860  -7.062  1.00 24.67 ?  130 HOH H O   1 
HETATM 1331 O O   . HOH C 3 .   ? 11.996  19.530  -7.633  1.00 10.32 ?  131 HOH H O   1 
HETATM 1332 O O   . HOH C 3 .   ? 23.698  23.628  -2.538  1.00 22.55 ?  132 HOH H O   1 
HETATM 1333 O O   . HOH C 3 .   ? 10.359  20.173  0.239   1.00 17.01 ?  133 HOH H O   1 
HETATM 1334 O O   . HOH C 3 .   ? 11.914  -0.852  -0.870  1.00 23.60 ?  134 HOH H O   1 
HETATM 1335 O O   . HOH C 3 .   ? 2.163   -5.588  -10.176 1.00 26.20 ?  135 HOH H O   1 
HETATM 1336 O O   . HOH C 3 .   ? 14.489  15.839  -12.674 1.00 7.96  ?  136 HOH H O   1 
HETATM 1337 O O   . HOH C 3 .   ? 12.500  25.061  2.454   1.00 23.77 ?  137 HOH H O   1 
HETATM 1338 O O   . HOH C 3 .   ? 16.747  15.632  3.015   1.00 20.50 ?  138 HOH H O   1 
HETATM 1339 O O   . HOH C 3 .   ? 0.390   -7.126  -11.462 1.00 22.73 ?  139 HOH H O   1 
HETATM 1340 O O   . HOH C 3 .   ? 10.802  22.404  1.235   1.00 29.53 ?  140 HOH H O   1 
HETATM 1341 O O   . HOH C 3 .   ? 28.350  18.956  -5.108  1.00 22.10 ?  141 HOH H O   1 
HETATM 1342 O O   . HOH C 3 .   ? 5.132   -0.737  0.427   1.00 26.58 ?  142 HOH H O   1 
HETATM 1343 O O   . HOH C 3 .   ? 11.660  -6.357  1.686   1.00 29.86 ?  143 HOH H O   1 
HETATM 1344 O O   . HOH C 3 .   ? 29.062  12.732  -0.972  1.00 25.82 ?  144 HOH H O   1 
HETATM 1345 O O   . HOH C 3 .   ? 10.029  -2.454  -8.161  1.00 26.41 ?  145 HOH H O   1 
HETATM 1346 O O   . HOH C 3 .   ? 9.732   -7.935  -3.439  1.00 15.52 ?  146 HOH H O   1 
HETATM 1347 O O   . HOH C 3 .   ? -1.423  -16.536 -3.677  1.00 24.30 ?  147 HOH H O   1 
HETATM 1348 O O   . HOH C 3 .   ? 18.964  24.936  0.618   1.00 18.32 ?  148 HOH H O   1 
HETATM 1349 O O   . HOH C 3 .   ? 10.250  0.473   -12.812 1.00 30.96 ?  149 HOH H O   1 
HETATM 1350 O O   . HOH C 3 .   ? 15.024  20.579  2.259   1.00 14.18 ?  150 HOH H O   1 
HETATM 1351 O O   . HOH C 3 .   ? 11.096  4.158   1.128   1.00 15.19 ?  151 HOH H O   1 
HETATM 1352 O O   . HOH C 3 .   ? 28.418  15.874  -1.565  1.00 12.27 ?  152 HOH H O   1 
HETATM 1353 O O   . HOH C 3 .   ? 29.668  21.342  -3.875  1.00 32.06 ?  153 HOH H O   1 
HETATM 1354 O O   . HOH C 3 .   ? 23.526  5.356   -10.273 1.00 28.42 ?  154 HOH H O   1 
HETATM 1355 O O   . HOH C 3 .   ? 19.272  -0.477  -5.482  1.00 31.77 ?  155 HOH H O   1 
HETATM 1356 O O   . HOH C 3 .   ? 3.749   14.715  -6.190  1.00 26.36 ?  156 HOH H O   1 
HETATM 1357 O O   . HOH C 3 .   ? 15.203  2.415   0.470   1.00 27.14 ?  157 HOH H O   1 
HETATM 1358 O O   . HOH C 3 .   ? 20.715  25.758  -7.859  1.00 35.18 ?  158 HOH H O   1 
HETATM 1359 O O   . HOH C 3 .   ? 13.389  -2.466  0.465   1.00 32.07 ?  159 HOH H O   1 
HETATM 1360 O O   . HOH C 3 .   ? 29.201  16.718  -5.068  1.00 30.57 ?  160 HOH H O   1 
HETATM 1361 O O   . HOH D 3 .   ? -16.046 -10.487 6.816   1.00 21.60 ?  201 HOH A O   1 
HETATM 1362 O O   . HOH D 3 .   ? 4.512   -6.473  17.565  1.00 24.71 ?  202 HOH A O   1 
HETATM 1363 O O   . HOH D 3 .   ? -17.015 -13.308 8.973   1.00 30.11 ?  203 HOH A O   1 
HETATM 1364 O O   . HOH D 3 .   ? 10.759  -5.259  6.854   1.00 23.53 ?  204 HOH A O   1 
HETATM 1365 O O   . HOH D 3 .   ? -12.541 7.854   2.270   1.00 15.87 ?  205 HOH A O   1 
HETATM 1366 O O   . HOH D 3 .   ? -4.009  4.857   12.431  1.00 26.73 ?  206 HOH A O   1 
HETATM 1367 O O   . HOH D 3 .   ? -10.380 -14.945 4.361   1.00 15.34 ?  207 HOH A O   1 
HETATM 1368 O O   . HOH D 3 .   ? -20.582 6.948   -3.335  1.00 18.54 ?  208 HOH A O   1 
HETATM 1369 O O   . HOH D 3 .   ? -4.134  -0.029  -8.956  1.00 17.20 ?  209 HOH A O   1 
HETATM 1370 O O   . HOH D 3 .   ? -16.959 1.930   9.313   1.00 18.34 ?  210 HOH A O   1 
HETATM 1371 O O   . HOH D 3 .   ? -0.362  6.619   -5.274  1.00 26.12 ?  211 HOH A O   1 
HETATM 1372 O O   . HOH D 3 .   ? 3.397   -0.741  1.874   1.00 5.84  ?  212 HOH A O   1 
HETATM 1373 O O   . HOH D 3 .   ? -3.355  -7.070  -12.293 1.00 28.49 ?  213 HOH A O   1 
HETATM 1374 O O   . HOH D 3 .   ? -4.814  -15.311 -0.257  1.00 21.97 ?  214 HOH A O   1 
HETATM 1375 O O   . HOH D 3 .   ? 2.072   -1.563  13.723  1.00 21.28 ?  215 HOH A O   1 
HETATM 1376 O O   . HOH D 3 .   ? -2.793  -2.470  -9.755  1.00 10.75 ?  216 HOH A O   1 
HETATM 1377 O O   . HOH D 3 .   ? -10.374 -7.852  5.611   1.00 10.27 ?  217 HOH A O   1 
HETATM 1378 O O   . HOH D 3 .   ? 5.412   -12.611 14.122  1.00 22.36 ?  218 HOH A O   1 
HETATM 1379 O O   . HOH D 3 .   ? -31.422 -4.248  -0.822  1.00 8.96  ?  219 HOH A O   1 
HETATM 1380 O O   . HOH D 3 .   ? -24.359 -9.094  -5.029  1.00 25.00 ?  220 HOH A O   1 
HETATM 1381 O O   . HOH D 3 .   ? -10.834 -12.641 -5.688  1.00 29.10 ?  221 HOH A O   1 
HETATM 1382 O O   . HOH D 3 .   ? -6.223  8.384   -6.129  1.00 26.84 ?  222 HOH A O   1 
HETATM 1383 O O   . HOH D 3 .   ? -11.733 -14.728 -0.277  1.00 17.70 ?  223 HOH A O   1 
HETATM 1384 O O   . HOH D 3 .   ? -20.044 -11.202 1.054   1.00 17.76 ?  224 HOH A O   1 
HETATM 1385 O O   . HOH D 3 .   ? -8.887  -11.653 13.853  1.00 28.66 ?  225 HOH A O   1 
HETATM 1386 O O   . HOH D 3 .   ? -19.974 -13.227 7.365   1.00 21.71 ?  226 HOH A O   1 
HETATM 1387 O O   . HOH D 3 .   ? 3.136   -16.084 1.498   1.00 13.62 ?  227 HOH A O   1 
HETATM 1388 O O   . HOH D 3 .   ? 12.955  -9.792  6.049   1.00 10.95 ?  228 HOH A O   1 
HETATM 1389 O O   . HOH D 3 .   ? -14.449 0.012   -6.176  1.00 12.38 ?  229 HOH A O   1 
HETATM 1390 O O   . HOH D 3 .   ? -9.673  -3.354  -8.872  1.00 19.11 ?  230 HOH A O   1 
HETATM 1391 O O   . HOH D 3 .   ? 1.766   7.056   4.836   1.00 22.91 ?  231 HOH A O   1 
HETATM 1392 O O   . HOH D 3 .   ? 5.071   -4.108  3.254   1.00 9.85  ?  232 HOH A O   1 
HETATM 1393 O O   . HOH D 3 .   ? 0.350   -16.209 10.945  1.00 12.75 ?  233 HOH A O   1 
HETATM 1394 O O   . HOH D 3 .   ? -13.136 5.675   3.726   1.00 8.52  ?  234 HOH A O   1 
HETATM 1395 O O   . HOH D 3 .   ? -13.271 -5.224  11.261  1.00 28.02 ?  235 HOH A O   1 
HETATM 1396 O O   . HOH D 3 .   ? 6.947   0.854   3.967   1.00 16.41 ?  236 HOH A O   1 
HETATM 1397 O O   . HOH D 3 .   ? -20.327 6.840   3.913   1.00 23.64 ?  237 HOH A O   1 
HETATM 1398 O O   . HOH D 3 .   ? -18.322 -4.906  -8.499  1.00 17.47 ?  238 HOH A O   1 
HETATM 1399 O O   . HOH D 3 .   ? -3.883  -0.453  6.073   1.00 6.46  ?  239 HOH A O   1 
HETATM 1400 O O   . HOH D 3 .   ? -10.164 -5.822  -9.949  1.00 15.64 ?  240 HOH A O   1 
HETATM 1401 O O   . HOH D 3 .   ? -7.498  -14.750 5.983   1.00 11.07 ?  241 HOH A O   1 
HETATM 1402 O O   . HOH D 3 .   ? 10.831  -18.784 9.233   1.00 35.13 ?  242 HOH A O   1 
HETATM 1403 O O   . HOH D 3 .   ? -0.408  -7.698  19.211  1.00 21.74 ?  243 HOH A O   1 
HETATM 1404 O O   . HOH D 3 .   ? -1.149  -11.291 17.029  1.00 28.62 ?  244 HOH A O   1 
HETATM 1405 O O   . HOH D 3 .   ? -4.519  -17.291 8.838   1.00 21.91 ?  245 HOH A O   1 
HETATM 1406 O O   . HOH D 3 .   ? -9.812  2.176   8.197   1.00 15.63 ?  246 HOH A O   1 
HETATM 1407 O O   . HOH D 3 .   ? -2.799  2.126   -9.528  1.00 17.42 ?  247 HOH A O   1 
HETATM 1408 O O   . HOH D 3 .   ? -6.217  6.425   3.867   1.00 8.04  ?  248 HOH A O   1 
HETATM 1409 O O   . HOH D 3 .   ? -8.097  -7.216  14.193  1.00 36.74 ?  249 HOH A O   1 
HETATM 1410 O O   . HOH D 3 .   ? -3.361  8.846   -0.757  1.00 11.03 ?  250 HOH A O   1 
HETATM 1411 O O   . HOH D 3 .   ? -29.016 2.023   0.284   1.00 23.91 ?  251 HOH A O   1 
HETATM 1412 O O   . HOH D 3 .   ? 8.153   -13.108 -1.213  1.00 13.98 ?  252 HOH A O   1 
HETATM 1413 O O   . HOH D 3 .   ? 4.600   -14.824 11.084  1.00 28.85 ?  253 HOH A O   1 
HETATM 1414 O O   . HOH D 3 .   ? 11.831  -16.257 1.523   1.00 26.63 ?  254 HOH A O   1 
HETATM 1415 O O   . HOH D 3 .   ? -13.903 -12.724 -9.117  1.00 29.32 ?  255 HOH A O   1 
HETATM 1416 O O   . HOH D 3 .   ? -2.414  -5.001  18.010  1.00 25.29 ?  256 HOH A O   1 
HETATM 1417 O O   . HOH D 3 .   ? -9.156  -7.502  -15.453 1.00 25.10 ?  257 HOH A O   1 
HETATM 1418 O O   . HOH D 3 .   ? -24.702 -3.525  -10.750 1.00 28.17 ?  258 HOH A O   1 
HETATM 1419 O O   . HOH D 3 .   ? -4.294  8.987   1.313   1.00 36.44 ?  259 HOH A O   1 
HETATM 1420 O O   . HOH D 3 .   ? 4.856   -3.058  0.683   1.00 10.06 ?  260 HOH A O   1 
HETATM 1421 O O   . HOH D 3 .   ? -5.937  0.007   12.394  1.00 23.35 ?  261 HOH A O   1 
HETATM 1422 O O   . HOH D 3 .   ? -12.624 -8.280  8.327   1.00 21.92 ?  262 HOH A O   1 
HETATM 1423 O O   . HOH D 3 .   ? 3.880   -4.123  16.688  1.00 30.54 ?  263 HOH A O   1 
HETATM 1424 O O   . HOH D 3 .   ? 7.350   -1.550  5.888   1.00 19.82 ?  264 HOH A O   1 
HETATM 1425 O O   . HOH D 3 .   ? -24.605 1.954   -6.014  1.00 24.97 ?  265 HOH A O   1 
HETATM 1426 O O   . HOH D 3 .   ? 0.492   1.191   16.555  1.00 22.30 ?  266 HOH A O   1 
HETATM 1427 O O   . HOH D 3 .   ? -20.867 -9.367  -8.572  1.00 26.54 ?  267 HOH A O   1 
HETATM 1428 O O   . HOH D 3 .   ? -11.370 3.030   -7.115  1.00 18.14 ?  268 HOH A O   1 
HETATM 1429 O O   . HOH D 3 .   ? 1.783   -10.838 17.575  1.00 18.16 ?  269 HOH A O   1 
HETATM 1430 O O   . HOH D 3 .   ? -9.960  0.708   -7.591  1.00 27.41 ?  270 HOH A O   1 
HETATM 1431 O O   . HOH D 3 .   ? -24.771 4.259   10.016  1.00 22.98 ?  271 HOH A O   1 
HETATM 1432 O O   . HOH D 3 .   ? -24.424 -8.744  -7.360  1.00 24.30 ?  272 HOH A O   1 
HETATM 1433 O O   . HOH D 3 .   ? -3.753  8.823   -11.124 1.00 26.92 ?  273 HOH A O   1 
HETATM 1434 O O   . HOH D 3 .   ? -3.381  6.060   9.581   1.00 26.96 ?  274 HOH A O   1 
HETATM 1435 O O   . HOH D 3 .   ? -6.967  -2.068  12.643  1.00 21.85 ?  275 HOH A O   1 
HETATM 1436 O O   . HOH D 3 .   ? -9.131  4.449   8.197   1.00 30.08 ?  276 HOH A O   1 
HETATM 1437 O O   . HOH D 3 .   ? -14.749 9.646   1.919   1.00 32.09 ?  277 HOH A O   1 
HETATM 1438 O O   . HOH D 3 .   ? 2.161   1.134   13.478  1.00 21.27 ?  278 HOH A O   1 
HETATM 1439 O O   . HOH D 3 .   ? -24.050 -10.938 -7.882  1.00 23.72 ?  279 HOH A O   1 
HETATM 1440 O O   . HOH D 3 .   ? -25.473 1.829   10.229  1.00 27.93 ?  280 HOH A O   1 
HETATM 1441 O O   . HOH D 3 .   ? -10.140 -4.336  -12.350 1.00 30.61 ?  281 HOH A O   1 
HETATM 1442 O O   . HOH D 3 .   ? 7.620   -0.270  1.799   1.00 25.13 ?  282 HOH A O   1 
HETATM 1443 O O   . HOH D 3 .   ? 3.945   -1.197  17.095  1.00 24.92 ?  283 HOH A O   1 
HETATM 1444 O O   . HOH D 3 .   ? -8.693  -18.488 3.312   1.00 31.50 ?  284 HOH A O   1 
HETATM 1445 O O   . HOH D 3 .   ? 2.526   -16.549 -1.101  1.00 22.91 ?  285 HOH A O   1 
HETATM 1446 O O   . HOH D 3 .   ? 10.662  -12.525 -2.067  1.00 36.45 ?  286 HOH A O   1 
HETATM 1447 O O   . HOH D 3 .   ? -22.174 6.443   11.390  1.00 29.30 ?  287 HOH A O   1 
HETATM 1448 O O   . HOH D 3 .   ? 2.757   0.020   18.547  1.00 23.08 ?  288 HOH A O   1 
HETATM 1449 O O   . HOH D 3 .   ? 3.699   0.619   15.215  1.00 27.69 ?  289 HOH A O   1 
# 
loop_
_pdbx_poly_seq_scheme.asym_id 
_pdbx_poly_seq_scheme.entity_id 
_pdbx_poly_seq_scheme.seq_id 
_pdbx_poly_seq_scheme.mon_id 
_pdbx_poly_seq_scheme.ndb_seq_num 
_pdbx_poly_seq_scheme.pdb_seq_num 
_pdbx_poly_seq_scheme.auth_seq_num 
_pdbx_poly_seq_scheme.pdb_mon_id 
_pdbx_poly_seq_scheme.auth_mon_id 
_pdbx_poly_seq_scheme.pdb_strand_id 
_pdbx_poly_seq_scheme.pdb_ins_code 
_pdbx_poly_seq_scheme.hetero 
A 1 1   MET 1   -18 ?   ?   ?   H . n 
A 1 2   GLY 2   -17 ?   ?   ?   H . n 
A 1 3   SER 3   -16 ?   ?   ?   H . n 
A 1 4   SER 4   -15 ?   ?   ?   H . n 
A 1 5   HIS 5   -14 ?   ?   ?   H . n 
A 1 6   HIS 6   -13 ?   ?   ?   H . n 
A 1 7   HIS 7   -12 ?   ?   ?   H . n 
A 1 8   HIS 8   -11 ?   ?   ?   H . n 
A 1 9   HIS 9   -10 ?   ?   ?   H . n 
A 1 10  HIS 10  -9  ?   ?   ?   H . n 
A 1 11  SER 11  -8  ?   ?   ?   H . n 
A 1 12  SER 12  -7  ?   ?   ?   H . n 
A 1 13  GLY 13  -6  ?   ?   ?   H . n 
A 1 14  LEU 14  -5  ?   ?   ?   H . n 
A 1 15  VAL 15  -4  ?   ?   ?   H . n 
A 1 16  PRO 16  -3  ?   ?   ?   H . n 
A 1 17  ARG 17  -2  ?   ?   ?   H . n 
A 1 18  GLY 18  -1  ?   ?   ?   H . n 
A 1 19  SER 19  0   ?   ?   ?   H . n 
A 1 20  HIS 20  1   ?   ?   ?   H . n 
A 1 21  MET 21  2   ?   ?   ?   H . n 
A 1 22  PHE 22  3   3   PHE PHE H . n 
A 1 23  ASN 23  4   4   ASN ASN H . n 
A 1 24  LYS 24  5   5   LYS LYS H . n 
A 1 25  ASP 25  6   6   ASP ASP H . n 
A 1 26  GLN 26  7   7   GLN GLN H . n 
A 1 27  GLN 27  8   8   GLN GLN H . n 
A 1 28  SER 28  9   9   SER SER H . n 
A 1 29  ALA 29  10  10  ALA ALA H . n 
A 1 30  PHE 30  11  11  PHE PHE H . n 
A 1 31  TYR 31  12  12  TYR TYR H . n 
A 1 32  GLU 32  13  13  GLU GLU H . n 
A 1 33  ILE 33  14  14  ILE ILE H . n 
A 1 34  LEU 34  15  15  LEU LEU H . n 
A 1 35  ASN 35  16  16  ASN ASN H . n 
A 1 36  MET 36  17  17  MET MET H . n 
A 1 37  PRO 37  18  18  PRO PRO H . n 
A 1 38  ASN 38  19  19  ASN ASN H . n 
A 1 39  LEU 39  20  20  LEU LEU H . n 
A 1 40  ASN 40  21  21  ASN ASN H . n 
A 1 41  GLU 41  22  22  GLU GLU H . n 
A 1 42  ALA 42  23  23  ALA ALA H . n 
A 1 43  GLN 43  24  24  GLN GLN H . n 
A 1 44  ARG 44  25  25  ARG ARG H . n 
A 1 45  ASN 45  26  26  ASN ASN H . n 
A 1 46  GLY 46  27  27  GLY GLY H . n 
A 1 47  PHE 47  28  28  PHE PHE H . n 
A 1 48  ILE 48  29  29  ILE ILE H . n 
A 1 49  GLN 49  30  30  GLN GLN H . n 
A 1 50  SER 50  31  31  SER SER H . n 
A 1 51  LEU 51  32  32  LEU LEU H . n 
A 1 52  LYS 52  33  33  LYS LYS H . n 
A 1 53  ASP 53  34  34  ASP ASP H . n 
A 1 54  ASP 54  35  35  ASP ASP H . n 
A 1 55  PRO 55  36  36  PRO PRO H . n 
A 1 56  SER 56  37  37  SER SER H . n 
A 1 57  GLN 57  38  38  GLN GLN H . n 
A 1 58  SER 58  39  39  SER SER H . n 
A 1 59  THR 59  40  40  THR THR H . n 
A 1 60  ASN 60  41  41  ASN ASN H . n 
A 1 61  VAL 61  42  42  VAL VAL H . n 
A 1 62  LEU 62  43  43  LEU LEU H . n 
A 1 63  GLY 63  44  44  GLY GLY H . n 
A 1 64  GLU 64  45  45  GLU GLU H . n 
A 1 65  ALA 65  46  46  ALA ALA H . n 
A 1 66  LYS 66  47  47  LYS LYS H . n 
A 1 67  LYS 67  48  48  LYS LYS H . n 
A 1 68  LEU 68  49  49  LEU LEU H . n 
A 1 69  ASN 69  50  50  ASN ASN H . n 
A 1 70  LYS 70  51  51  LYS LYS H . n 
A 1 71  LEU 71  52  52  LEU LEU H . n 
A 1 72  GLN 72  53  53  GLN GLN H . n 
A 1 73  LYS 73  54  54  LYS LYS H . n 
A 1 74  ALA 74  55  55  ALA ALA H . n 
A 1 75  PHE 75  56  56  PHE PHE H . n 
A 1 76  GLU 76  57  57  GLU GLU H . n 
A 1 77  SER 77  58  58  SER SER H . n 
A 1 78  LEU 78  59  59  LEU LEU H . n 
A 1 79  LYS 79  60  60  LYS LYS H . n 
A 1 80  SER 80  61  61  SER SER H . n 
A 1 81  PHE 81  62  62  PHE PHE H . n 
A 1 82  GLN 82  63  63  GLN GLN H . n 
B 2 1   MET 1   -22 ?   ?   ?   A . n 
B 2 2   GLY 2   -21 ?   ?   ?   A . n 
B 2 3   SER 3   -20 ?   ?   ?   A . n 
B 2 4   SER 4   -19 ?   ?   ?   A . n 
B 2 5   HIS 5   -18 ?   ?   ?   A . n 
B 2 6   HIS 6   -17 ?   ?   ?   A . n 
B 2 7   HIS 7   -16 ?   ?   ?   A . n 
B 2 8   HIS 8   -15 ?   ?   ?   A . n 
B 2 9   HIS 9   -14 ?   ?   ?   A . n 
B 2 10  HIS 10  -13 ?   ?   ?   A . n 
B 2 11  SER 11  -12 ?   ?   ?   A . n 
B 2 12  SER 12  -11 ?   ?   ?   A . n 
B 2 13  GLY 13  -10 ?   ?   ?   A . n 
B 2 14  LEU 14  -9  ?   ?   ?   A . n 
B 2 15  VAL 15  -8  ?   ?   ?   A . n 
B 2 16  PRO 16  -7  ?   ?   ?   A . n 
B 2 17  ARG 17  -6  ?   ?   ?   A . n 
B 2 18  GLY 18  -5  ?   ?   ?   A . n 
B 2 19  SER 19  -4  ?   ?   ?   A . n 
B 2 20  HIS 20  -3  ?   ?   ?   A . n 
B 2 21  MET 21  -2  ?   ?   ?   A . n 
B 2 22  GLY 22  -1  ?   ?   ?   A . n 
B 2 23  SER 23  0   ?   ?   ?   A . n 
B 2 24  GLN 24  1   ?   ?   ?   A . n 
B 2 25  PRO 25  2   2   PRO PRO A . n 
B 2 26  VAL 26  3   3   VAL VAL A . n 
B 2 27  LEU 27  4   4   LEU LEU A . n 
B 2 28  THR 28  5   5   THR THR A . n 
B 2 29  GLN 29  6   6   GLN GLN A . n 
B 2 30  SER 30  7   7   SER SER A . n 
B 2 31  PRO 31  8   8   PRO PRO A . n 
B 2 32  SER 32  9   9   SER SER A . n 
B 2 33  VAL 33  10  10  VAL VAL A . n 
B 2 34  SER 34  11  11  SER SER A . n 
B 2 35  ALA 35  12  12  ALA ALA A . n 
B 2 36  ALA 36  13  13  ALA ALA A . n 
B 2 37  PRO 37  14  14  PRO PRO A . n 
B 2 38  ARG 38  15  15  ARG ARG A . n 
B 2 39  GLN 39  16  16  GLN GLN A . n 
B 2 40  ARG 40  17  17  ARG ARG A . n 
B 2 41  VAL 41  18  18  VAL VAL A . n 
B 2 42  THR 42  19  19  THR THR A . n 
B 2 43  ILE 43  20  20  ILE ILE A . n 
B 2 44  SER 44  21  21  SER SER A . n 
B 2 45  VAL 45  22  22  VAL VAL A . n 
B 2 46  SER 46  23  23  SER SER A . n 
B 2 47  GLY 47  24  24  GLY GLY A . n 
B 2 48  SER 48  25  25  SER SER A . n 
B 2 49  ASN 49  26  26  ASN ASN A . n 
B 2 50  SER 50  27  27  SER SER A . n 
B 2 51  ASN 51  28  28  ASN ASN A . n 
B 2 52  ILE 52  29  29  ILE ILE A . n 
B 2 53  GLY 53  30  30  GLY GLY A . n 
B 2 54  SER 54  31  31  SER SER A . n 
B 2 55  ASN 55  32  32  ASN ASN A . n 
B 2 56  THR 56  33  33  THR THR A . n 
B 2 57  VAL 57  34  34  VAL VAL A . n 
B 2 58  ASN 58  35  35  ASN ASN A . n 
B 2 59  TRP 59  36  36  TRP TRP A . n 
B 2 60  ILE 60  37  37  ILE ILE A . n 
B 2 61  GLN 61  38  38  GLN GLN A . n 
B 2 62  GLN 62  39  39  GLN GLN A . n 
B 2 63  LEU 63  40  40  LEU LEU A . n 
B 2 64  PRO 64  41  41  PRO PRO A . n 
B 2 65  GLY 65  42  42  GLY GLY A . n 
B 2 66  ARG 66  43  43  ARG ARG A . n 
B 2 67  ALA 67  44  44  ALA ALA A . n 
B 2 68  PRO 68  45  45  PRO PRO A . n 
B 2 69  GLU 69  46  46  GLU GLU A . n 
B 2 70  LEU 70  47  47  LEU LEU A . n 
B 2 71  LEU 71  48  48  LEU LEU A . n 
B 2 72  MET 72  49  49  MET MET A . n 
B 2 73  TYR 73  50  50  TYR TYR A . n 
B 2 74  ASP 74  51  51  ASP ASP A . n 
B 2 75  ASP 75  52  52  ASP ASP A . n 
B 2 76  ASP 76  53  53  ASP ASP A . n 
B 2 77  LEU 77  54  54  LEU LEU A . n 
B 2 78  LEU 78  55  55  LEU LEU A . n 
B 2 79  ALA 79  56  56  ALA ALA A . n 
B 2 80  PRO 80  57  57  PRO PRO A . n 
B 2 81  GLY 81  58  58  GLY GLY A . n 
B 2 82  VAL 82  59  59  VAL VAL A . n 
B 2 83  SER 83  60  60  SER SER A . n 
B 2 84  ASP 84  61  61  ASP ASP A . n 
B 2 85  ARG 85  62  62  ARG ARG A . n 
B 2 86  PHE 86  63  63  PHE PHE A . n 
B 2 87  SER 87  64  64  SER SER A . n 
B 2 88  GLY 88  65  65  GLY GLY A . n 
B 2 89  SER 89  66  66  SER SER A . n 
B 2 90  ARG 90  67  67  ARG ARG A . n 
B 2 91  SER 91  68  68  SER SER A . n 
B 2 92  GLY 92  69  69  GLY GLY A . n 
B 2 93  THR 93  70  70  THR THR A . n 
B 2 94  SER 94  71  71  SER SER A . n 
B 2 95  ALA 95  72  72  ALA ALA A . n 
B 2 96  SER 96  73  73  SER SER A . n 
B 2 97  LEU 97  74  74  LEU LEU A . n 
B 2 98  THR 98  75  75  THR THR A . n 
B 2 99  ILE 99  76  76  ILE ILE A . n 
B 2 100 SER 100 77  77  SER SER A . n 
B 2 101 GLY 101 78  78  GLY GLY A . n 
B 2 102 LEU 102 79  79  LEU LEU A . n 
B 2 103 GLN 103 80  80  GLN GLN A . n 
B 2 104 SER 104 81  81  SER SER A . n 
B 2 105 GLU 105 82  82  GLU GLU A . n 
B 2 106 ASP 106 83  83  ASP ASP A . n 
B 2 107 GLU 107 84  84  GLU GLU A . n 
B 2 108 ALA 108 85  85  ALA ALA A . n 
B 2 109 ASP 109 86  86  ASP ASP A . n 
B 2 110 TYR 110 87  87  TYR TYR A . n 
B 2 111 TYR 111 88  88  TYR TYR A . n 
B 2 112 ALA 112 89  89  ALA ALA A . n 
B 2 113 ALA 113 90  90  ALA ALA A . n 
B 2 114 THR 114 91  91  THR THR A . n 
B 2 115 TRP 115 92  92  TRP TRP A . n 
B 2 116 ASP 116 93  93  ASP ASP A . n 
B 2 117 ASP 117 94  94  ASP ASP A . n 
B 2 118 SER 118 95  95  SER SER A . n 
B 2 119 LEU 119 96  96  LEU LEU A . n 
B 2 120 ASN 120 97  97  ASN ASN A . n 
B 2 121 GLY 121 98  98  GLY GLY A . n 
B 2 122 TRP 122 99  99  TRP TRP A . n 
B 2 123 VAL 123 100 100 VAL VAL A . n 
B 2 124 PHE 124 101 101 PHE PHE A . n 
B 2 125 GLY 125 102 102 GLY GLY A . n 
B 2 126 GLY 126 103 103 GLY GLY A . n 
B 2 127 GLY 127 104 104 GLY GLY A . n 
B 2 128 THR 128 105 105 THR THR A . n 
B 2 129 LYS 129 106 106 LYS LYS A . n 
B 2 130 VAL 130 107 107 VAL VAL A . n 
B 2 131 THR 131 108 108 THR THR A . n 
B 2 132 VAL 132 109 109 VAL VAL A . n 
B 2 133 LEU 133 110 110 LEU LEU A . n 
B 2 134 SER 134 111 ?   ?   ?   A . n 
B 2 135 ALA 135 112 ?   ?   ?   A . n 
# 
loop_
_pdbx_nonpoly_scheme.asym_id 
_pdbx_nonpoly_scheme.entity_id 
_pdbx_nonpoly_scheme.mon_id 
_pdbx_nonpoly_scheme.ndb_seq_num 
_pdbx_nonpoly_scheme.pdb_seq_num 
_pdbx_nonpoly_scheme.auth_seq_num 
_pdbx_nonpoly_scheme.pdb_mon_id 
_pdbx_nonpoly_scheme.auth_mon_id 
_pdbx_nonpoly_scheme.pdb_strand_id 
_pdbx_nonpoly_scheme.pdb_ins_code 
C 3 HOH 1  101 88  HOH HOH H . 
C 3 HOH 2  102 121 HOH HOH H . 
C 3 HOH 3  103 61  HOH HOH H . 
C 3 HOH 4  104 86  HOH HOH H . 
C 3 HOH 5  105 56  HOH HOH H . 
C 3 HOH 6  106 97  HOH HOH H . 
C 3 HOH 7  107 9   HOH HOH H . 
C 3 HOH 8  108 85  HOH HOH H . 
C 3 HOH 9  109 127 HOH HOH H . 
C 3 HOH 10 110 4   HOH HOH H . 
C 3 HOH 11 111 13  HOH HOH H . 
C 3 HOH 12 112 130 HOH HOH H . 
C 3 HOH 13 113 64  HOH HOH H . 
C 3 HOH 14 114 117 HOH HOH H . 
C 3 HOH 15 115 46  HOH HOH H . 
C 3 HOH 16 116 22  HOH HOH H . 
C 3 HOH 17 117 74  HOH HOH H . 
C 3 HOH 18 118 3   HOH HOH H . 
C 3 HOH 19 119 38  HOH HOH H . 
C 3 HOH 20 120 113 HOH HOH H . 
C 3 HOH 21 121 82  HOH HOH H . 
C 3 HOH 22 122 11  HOH HOH H . 
C 3 HOH 23 123 149 HOH HOH H . 
C 3 HOH 24 124 68  HOH HOH H . 
C 3 HOH 25 125 76  HOH HOH H . 
C 3 HOH 26 126 92  HOH HOH H . 
C 3 HOH 27 127 21  HOH HOH H . 
C 3 HOH 28 128 42  HOH HOH H . 
C 3 HOH 29 129 31  HOH HOH H . 
C 3 HOH 30 130 124 HOH HOH H . 
C 3 HOH 31 131 132 HOH HOH H . 
C 3 HOH 32 132 40  HOH HOH H . 
C 3 HOH 33 133 135 HOH HOH H . 
C 3 HOH 34 134 50  HOH HOH H . 
C 3 HOH 35 135 145 HOH HOH H . 
C 3 HOH 36 136 15  HOH HOH H . 
C 3 HOH 37 137 94  HOH HOH H . 
C 3 HOH 38 138 60  HOH HOH H . 
C 3 HOH 39 139 112 HOH HOH H . 
C 3 HOH 40 140 137 HOH HOH H . 
C 3 HOH 41 141 37  HOH HOH H . 
C 3 HOH 42 142 134 HOH HOH H . 
C 3 HOH 43 143 116 HOH HOH H . 
C 3 HOH 44 144 80  HOH HOH H . 
C 3 HOH 45 145 55  HOH HOH H . 
C 3 HOH 46 146 25  HOH HOH H . 
C 3 HOH 47 147 73  HOH HOH H . 
C 3 HOH 48 148 141 HOH HOH H . 
C 3 HOH 49 149 128 HOH HOH H . 
C 3 HOH 50 150 133 HOH HOH H . 
C 3 HOH 51 151 93  HOH HOH H . 
C 3 HOH 52 152 140 HOH HOH H . 
C 3 HOH 53 153 144 HOH HOH H . 
C 3 HOH 54 154 146 HOH HOH H . 
C 3 HOH 55 155 126 HOH HOH H . 
C 3 HOH 56 156 147 HOH HOH H . 
C 3 HOH 57 157 69  HOH HOH H . 
C 3 HOH 58 158 142 HOH HOH H . 
C 3 HOH 59 159 118 HOH HOH H . 
C 3 HOH 60 160 96  HOH HOH H . 
D 3 HOH 1  201 32  HOH HOH A . 
D 3 HOH 2  202 59  HOH HOH A . 
D 3 HOH 3  203 138 HOH HOH A . 
D 3 HOH 4  204 84  HOH HOH A . 
D 3 HOH 5  205 35  HOH HOH A . 
D 3 HOH 6  206 119 HOH HOH A . 
D 3 HOH 7  207 44  HOH HOH A . 
D 3 HOH 8  208 63  HOH HOH A . 
D 3 HOH 9  209 27  HOH HOH A . 
D 3 HOH 10 210 20  HOH HOH A . 
D 3 HOH 11 211 102 HOH HOH A . 
D 3 HOH 12 212 1   HOH HOH A . 
D 3 HOH 13 213 104 HOH HOH A . 
D 3 HOH 14 214 67  HOH HOH A . 
D 3 HOH 15 215 71  HOH HOH A . 
D 3 HOH 16 216 5   HOH HOH A . 
D 3 HOH 17 217 24  HOH HOH A . 
D 3 HOH 18 218 114 HOH HOH A . 
D 3 HOH 19 219 12  HOH HOH A . 
D 3 HOH 20 220 45  HOH HOH A . 
D 3 HOH 21 221 139 HOH HOH A . 
D 3 HOH 22 222 125 HOH HOH A . 
D 3 HOH 23 223 87  HOH HOH A . 
D 3 HOH 24 224 41  HOH HOH A . 
D 3 HOH 25 225 48  HOH HOH A . 
D 3 HOH 26 226 65  HOH HOH A . 
D 3 HOH 27 227 16  HOH HOH A . 
D 3 HOH 28 228 10  HOH HOH A . 
D 3 HOH 29 229 26  HOH HOH A . 
D 3 HOH 30 230 30  HOH HOH A . 
D 3 HOH 31 231 70  HOH HOH A . 
D 3 HOH 32 232 8   HOH HOH A . 
D 3 HOH 33 233 17  HOH HOH A . 
D 3 HOH 34 234 7   HOH HOH A . 
D 3 HOH 35 235 79  HOH HOH A . 
D 3 HOH 36 236 57  HOH HOH A . 
D 3 HOH 37 237 78  HOH HOH A . 
D 3 HOH 38 238 39  HOH HOH A . 
D 3 HOH 39 239 2   HOH HOH A . 
D 3 HOH 40 240 28  HOH HOH A . 
D 3 HOH 41 241 18  HOH HOH A . 
D 3 HOH 42 242 131 HOH HOH A . 
D 3 HOH 43 243 122 HOH HOH A . 
D 3 HOH 44 244 129 HOH HOH A . 
D 3 HOH 45 245 51  HOH HOH A . 
D 3 HOH 46 246 33  HOH HOH A . 
D 3 HOH 47 247 19  HOH HOH A . 
D 3 HOH 48 248 6   HOH HOH A . 
D 3 HOH 49 249 136 HOH HOH A . 
D 3 HOH 50 250 29  HOH HOH A . 
D 3 HOH 51 251 81  HOH HOH A . 
D 3 HOH 52 252 23  HOH HOH A . 
D 3 HOH 53 253 72  HOH HOH A . 
D 3 HOH 54 254 54  HOH HOH A . 
D 3 HOH 55 255 53  HOH HOH A . 
D 3 HOH 56 256 99  HOH HOH A . 
D 3 HOH 57 257 90  HOH HOH A . 
D 3 HOH 58 258 101 HOH HOH A . 
D 3 HOH 59 259 111 HOH HOH A . 
D 3 HOH 60 260 14  HOH HOH A . 
D 3 HOH 61 261 103 HOH HOH A . 
D 3 HOH 62 262 47  HOH HOH A . 
D 3 HOH 63 263 89  HOH HOH A . 
D 3 HOH 64 264 52  HOH HOH A . 
D 3 HOH 65 265 62  HOH HOH A . 
D 3 HOH 66 266 110 HOH HOH A . 
D 3 HOH 67 267 143 HOH HOH A . 
D 3 HOH 68 268 49  HOH HOH A . 
D 3 HOH 69 269 75  HOH HOH A . 
D 3 HOH 70 270 105 HOH HOH A . 
D 3 HOH 71 271 58  HOH HOH A . 
D 3 HOH 72 272 95  HOH HOH A . 
D 3 HOH 73 273 120 HOH HOH A . 
D 3 HOH 74 274 91  HOH HOH A . 
D 3 HOH 75 275 98  HOH HOH A . 
D 3 HOH 76 276 108 HOH HOH A . 
D 3 HOH 77 277 100 HOH HOH A . 
D 3 HOH 78 278 43  HOH HOH A . 
D 3 HOH 79 279 34  HOH HOH A . 
D 3 HOH 80 280 66  HOH HOH A . 
D 3 HOH 81 281 123 HOH HOH A . 
D 3 HOH 82 282 107 HOH HOH A . 
D 3 HOH 83 283 36  HOH HOH A . 
D 3 HOH 84 284 115 HOH HOH A . 
D 3 HOH 85 285 83  HOH HOH A . 
D 3 HOH 86 286 148 HOH HOH A . 
D 3 HOH 87 287 109 HOH HOH A . 
D 3 HOH 88 288 77  HOH HOH A . 
D 3 HOH 89 289 106 HOH HOH A . 
# 
_pdbx_struct_assembly.id                   1 
_pdbx_struct_assembly.details              author_and_software_defined_assembly 
_pdbx_struct_assembly.method_details       PISA 
_pdbx_struct_assembly.oligomeric_details   dimeric 
_pdbx_struct_assembly.oligomeric_count     2 
# 
_pdbx_struct_assembly_gen.assembly_id       1 
_pdbx_struct_assembly_gen.oper_expression   1 
_pdbx_struct_assembly_gen.asym_id_list      A,B,C,D 
# 
loop_
_pdbx_struct_assembly_prop.biol_id 
_pdbx_struct_assembly_prop.type 
_pdbx_struct_assembly_prop.value 
_pdbx_struct_assembly_prop.details 
1 'ABSA (A^2)' 1220 ? 
1 MORE         -13  ? 
1 'SSA (A^2)'  8810 ? 
# 
_pdbx_struct_oper_list.id                   1 
_pdbx_struct_oper_list.type                 'identity operation' 
_pdbx_struct_oper_list.name                 1_555 
_pdbx_struct_oper_list.symmetry_operation   x,y,z 
_pdbx_struct_oper_list.matrix[1][1]         1.0000000000 
_pdbx_struct_oper_list.matrix[1][2]         0.0000000000 
_pdbx_struct_oper_list.matrix[1][3]         0.0000000000 
_pdbx_struct_oper_list.vector[1]            0.0000000000 
_pdbx_struct_oper_list.matrix[2][1]         0.0000000000 
_pdbx_struct_oper_list.matrix[2][2]         1.0000000000 
_pdbx_struct_oper_list.matrix[2][3]         0.0000000000 
_pdbx_struct_oper_list.vector[2]            0.0000000000 
_pdbx_struct_oper_list.matrix[3][1]         0.0000000000 
_pdbx_struct_oper_list.matrix[3][2]         0.0000000000 
_pdbx_struct_oper_list.matrix[3][3]         1.0000000000 
_pdbx_struct_oper_list.vector[3]            0.0000000000 
# 
loop_
_pdbx_audit_revision_history.ordinal 
_pdbx_audit_revision_history.data_content_type 
_pdbx_audit_revision_history.major_revision 
_pdbx_audit_revision_history.minor_revision 
_pdbx_audit_revision_history.revision_date 
1 'Structure model' 1 0 2019-08-14 
2 'Structure model' 1 1 2019-09-18 
3 'Structure model' 1 2 2023-11-22 
# 
_pdbx_audit_revision_details.ordinal             1 
_pdbx_audit_revision_details.revision_ordinal    1 
_pdbx_audit_revision_details.data_content_type   'Structure model' 
_pdbx_audit_revision_details.provider            repository 
_pdbx_audit_revision_details.type                'Initial release' 
_pdbx_audit_revision_details.description         ? 
_pdbx_audit_revision_details.details             ? 
# 
loop_
_pdbx_audit_revision_group.ordinal 
_pdbx_audit_revision_group.revision_ordinal 
_pdbx_audit_revision_group.data_content_type 
_pdbx_audit_revision_group.group 
1 2 'Structure model' 'Data collection'        
2 2 'Structure model' 'Database references'    
3 3 'Structure model' 'Data collection'        
4 3 'Structure model' 'Database references'    
5 3 'Structure model' 'Refinement description' 
# 
loop_
_pdbx_audit_revision_category.ordinal 
_pdbx_audit_revision_category.revision_ordinal 
_pdbx_audit_revision_category.data_content_type 
_pdbx_audit_revision_category.category 
1 2 'Structure model' citation                      
2 3 'Structure model' chem_comp_atom                
3 3 'Structure model' chem_comp_bond                
4 3 'Structure model' database_2                    
5 3 'Structure model' pdbx_initial_refinement_model 
# 
loop_
_pdbx_audit_revision_item.ordinal 
_pdbx_audit_revision_item.revision_ordinal 
_pdbx_audit_revision_item.data_content_type 
_pdbx_audit_revision_item.item 
1 2 'Structure model' '_citation.journal_volume'            
2 2 'Structure model' '_citation.page_first'                
3 2 'Structure model' '_citation.page_last'                 
4 3 'Structure model' '_database_2.pdbx_DOI'                
5 3 'Structure model' '_database_2.pdbx_database_accession' 
# 
loop_
_software.citation_id 
_software.classification 
_software.compiler_name 
_software.compiler_version 
_software.contact_author 
_software.contact_author_email 
_software.date 
_software.description 
_software.dependencies 
_software.hardware 
_software.language 
_software.location 
_software.mods 
_software.name 
_software.os 
_software.os_version 
_software.type 
_software.version 
_software.pdbx_ordinal 
? refinement       ? ? ? ? ? ? ? ? ? ? ? REFMAC   ? ? ? 5.8.0238 1 
? 'data reduction' ? ? ? ? ? ? ? ? ? ? ? HKL-2000 ? ? ? .        2 
? 'data scaling'   ? ? ? ? ? ? ? ? ? ? ? HKL-2000 ? ? ? .        3 
? phasing          ? ? ? ? ? ? ? ? ? ? ? PHASER   ? ? ? .        4 
# 
loop_
_pdbx_validate_torsion.id 
_pdbx_validate_torsion.PDB_model_num 
_pdbx_validate_torsion.auth_comp_id 
_pdbx_validate_torsion.auth_asym_id 
_pdbx_validate_torsion.auth_seq_id 
_pdbx_validate_torsion.PDB_ins_code 
_pdbx_validate_torsion.label_alt_id 
_pdbx_validate_torsion.phi 
_pdbx_validate_torsion.psi 
1 1 ARG A 15 ? ? 78.58   -0.39  
2 1 ASN A 28 ? ? -111.89 -96.41 
3 1 ASP A 52 ? ? 75.54   -51.35 
4 1 ASP A 53 ? ? -140.86 16.06  
# 
loop_
_pdbx_unobs_or_zero_occ_residues.id 
_pdbx_unobs_or_zero_occ_residues.PDB_model_num 
_pdbx_unobs_or_zero_occ_residues.polymer_flag 
_pdbx_unobs_or_zero_occ_residues.occupancy_flag 
_pdbx_unobs_or_zero_occ_residues.auth_asym_id 
_pdbx_unobs_or_zero_occ_residues.auth_comp_id 
_pdbx_unobs_or_zero_occ_residues.auth_seq_id 
_pdbx_unobs_or_zero_occ_residues.PDB_ins_code 
_pdbx_unobs_or_zero_occ_residues.label_asym_id 
_pdbx_unobs_or_zero_occ_residues.label_comp_id 
_pdbx_unobs_or_zero_occ_residues.label_seq_id 
1  1 Y 1 H MET -18 ? A MET 1   
2  1 Y 1 H GLY -17 ? A GLY 2   
3  1 Y 1 H SER -16 ? A SER 3   
4  1 Y 1 H SER -15 ? A SER 4   
5  1 Y 1 H HIS -14 ? A HIS 5   
6  1 Y 1 H HIS -13 ? A HIS 6   
7  1 Y 1 H HIS -12 ? A HIS 7   
8  1 Y 1 H HIS -11 ? A HIS 8   
9  1 Y 1 H HIS -10 ? A HIS 9   
10 1 Y 1 H HIS -9  ? A HIS 10  
11 1 Y 1 H SER -8  ? A SER 11  
12 1 Y 1 H SER -7  ? A SER 12  
13 1 Y 1 H GLY -6  ? A GLY 13  
14 1 Y 1 H LEU -5  ? A LEU 14  
15 1 Y 1 H VAL -4  ? A VAL 15  
16 1 Y 1 H PRO -3  ? A PRO 16  
17 1 Y 1 H ARG -2  ? A ARG 17  
18 1 Y 1 H GLY -1  ? A GLY 18  
19 1 Y 1 H SER 0   ? A SER 19  
20 1 Y 1 H HIS 1   ? A HIS 20  
21 1 Y 1 H MET 2   ? A MET 21  
22 1 Y 1 A MET -22 ? B MET 1   
23 1 Y 1 A GLY -21 ? B GLY 2   
24 1 Y 1 A SER -20 ? B SER 3   
25 1 Y 1 A SER -19 ? B SER 4   
26 1 Y 1 A HIS -18 ? B HIS 5   
27 1 Y 1 A HIS -17 ? B HIS 6   
28 1 Y 1 A HIS -16 ? B HIS 7   
29 1 Y 1 A HIS -15 ? B HIS 8   
30 1 Y 1 A HIS -14 ? B HIS 9   
31 1 Y 1 A HIS -13 ? B HIS 10  
32 1 Y 1 A SER -12 ? B SER 11  
33 1 Y 1 A SER -11 ? B SER 12  
34 1 Y 1 A GLY -10 ? B GLY 13  
35 1 Y 1 A LEU -9  ? B LEU 14  
36 1 Y 1 A VAL -8  ? B VAL 15  
37 1 Y 1 A PRO -7  ? B PRO 16  
38 1 Y 1 A ARG -6  ? B ARG 17  
39 1 Y 1 A GLY -5  ? B GLY 18  
40 1 Y 1 A SER -4  ? B SER 19  
41 1 Y 1 A HIS -3  ? B HIS 20  
42 1 Y 1 A MET -2  ? B MET 21  
43 1 Y 1 A GLY -1  ? B GLY 22  
44 1 Y 1 A SER 0   ? B SER 23  
45 1 Y 1 A GLN 1   ? B GLN 24  
46 1 Y 1 A SER 111 ? B SER 134 
47 1 Y 1 A ALA 112 ? B ALA 135 
# 
loop_
_chem_comp_atom.comp_id 
_chem_comp_atom.atom_id 
_chem_comp_atom.type_symbol 
_chem_comp_atom.pdbx_aromatic_flag 
_chem_comp_atom.pdbx_stereo_config 
_chem_comp_atom.pdbx_ordinal 
ALA N    N N N 1   
ALA CA   C N S 2   
ALA C    C N N 3   
ALA O    O N N 4   
ALA CB   C N N 5   
ALA OXT  O N N 6   
ALA H    H N N 7   
ALA H2   H N N 8   
ALA HA   H N N 9   
ALA HB1  H N N 10  
ALA HB2  H N N 11  
ALA HB3  H N N 12  
ALA HXT  H N N 13  
ARG N    N N N 14  
ARG CA   C N S 15  
ARG C    C N N 16  
ARG O    O N N 17  
ARG CB   C N N 18  
ARG CG   C N N 19  
ARG CD   C N N 20  
ARG NE   N N N 21  
ARG CZ   C N N 22  
ARG NH1  N N N 23  
ARG NH2  N N N 24  
ARG OXT  O N N 25  
ARG H    H N N 26  
ARG H2   H N N 27  
ARG HA   H N N 28  
ARG HB2  H N N 29  
ARG HB3  H N N 30  
ARG HG2  H N N 31  
ARG HG3  H N N 32  
ARG HD2  H N N 33  
ARG HD3  H N N 34  
ARG HE   H N N 35  
ARG HH11 H N N 36  
ARG HH12 H N N 37  
ARG HH21 H N N 38  
ARG HH22 H N N 39  
ARG HXT  H N N 40  
ASN N    N N N 41  
ASN CA   C N S 42  
ASN C    C N N 43  
ASN O    O N N 44  
ASN CB   C N N 45  
ASN CG   C N N 46  
ASN OD1  O N N 47  
ASN ND2  N N N 48  
ASN OXT  O N N 49  
ASN H    H N N 50  
ASN H2   H N N 51  
ASN HA   H N N 52  
ASN HB2  H N N 53  
ASN HB3  H N N 54  
ASN HD21 H N N 55  
ASN HD22 H N N 56  
ASN HXT  H N N 57  
ASP N    N N N 58  
ASP CA   C N S 59  
ASP C    C N N 60  
ASP O    O N N 61  
ASP CB   C N N 62  
ASP CG   C N N 63  
ASP OD1  O N N 64  
ASP OD2  O N N 65  
ASP OXT  O N N 66  
ASP H    H N N 67  
ASP H2   H N N 68  
ASP HA   H N N 69  
ASP HB2  H N N 70  
ASP HB3  H N N 71  
ASP HD2  H N N 72  
ASP HXT  H N N 73  
GLN N    N N N 74  
GLN CA   C N S 75  
GLN C    C N N 76  
GLN O    O N N 77  
GLN CB   C N N 78  
GLN CG   C N N 79  
GLN CD   C N N 80  
GLN OE1  O N N 81  
GLN NE2  N N N 82  
GLN OXT  O N N 83  
GLN H    H N N 84  
GLN H2   H N N 85  
GLN HA   H N N 86  
GLN HB2  H N N 87  
GLN HB3  H N N 88  
GLN HG2  H N N 89  
GLN HG3  H N N 90  
GLN HE21 H N N 91  
GLN HE22 H N N 92  
GLN HXT  H N N 93  
GLU N    N N N 94  
GLU CA   C N S 95  
GLU C    C N N 96  
GLU O    O N N 97  
GLU CB   C N N 98  
GLU CG   C N N 99  
GLU CD   C N N 100 
GLU OE1  O N N 101 
GLU OE2  O N N 102 
GLU OXT  O N N 103 
GLU H    H N N 104 
GLU H2   H N N 105 
GLU HA   H N N 106 
GLU HB2  H N N 107 
GLU HB3  H N N 108 
GLU HG2  H N N 109 
GLU HG3  H N N 110 
GLU HE2  H N N 111 
GLU HXT  H N N 112 
GLY N    N N N 113 
GLY CA   C N N 114 
GLY C    C N N 115 
GLY O    O N N 116 
GLY OXT  O N N 117 
GLY H    H N N 118 
GLY H2   H N N 119 
GLY HA2  H N N 120 
GLY HA3  H N N 121 
GLY HXT  H N N 122 
HIS N    N N N 123 
HIS CA   C N S 124 
HIS C    C N N 125 
HIS O    O N N 126 
HIS CB   C N N 127 
HIS CG   C Y N 128 
HIS ND1  N Y N 129 
HIS CD2  C Y N 130 
HIS CE1  C Y N 131 
HIS NE2  N Y N 132 
HIS OXT  O N N 133 
HIS H    H N N 134 
HIS H2   H N N 135 
HIS HA   H N N 136 
HIS HB2  H N N 137 
HIS HB3  H N N 138 
HIS HD1  H N N 139 
HIS HD2  H N N 140 
HIS HE1  H N N 141 
HIS HE2  H N N 142 
HIS HXT  H N N 143 
HOH O    O N N 144 
HOH H1   H N N 145 
HOH H2   H N N 146 
ILE N    N N N 147 
ILE CA   C N S 148 
ILE C    C N N 149 
ILE O    O N N 150 
ILE CB   C N S 151 
ILE CG1  C N N 152 
ILE CG2  C N N 153 
ILE CD1  C N N 154 
ILE OXT  O N N 155 
ILE H    H N N 156 
ILE H2   H N N 157 
ILE HA   H N N 158 
ILE HB   H N N 159 
ILE HG12 H N N 160 
ILE HG13 H N N 161 
ILE HG21 H N N 162 
ILE HG22 H N N 163 
ILE HG23 H N N 164 
ILE HD11 H N N 165 
ILE HD12 H N N 166 
ILE HD13 H N N 167 
ILE HXT  H N N 168 
LEU N    N N N 169 
LEU CA   C N S 170 
LEU C    C N N 171 
LEU O    O N N 172 
LEU CB   C N N 173 
LEU CG   C N N 174 
LEU CD1  C N N 175 
LEU CD2  C N N 176 
LEU OXT  O N N 177 
LEU H    H N N 178 
LEU H2   H N N 179 
LEU HA   H N N 180 
LEU HB2  H N N 181 
LEU HB3  H N N 182 
LEU HG   H N N 183 
LEU HD11 H N N 184 
LEU HD12 H N N 185 
LEU HD13 H N N 186 
LEU HD21 H N N 187 
LEU HD22 H N N 188 
LEU HD23 H N N 189 
LEU HXT  H N N 190 
LYS N    N N N 191 
LYS CA   C N S 192 
LYS C    C N N 193 
LYS O    O N N 194 
LYS CB   C N N 195 
LYS CG   C N N 196 
LYS CD   C N N 197 
LYS CE   C N N 198 
LYS NZ   N N N 199 
LYS OXT  O N N 200 
LYS H    H N N 201 
LYS H2   H N N 202 
LYS HA   H N N 203 
LYS HB2  H N N 204 
LYS HB3  H N N 205 
LYS HG2  H N N 206 
LYS HG3  H N N 207 
LYS HD2  H N N 208 
LYS HD3  H N N 209 
LYS HE2  H N N 210 
LYS HE3  H N N 211 
LYS HZ1  H N N 212 
LYS HZ2  H N N 213 
LYS HZ3  H N N 214 
LYS HXT  H N N 215 
MET N    N N N 216 
MET CA   C N S 217 
MET C    C N N 218 
MET O    O N N 219 
MET CB   C N N 220 
MET CG   C N N 221 
MET SD   S N N 222 
MET CE   C N N 223 
MET OXT  O N N 224 
MET H    H N N 225 
MET H2   H N N 226 
MET HA   H N N 227 
MET HB2  H N N 228 
MET HB3  H N N 229 
MET HG2  H N N 230 
MET HG3  H N N 231 
MET HE1  H N N 232 
MET HE2  H N N 233 
MET HE3  H N N 234 
MET HXT  H N N 235 
PHE N    N N N 236 
PHE CA   C N S 237 
PHE C    C N N 238 
PHE O    O N N 239 
PHE CB   C N N 240 
PHE CG   C Y N 241 
PHE CD1  C Y N 242 
PHE CD2  C Y N 243 
PHE CE1  C Y N 244 
PHE CE2  C Y N 245 
PHE CZ   C Y N 246 
PHE OXT  O N N 247 
PHE H    H N N 248 
PHE H2   H N N 249 
PHE HA   H N N 250 
PHE HB2  H N N 251 
PHE HB3  H N N 252 
PHE HD1  H N N 253 
PHE HD2  H N N 254 
PHE HE1  H N N 255 
PHE HE2  H N N 256 
PHE HZ   H N N 257 
PHE HXT  H N N 258 
PRO N    N N N 259 
PRO CA   C N S 260 
PRO C    C N N 261 
PRO O    O N N 262 
PRO CB   C N N 263 
PRO CG   C N N 264 
PRO CD   C N N 265 
PRO OXT  O N N 266 
PRO H    H N N 267 
PRO HA   H N N 268 
PRO HB2  H N N 269 
PRO HB3  H N N 270 
PRO HG2  H N N 271 
PRO HG3  H N N 272 
PRO HD2  H N N 273 
PRO HD3  H N N 274 
PRO HXT  H N N 275 
SER N    N N N 276 
SER CA   C N S 277 
SER C    C N N 278 
SER O    O N N 279 
SER CB   C N N 280 
SER OG   O N N 281 
SER OXT  O N N 282 
SER H    H N N 283 
SER H2   H N N 284 
SER HA   H N N 285 
SER HB2  H N N 286 
SER HB3  H N N 287 
SER HG   H N N 288 
SER HXT  H N N 289 
THR N    N N N 290 
THR CA   C N S 291 
THR C    C N N 292 
THR O    O N N 293 
THR CB   C N R 294 
THR OG1  O N N 295 
THR CG2  C N N 296 
THR OXT  O N N 297 
THR H    H N N 298 
THR H2   H N N 299 
THR HA   H N N 300 
THR HB   H N N 301 
THR HG1  H N N 302 
THR HG21 H N N 303 
THR HG22 H N N 304 
THR HG23 H N N 305 
THR HXT  H N N 306 
TRP N    N N N 307 
TRP CA   C N S 308 
TRP C    C N N 309 
TRP O    O N N 310 
TRP CB   C N N 311 
TRP CG   C Y N 312 
TRP CD1  C Y N 313 
TRP CD2  C Y N 314 
TRP NE1  N Y N 315 
TRP CE2  C Y N 316 
TRP CE3  C Y N 317 
TRP CZ2  C Y N 318 
TRP CZ3  C Y N 319 
TRP CH2  C Y N 320 
TRP OXT  O N N 321 
TRP H    H N N 322 
TRP H2   H N N 323 
TRP HA   H N N 324 
TRP HB2  H N N 325 
TRP HB3  H N N 326 
TRP HD1  H N N 327 
TRP HE1  H N N 328 
TRP HE3  H N N 329 
TRP HZ2  H N N 330 
TRP HZ3  H N N 331 
TRP HH2  H N N 332 
TRP HXT  H N N 333 
TYR N    N N N 334 
TYR CA   C N S 335 
TYR C    C N N 336 
TYR O    O N N 337 
TYR CB   C N N 338 
TYR CG   C Y N 339 
TYR CD1  C Y N 340 
TYR CD2  C Y N 341 
TYR CE1  C Y N 342 
TYR CE2  C Y N 343 
TYR CZ   C Y N 344 
TYR OH   O N N 345 
TYR OXT  O N N 346 
TYR H    H N N 347 
TYR H2   H N N 348 
TYR HA   H N N 349 
TYR HB2  H N N 350 
TYR HB3  H N N 351 
TYR HD1  H N N 352 
TYR HD2  H N N 353 
TYR HE1  H N N 354 
TYR HE2  H N N 355 
TYR HH   H N N 356 
TYR HXT  H N N 357 
VAL N    N N N 358 
VAL CA   C N S 359 
VAL C    C N N 360 
VAL O    O N N 361 
VAL CB   C N N 362 
VAL CG1  C N N 363 
VAL CG2  C N N 364 
VAL OXT  O N N 365 
VAL H    H N N 366 
VAL H2   H N N 367 
VAL HA   H N N 368 
VAL HB   H N N 369 
VAL HG11 H N N 370 
VAL HG12 H N N 371 
VAL HG13 H N N 372 
VAL HG21 H N N 373 
VAL HG22 H N N 374 
VAL HG23 H N N 375 
VAL HXT  H N N 376 
# 
loop_
_chem_comp_bond.comp_id 
_chem_comp_bond.atom_id_1 
_chem_comp_bond.atom_id_2 
_chem_comp_bond.value_order 
_chem_comp_bond.pdbx_aromatic_flag 
_chem_comp_bond.pdbx_stereo_config 
_chem_comp_bond.pdbx_ordinal 
ALA N   CA   sing N N 1   
ALA N   H    sing N N 2   
ALA N   H2   sing N N 3   
ALA CA  C    sing N N 4   
ALA CA  CB   sing N N 5   
ALA CA  HA   sing N N 6   
ALA C   O    doub N N 7   
ALA C   OXT  sing N N 8   
ALA CB  HB1  sing N N 9   
ALA CB  HB2  sing N N 10  
ALA CB  HB3  sing N N 11  
ALA OXT HXT  sing N N 12  
ARG N   CA   sing N N 13  
ARG N   H    sing N N 14  
ARG N   H2   sing N N 15  
ARG CA  C    sing N N 16  
ARG CA  CB   sing N N 17  
ARG CA  HA   sing N N 18  
ARG C   O    doub N N 19  
ARG C   OXT  sing N N 20  
ARG CB  CG   sing N N 21  
ARG CB  HB2  sing N N 22  
ARG CB  HB3  sing N N 23  
ARG CG  CD   sing N N 24  
ARG CG  HG2  sing N N 25  
ARG CG  HG3  sing N N 26  
ARG CD  NE   sing N N 27  
ARG CD  HD2  sing N N 28  
ARG CD  HD3  sing N N 29  
ARG NE  CZ   sing N N 30  
ARG NE  HE   sing N N 31  
ARG CZ  NH1  sing N N 32  
ARG CZ  NH2  doub N N 33  
ARG NH1 HH11 sing N N 34  
ARG NH1 HH12 sing N N 35  
ARG NH2 HH21 sing N N 36  
ARG NH2 HH22 sing N N 37  
ARG OXT HXT  sing N N 38  
ASN N   CA   sing N N 39  
ASN N   H    sing N N 40  
ASN N   H2   sing N N 41  
ASN CA  C    sing N N 42  
ASN CA  CB   sing N N 43  
ASN CA  HA   sing N N 44  
ASN C   O    doub N N 45  
ASN C   OXT  sing N N 46  
ASN CB  CG   sing N N 47  
ASN CB  HB2  sing N N 48  
ASN CB  HB3  sing N N 49  
ASN CG  OD1  doub N N 50  
ASN CG  ND2  sing N N 51  
ASN ND2 HD21 sing N N 52  
ASN ND2 HD22 sing N N 53  
ASN OXT HXT  sing N N 54  
ASP N   CA   sing N N 55  
ASP N   H    sing N N 56  
ASP N   H2   sing N N 57  
ASP CA  C    sing N N 58  
ASP CA  CB   sing N N 59  
ASP CA  HA   sing N N 60  
ASP C   O    doub N N 61  
ASP C   OXT  sing N N 62  
ASP CB  CG   sing N N 63  
ASP CB  HB2  sing N N 64  
ASP CB  HB3  sing N N 65  
ASP CG  OD1  doub N N 66  
ASP CG  OD2  sing N N 67  
ASP OD2 HD2  sing N N 68  
ASP OXT HXT  sing N N 69  
GLN N   CA   sing N N 70  
GLN N   H    sing N N 71  
GLN N   H2   sing N N 72  
GLN CA  C    sing N N 73  
GLN CA  CB   sing N N 74  
GLN CA  HA   sing N N 75  
GLN C   O    doub N N 76  
GLN C   OXT  sing N N 77  
GLN CB  CG   sing N N 78  
GLN CB  HB2  sing N N 79  
GLN CB  HB3  sing N N 80  
GLN CG  CD   sing N N 81  
GLN CG  HG2  sing N N 82  
GLN CG  HG3  sing N N 83  
GLN CD  OE1  doub N N 84  
GLN CD  NE2  sing N N 85  
GLN NE2 HE21 sing N N 86  
GLN NE2 HE22 sing N N 87  
GLN OXT HXT  sing N N 88  
GLU N   CA   sing N N 89  
GLU N   H    sing N N 90  
GLU N   H2   sing N N 91  
GLU CA  C    sing N N 92  
GLU CA  CB   sing N N 93  
GLU CA  HA   sing N N 94  
GLU C   O    doub N N 95  
GLU C   OXT  sing N N 96  
GLU CB  CG   sing N N 97  
GLU CB  HB2  sing N N 98  
GLU CB  HB3  sing N N 99  
GLU CG  CD   sing N N 100 
GLU CG  HG2  sing N N 101 
GLU CG  HG3  sing N N 102 
GLU CD  OE1  doub N N 103 
GLU CD  OE2  sing N N 104 
GLU OE2 HE2  sing N N 105 
GLU OXT HXT  sing N N 106 
GLY N   CA   sing N N 107 
GLY N   H    sing N N 108 
GLY N   H2   sing N N 109 
GLY CA  C    sing N N 110 
GLY CA  HA2  sing N N 111 
GLY CA  HA3  sing N N 112 
GLY C   O    doub N N 113 
GLY C   OXT  sing N N 114 
GLY OXT HXT  sing N N 115 
HIS N   CA   sing N N 116 
HIS N   H    sing N N 117 
HIS N   H2   sing N N 118 
HIS CA  C    sing N N 119 
HIS CA  CB   sing N N 120 
HIS CA  HA   sing N N 121 
HIS C   O    doub N N 122 
HIS C   OXT  sing N N 123 
HIS CB  CG   sing N N 124 
HIS CB  HB2  sing N N 125 
HIS CB  HB3  sing N N 126 
HIS CG  ND1  sing Y N 127 
HIS CG  CD2  doub Y N 128 
HIS ND1 CE1  doub Y N 129 
HIS ND1 HD1  sing N N 130 
HIS CD2 NE2  sing Y N 131 
HIS CD2 HD2  sing N N 132 
HIS CE1 NE2  sing Y N 133 
HIS CE1 HE1  sing N N 134 
HIS NE2 HE2  sing N N 135 
HIS OXT HXT  sing N N 136 
HOH O   H1   sing N N 137 
HOH O   H2   sing N N 138 
ILE N   CA   sing N N 139 
ILE N   H    sing N N 140 
ILE N   H2   sing N N 141 
ILE CA  C    sing N N 142 
ILE CA  CB   sing N N 143 
ILE CA  HA   sing N N 144 
ILE C   O    doub N N 145 
ILE C   OXT  sing N N 146 
ILE CB  CG1  sing N N 147 
ILE CB  CG2  sing N N 148 
ILE CB  HB   sing N N 149 
ILE CG1 CD1  sing N N 150 
ILE CG1 HG12 sing N N 151 
ILE CG1 HG13 sing N N 152 
ILE CG2 HG21 sing N N 153 
ILE CG2 HG22 sing N N 154 
ILE CG2 HG23 sing N N 155 
ILE CD1 HD11 sing N N 156 
ILE CD1 HD12 sing N N 157 
ILE CD1 HD13 sing N N 158 
ILE OXT HXT  sing N N 159 
LEU N   CA   sing N N 160 
LEU N   H    sing N N 161 
LEU N   H2   sing N N 162 
LEU CA  C    sing N N 163 
LEU CA  CB   sing N N 164 
LEU CA  HA   sing N N 165 
LEU C   O    doub N N 166 
LEU C   OXT  sing N N 167 
LEU CB  CG   sing N N 168 
LEU CB  HB2  sing N N 169 
LEU CB  HB3  sing N N 170 
LEU CG  CD1  sing N N 171 
LEU CG  CD2  sing N N 172 
LEU CG  HG   sing N N 173 
LEU CD1 HD11 sing N N 174 
LEU CD1 HD12 sing N N 175 
LEU CD1 HD13 sing N N 176 
LEU CD2 HD21 sing N N 177 
LEU CD2 HD22 sing N N 178 
LEU CD2 HD23 sing N N 179 
LEU OXT HXT  sing N N 180 
LYS N   CA   sing N N 181 
LYS N   H    sing N N 182 
LYS N   H2   sing N N 183 
LYS CA  C    sing N N 184 
LYS CA  CB   sing N N 185 
LYS CA  HA   sing N N 186 
LYS C   O    doub N N 187 
LYS C   OXT  sing N N 188 
LYS CB  CG   sing N N 189 
LYS CB  HB2  sing N N 190 
LYS CB  HB3  sing N N 191 
LYS CG  CD   sing N N 192 
LYS CG  HG2  sing N N 193 
LYS CG  HG3  sing N N 194 
LYS CD  CE   sing N N 195 
LYS CD  HD2  sing N N 196 
LYS CD  HD3  sing N N 197 
LYS CE  NZ   sing N N 198 
LYS CE  HE2  sing N N 199 
LYS CE  HE3  sing N N 200 
LYS NZ  HZ1  sing N N 201 
LYS NZ  HZ2  sing N N 202 
LYS NZ  HZ3  sing N N 203 
LYS OXT HXT  sing N N 204 
MET N   CA   sing N N 205 
MET N   H    sing N N 206 
MET N   H2   sing N N 207 
MET CA  C    sing N N 208 
MET CA  CB   sing N N 209 
MET CA  HA   sing N N 210 
MET C   O    doub N N 211 
MET C   OXT  sing N N 212 
MET CB  CG   sing N N 213 
MET CB  HB2  sing N N 214 
MET CB  HB3  sing N N 215 
MET CG  SD   sing N N 216 
MET CG  HG2  sing N N 217 
MET CG  HG3  sing N N 218 
MET SD  CE   sing N N 219 
MET CE  HE1  sing N N 220 
MET CE  HE2  sing N N 221 
MET CE  HE3  sing N N 222 
MET OXT HXT  sing N N 223 
PHE N   CA   sing N N 224 
PHE N   H    sing N N 225 
PHE N   H2   sing N N 226 
PHE CA  C    sing N N 227 
PHE CA  CB   sing N N 228 
PHE CA  HA   sing N N 229 
PHE C   O    doub N N 230 
PHE C   OXT  sing N N 231 
PHE CB  CG   sing N N 232 
PHE CB  HB2  sing N N 233 
PHE CB  HB3  sing N N 234 
PHE CG  CD1  doub Y N 235 
PHE CG  CD2  sing Y N 236 
PHE CD1 CE1  sing Y N 237 
PHE CD1 HD1  sing N N 238 
PHE CD2 CE2  doub Y N 239 
PHE CD2 HD2  sing N N 240 
PHE CE1 CZ   doub Y N 241 
PHE CE1 HE1  sing N N 242 
PHE CE2 CZ   sing Y N 243 
PHE CE2 HE2  sing N N 244 
PHE CZ  HZ   sing N N 245 
PHE OXT HXT  sing N N 246 
PRO N   CA   sing N N 247 
PRO N   CD   sing N N 248 
PRO N   H    sing N N 249 
PRO CA  C    sing N N 250 
PRO CA  CB   sing N N 251 
PRO CA  HA   sing N N 252 
PRO C   O    doub N N 253 
PRO C   OXT  sing N N 254 
PRO CB  CG   sing N N 255 
PRO CB  HB2  sing N N 256 
PRO CB  HB3  sing N N 257 
PRO CG  CD   sing N N 258 
PRO CG  HG2  sing N N 259 
PRO CG  HG3  sing N N 260 
PRO CD  HD2  sing N N 261 
PRO CD  HD3  sing N N 262 
PRO OXT HXT  sing N N 263 
SER N   CA   sing N N 264 
SER N   H    sing N N 265 
SER N   H2   sing N N 266 
SER CA  C    sing N N 267 
SER CA  CB   sing N N 268 
SER CA  HA   sing N N 269 
SER C   O    doub N N 270 
SER C   OXT  sing N N 271 
SER CB  OG   sing N N 272 
SER CB  HB2  sing N N 273 
SER CB  HB3  sing N N 274 
SER OG  HG   sing N N 275 
SER OXT HXT  sing N N 276 
THR N   CA   sing N N 277 
THR N   H    sing N N 278 
THR N   H2   sing N N 279 
THR CA  C    sing N N 280 
THR CA  CB   sing N N 281 
THR CA  HA   sing N N 282 
THR C   O    doub N N 283 
THR C   OXT  sing N N 284 
THR CB  OG1  sing N N 285 
THR CB  CG2  sing N N 286 
THR CB  HB   sing N N 287 
THR OG1 HG1  sing N N 288 
THR CG2 HG21 sing N N 289 
THR CG2 HG22 sing N N 290 
THR CG2 HG23 sing N N 291 
THR OXT HXT  sing N N 292 
TRP N   CA   sing N N 293 
TRP N   H    sing N N 294 
TRP N   H2   sing N N 295 
TRP CA  C    sing N N 296 
TRP CA  CB   sing N N 297 
TRP CA  HA   sing N N 298 
TRP C   O    doub N N 299 
TRP C   OXT  sing N N 300 
TRP CB  CG   sing N N 301 
TRP CB  HB2  sing N N 302 
TRP CB  HB3  sing N N 303 
TRP CG  CD1  doub Y N 304 
TRP CG  CD2  sing Y N 305 
TRP CD1 NE1  sing Y N 306 
TRP CD1 HD1  sing N N 307 
TRP CD2 CE2  doub Y N 308 
TRP CD2 CE3  sing Y N 309 
TRP NE1 CE2  sing Y N 310 
TRP NE1 HE1  sing N N 311 
TRP CE2 CZ2  sing Y N 312 
TRP CE3 CZ3  doub Y N 313 
TRP CE3 HE3  sing N N 314 
TRP CZ2 CH2  doub Y N 315 
TRP CZ2 HZ2  sing N N 316 
TRP CZ3 CH2  sing Y N 317 
TRP CZ3 HZ3  sing N N 318 
TRP CH2 HH2  sing N N 319 
TRP OXT HXT  sing N N 320 
TYR N   CA   sing N N 321 
TYR N   H    sing N N 322 
TYR N   H2   sing N N 323 
TYR CA  C    sing N N 324 
TYR CA  CB   sing N N 325 
TYR CA  HA   sing N N 326 
TYR C   O    doub N N 327 
TYR C   OXT  sing N N 328 
TYR CB  CG   sing N N 329 
TYR CB  HB2  sing N N 330 
TYR CB  HB3  sing N N 331 
TYR CG  CD1  doub Y N 332 
TYR CG  CD2  sing Y N 333 
TYR CD1 CE1  sing Y N 334 
TYR CD1 HD1  sing N N 335 
TYR CD2 CE2  doub Y N 336 
TYR CD2 HD2  sing N N 337 
TYR CE1 CZ   doub Y N 338 
TYR CE1 HE1  sing N N 339 
TYR CE2 CZ   sing Y N 340 
TYR CE2 HE2  sing N N 341 
TYR CZ  OH   sing N N 342 
TYR OH  HH   sing N N 343 
TYR OXT HXT  sing N N 344 
VAL N   CA   sing N N 345 
VAL N   H    sing N N 346 
VAL N   H2   sing N N 347 
VAL CA  C    sing N N 348 
VAL CA  CB   sing N N 349 
VAL CA  HA   sing N N 350 
VAL C   O    doub N N 351 
VAL C   OXT  sing N N 352 
VAL CB  CG1  sing N N 353 
VAL CB  CG2  sing N N 354 
VAL CB  HB   sing N N 355 
VAL CG1 HG11 sing N N 356 
VAL CG1 HG12 sing N N 357 
VAL CG1 HG13 sing N N 358 
VAL CG2 HG21 sing N N 359 
VAL CG2 HG22 sing N N 360 
VAL CG2 HG23 sing N N 361 
VAL OXT HXT  sing N N 362 
# 
loop_
_pdbx_audit_support.funding_organization 
_pdbx_audit_support.country 
_pdbx_audit_support.grant_number 
_pdbx_audit_support.ordinal 
'National Research Foundation (Korea)' 'Korea, Republic Of' NRF-2014R1A2A1A10050436 1 
'National Research Foundation (Korea)' 'Korea, Republic Of' NRF-2017M3A9F6029753    2 
# 
_pdbx_entity_nonpoly.entity_id   3 
_pdbx_entity_nonpoly.name        water 
_pdbx_entity_nonpoly.comp_id     HOH 
# 
loop_
_pdbx_initial_refinement_model.id 
_pdbx_initial_refinement_model.entity_id_list 
_pdbx_initial_refinement_model.type 
_pdbx_initial_refinement_model.source_name 
_pdbx_initial_refinement_model.accession_code 
_pdbx_initial_refinement_model.details 
1 ? 'experimental model' PDB 3LRH '3LRH, 1DEE' 
2 ? 'experimental model' PDB 1DEE '3LRH, 1DEE' 
# 
_pdbx_struct_assembly_auth_evidence.id                     1 
_pdbx_struct_assembly_auth_evidence.assembly_id            1 
_pdbx_struct_assembly_auth_evidence.experimental_support   'gel filtration' 
_pdbx_struct_assembly_auth_evidence.details                ? 
# 
